data_5K5F
#
_entry.id   5K5F
#
_entity_poly.entity_id   1
_entity_poly.type   'polypeptide(L)'
_entity_poly.pdbx_seq_one_letter_code
;GSDEEVDSVLFGSLRGHVVGLRYYTGVVNNNEMVALQRDPNNPYDKNAIKVNNVNGNQVGHLKKELAGALAYIMDNKLAQ
IEGVVPFGANNAFTMPLHMTFWGKEENRKAVSDQLKKHGFKL
;
_entity_poly.pdbx_strand_id   A
#
# COMPACT_ATOMS: atom_id res chain seq x y z
N GLY A 1 -14.50 -18.68 2.84
CA GLY A 1 -14.35 -18.63 4.31
C GLY A 1 -12.89 -18.48 4.73
N SER A 2 -12.45 -19.31 5.69
CA SER A 2 -11.07 -19.31 6.19
C SER A 2 -10.10 -20.01 5.21
N ASP A 3 -10.68 -20.81 4.30
CA ASP A 3 -9.95 -21.48 3.20
C ASP A 3 -9.31 -20.47 2.23
N GLU A 4 -9.88 -19.24 2.20
CA GLU A 4 -9.44 -18.16 1.30
C GLU A 4 -8.01 -17.69 1.63
N GLU A 5 -7.68 -17.56 2.93
CA GLU A 5 -6.34 -17.10 3.36
C GLU A 5 -5.28 -18.20 3.18
N VAL A 6 -5.73 -19.48 3.16
CA VAL A 6 -4.89 -20.64 2.76
C VAL A 6 -4.47 -20.47 1.29
N ASP A 7 -5.45 -20.04 0.47
CA ASP A 7 -5.30 -19.80 -0.97
C ASP A 7 -4.53 -18.48 -1.24
N SER A 8 -4.60 -17.53 -0.28
CA SER A 8 -3.89 -16.24 -0.39
C SER A 8 -2.39 -16.45 -0.11
N VAL A 9 -1.57 -16.15 -1.12
CA VAL A 9 -0.11 -16.35 -1.09
C VAL A 9 0.63 -15.01 -1.20
N LEU A 10 1.87 -15.02 -0.71
CA LEU A 10 2.78 -13.87 -0.73
C LEU A 10 3.41 -13.81 -2.14
N PHE A 11 2.95 -12.86 -2.97
CA PHE A 11 3.51 -12.63 -4.32
C PHE A 11 4.87 -11.94 -4.24
N GLY A 12 5.04 -11.10 -3.22
CA GLY A 12 6.22 -10.27 -3.09
C GLY A 12 5.95 -9.05 -2.24
N SER A 13 6.98 -8.21 -2.09
CA SER A 13 6.89 -6.97 -1.32
C SER A 13 6.99 -5.76 -2.26
N LEU A 14 6.53 -4.59 -1.79
CA LEU A 14 6.62 -3.34 -2.54
C LEU A 14 7.30 -2.25 -1.70
N ARG A 15 7.91 -1.30 -2.40
CA ARG A 15 8.63 -0.18 -1.83
C ARG A 15 7.71 1.06 -1.85
N GLY A 16 6.89 1.17 -0.78
CA GLY A 16 5.88 2.21 -0.64
C GLY A 16 6.47 3.56 -0.28
N HIS A 17 6.87 4.32 -1.32
CA HIS A 17 7.44 5.68 -1.17
C HIS A 17 6.34 6.66 -0.74
N VAL A 18 6.02 6.66 0.57
CA VAL A 18 5.01 7.58 1.14
C VAL A 18 5.65 8.95 1.36
N VAL A 19 4.91 10.01 1.03
CA VAL A 19 5.40 11.39 1.13
C VAL A 19 5.69 11.73 2.61
N GLY A 20 6.82 12.41 2.83
CA GLY A 20 7.33 12.70 4.18
C GLY A 20 6.66 13.89 4.81
N LEU A 21 6.25 14.87 3.98
CA LEU A 21 5.59 16.11 4.41
C LEU A 21 4.24 15.81 5.10
N ARG A 22 3.71 14.62 4.86
CA ARG A 22 2.43 14.14 5.43
C ARG A 22 2.58 13.71 6.91
N TYR A 23 3.81 13.82 7.48
CA TYR A 23 4.12 13.54 8.90
C TYR A 23 3.16 14.26 9.87
N TYR A 24 2.75 15.47 9.46
CA TYR A 24 1.87 16.37 10.24
C TYR A 24 0.48 15.74 10.49
N THR A 25 -0.04 14.96 9.52
CA THR A 25 -1.37 14.32 9.66
C THR A 25 -1.33 13.05 10.54
N GLY A 26 -0.13 12.74 11.09
CA GLY A 26 -0.03 11.75 12.18
C GLY A 26 0.67 10.46 11.81
N VAL A 27 1.87 10.52 11.17
CA VAL A 27 2.68 9.29 10.89
C VAL A 27 3.16 8.63 12.19
N VAL A 28 3.56 7.36 12.08
CA VAL A 28 3.87 6.49 13.22
C VAL A 28 5.36 6.10 13.22
N ASN A 29 5.81 5.54 14.36
CA ASN A 29 7.24 5.28 14.63
C ASN A 29 7.73 3.97 13.97
N ASN A 30 8.96 3.56 14.33
CA ASN A 30 9.62 2.36 13.79
C ASN A 30 8.88 1.07 14.20
N ASN A 31 8.89 0.08 13.29
CA ASN A 31 8.29 -1.27 13.48
C ASN A 31 6.75 -1.24 13.59
N GLU A 32 6.14 -0.09 13.30
CA GLU A 32 4.67 0.06 13.29
C GLU A 32 4.10 -0.38 11.93
N MET A 33 2.92 -1.01 11.95
CA MET A 33 2.24 -1.47 10.74
C MET A 33 1.20 -0.42 10.31
N VAL A 34 1.10 -0.25 8.99
CA VAL A 34 0.18 0.71 8.36
C VAL A 34 -0.70 -0.02 7.31
N ALA A 35 -1.96 0.45 7.18
CA ALA A 35 -2.95 -0.11 6.26
C ALA A 35 -3.15 0.82 5.04
N LEU A 36 -3.56 0.25 3.91
CA LEU A 36 -3.77 0.99 2.64
C LEU A 36 -5.27 1.07 2.33
N GLN A 37 -5.78 2.29 2.12
CA GLN A 37 -7.22 2.55 1.88
C GLN A 37 -7.36 3.65 0.80
N ARG A 38 -7.88 3.28 -0.39
CA ARG A 38 -8.08 4.26 -1.49
C ARG A 38 -9.46 4.94 -1.36
N ASP A 39 -9.56 6.17 -1.86
CA ASP A 39 -10.79 6.99 -1.78
C ASP A 39 -11.68 6.78 -3.02
N PRO A 40 -13.05 6.91 -2.87
CA PRO A 40 -13.98 6.92 -4.02
C PRO A 40 -13.62 8.05 -5.03
N ASN A 41 -13.30 9.26 -4.47
CA ASN A 41 -12.85 10.44 -5.25
C ASN A 41 -11.98 11.33 -4.33
N ASN A 42 -10.65 11.13 -4.38
CA ASN A 42 -9.69 11.96 -3.61
C ASN A 42 -9.28 13.19 -4.46
N PRO A 43 -8.90 14.38 -3.85
CA PRO A 43 -8.42 15.59 -4.60
C PRO A 43 -7.25 15.29 -5.58
N TYR A 44 -6.43 14.27 -5.23
CA TYR A 44 -5.34 13.79 -6.09
C TYR A 44 -5.92 13.05 -7.31
N ASP A 45 -6.82 12.07 -7.00
CA ASP A 45 -7.50 11.18 -7.98
C ASP A 45 -8.28 10.11 -7.19
N LYS A 46 -9.24 9.44 -7.86
CA LYS A 46 -10.03 8.32 -7.31
C LYS A 46 -9.14 7.07 -7.01
N ASN A 47 -7.91 7.06 -7.56
CA ASN A 47 -6.95 5.97 -7.33
C ASN A 47 -6.09 6.19 -6.07
N ALA A 48 -6.10 7.45 -5.57
CA ALA A 48 -5.22 7.89 -4.47
C ALA A 48 -5.53 7.14 -3.15
N ILE A 49 -4.52 6.42 -2.67
CA ILE A 49 -4.58 5.65 -1.42
C ILE A 49 -4.08 6.52 -0.26
N LYS A 50 -4.96 6.74 0.72
CA LYS A 50 -4.55 7.25 2.02
C LYS A 50 -4.02 6.08 2.86
N VAL A 51 -2.78 6.23 3.32
CA VAL A 51 -2.17 5.30 4.25
C VAL A 51 -2.62 5.67 5.67
N ASN A 52 -3.17 4.69 6.37
CA ASN A 52 -3.55 4.79 7.79
C ASN A 52 -2.68 3.82 8.58
N ASN A 53 -2.76 3.83 9.91
CA ASN A 53 -1.97 2.89 10.77
C ASN A 53 -2.90 1.78 11.31
N VAL A 54 -2.36 0.97 12.26
CA VAL A 54 -3.14 -0.07 12.97
C VAL A 54 -4.38 0.50 13.71
N ASN A 55 -4.26 1.76 14.20
CA ASN A 55 -5.35 2.45 14.93
C ASN A 55 -6.40 3.04 13.96
N GLY A 56 -6.08 3.05 12.65
CA GLY A 56 -6.97 3.58 11.61
C GLY A 56 -6.89 5.11 11.50
N ASN A 57 -5.85 5.69 12.10
CA ASN A 57 -5.50 7.11 11.95
C ASN A 57 -4.78 7.28 10.60
N GLN A 58 -5.34 8.12 9.72
CA GLN A 58 -4.75 8.42 8.41
C GLN A 58 -3.41 9.15 8.59
N VAL A 59 -2.31 8.38 8.46
CA VAL A 59 -0.95 8.87 8.73
C VAL A 59 -0.48 9.83 7.63
N GLY A 60 -1.02 9.65 6.41
CA GLY A 60 -0.64 10.47 5.27
C GLY A 60 -1.13 9.92 3.94
N HIS A 61 -0.85 10.68 2.88
CA HIS A 61 -1.16 10.29 1.49
C HIS A 61 0.07 9.58 0.90
N LEU A 62 -0.16 8.43 0.23
CA LEU A 62 0.93 7.55 -0.24
C LEU A 62 1.76 8.26 -1.34
N LYS A 63 1.02 8.71 -2.37
CA LYS A 63 1.48 9.07 -3.73
C LYS A 63 0.27 8.80 -4.62
N LYS A 64 -0.09 9.71 -5.52
CA LYS A 64 -1.15 9.44 -6.52
C LYS A 64 -0.61 8.43 -7.54
N GLU A 65 0.66 8.63 -7.94
CA GLU A 65 1.35 7.84 -8.97
C GLU A 65 1.49 6.35 -8.57
N LEU A 66 2.02 6.10 -7.35
CA LEU A 66 2.20 4.73 -6.81
C LEU A 66 0.82 4.06 -6.56
N ALA A 67 -0.12 4.87 -6.05
CA ALA A 67 -1.49 4.42 -5.75
C ALA A 67 -2.26 4.02 -7.00
N GLY A 68 -1.93 4.64 -8.16
CA GLY A 68 -2.55 4.31 -9.46
C GLY A 68 -2.38 2.85 -9.84
N ALA A 69 -1.24 2.26 -9.40
CA ALA A 69 -0.95 0.83 -9.58
C ALA A 69 -1.78 -0.01 -8.59
N LEU A 70 -1.64 0.32 -7.29
CA LEU A 70 -2.20 -0.49 -6.18
C LEU A 70 -3.73 -0.38 -6.04
N ALA A 71 -4.32 0.68 -6.64
CA ALA A 71 -5.78 0.93 -6.58
C ALA A 71 -6.55 -0.09 -7.41
N TYR A 72 -5.90 -0.60 -8.48
CA TYR A 72 -6.47 -1.65 -9.32
C TYR A 72 -6.41 -3.00 -8.57
N ILE A 73 -5.34 -3.20 -7.77
CA ILE A 73 -5.17 -4.40 -6.91
C ILE A 73 -6.17 -4.35 -5.73
N MET A 74 -6.45 -3.12 -5.26
CA MET A 74 -7.31 -2.86 -4.09
C MET A 74 -8.79 -3.06 -4.45
N ASP A 75 -9.23 -2.33 -5.48
CA ASP A 75 -10.63 -2.25 -5.92
C ASP A 75 -11.08 -3.56 -6.60
N ASN A 76 -10.23 -4.11 -7.49
CA ASN A 76 -10.54 -5.35 -8.23
C ASN A 76 -10.16 -6.61 -7.42
N LYS A 77 -9.73 -6.40 -6.14
CA LYS A 77 -9.53 -7.48 -5.15
C LYS A 77 -8.49 -8.52 -5.58
N LEU A 78 -7.47 -8.04 -6.32
CA LEU A 78 -6.40 -8.90 -6.86
C LEU A 78 -5.53 -9.48 -5.72
N ALA A 79 -5.27 -8.65 -4.69
CA ALA A 79 -4.52 -9.06 -3.48
C ALA A 79 -4.66 -8.01 -2.36
N GLN A 80 -4.69 -8.49 -1.10
CA GLN A 80 -4.69 -7.65 0.10
C GLN A 80 -3.27 -7.15 0.37
N ILE A 81 -3.09 -5.82 0.32
CA ILE A 81 -1.77 -5.18 0.46
C ILE A 81 -1.59 -4.66 1.89
N GLU A 82 -0.65 -5.27 2.65
CA GLU A 82 -0.25 -4.76 3.98
C GLU A 82 0.81 -3.65 3.80
N GLY A 83 1.09 -2.91 4.88
CA GLY A 83 2.22 -1.98 4.95
C GLY A 83 2.84 -1.99 6.33
N VAL A 84 4.14 -1.67 6.42
CA VAL A 84 4.89 -1.58 7.69
C VAL A 84 6.00 -0.53 7.53
N VAL A 85 6.07 0.44 8.45
CA VAL A 85 7.22 1.37 8.57
C VAL A 85 8.26 0.79 9.59
N PRO A 86 9.34 0.08 9.12
CA PRO A 86 10.32 -0.59 10.03
C PRO A 86 11.27 0.41 10.74
N PHE A 87 11.58 1.54 10.06
CA PHE A 87 12.45 2.61 10.60
C PHE A 87 11.63 3.89 10.89
N GLY A 88 10.45 4.01 10.24
CA GLY A 88 9.58 5.20 10.37
C GLY A 88 10.23 6.49 9.86
N ALA A 89 11.13 6.35 8.86
CA ALA A 89 12.00 7.45 8.37
C ALA A 89 11.25 8.47 7.46
N ASN A 90 9.92 8.29 7.29
CA ASN A 90 9.04 9.29 6.64
C ASN A 90 8.92 10.56 7.51
N ASN A 91 9.11 10.37 8.85
CA ASN A 91 9.16 11.48 9.82
C ASN A 91 10.47 12.30 9.65
N ALA A 92 11.58 11.58 9.35
CA ALA A 92 12.92 12.19 9.17
C ALA A 92 12.97 13.02 7.87
N PHE A 93 12.63 12.38 6.74
CA PHE A 93 12.60 13.01 5.41
C PHE A 93 11.55 12.29 4.55
N THR A 94 11.92 11.10 4.03
CA THR A 94 11.04 10.15 3.30
C THR A 94 11.68 8.75 3.39
N MET A 95 10.90 7.71 3.05
CA MET A 95 11.43 6.35 2.83
C MET A 95 10.38 5.46 2.15
N PRO A 96 10.82 4.43 1.38
CA PRO A 96 9.95 3.31 1.01
C PRO A 96 9.70 2.38 2.22
N LEU A 97 8.43 2.11 2.54
CA LEU A 97 8.06 1.22 3.65
C LEU A 97 7.72 -0.18 3.10
N HIS A 98 7.84 -1.22 3.97
CA HIS A 98 7.57 -2.62 3.57
C HIS A 98 6.07 -2.82 3.33
N MET A 99 5.68 -2.96 2.06
CA MET A 99 4.33 -3.42 1.65
C MET A 99 4.44 -4.87 1.20
N THR A 100 3.32 -5.61 1.17
CA THR A 100 3.33 -7.04 0.74
C THR A 100 1.94 -7.42 0.21
N PHE A 101 1.94 -8.27 -0.83
CA PHE A 101 0.73 -8.68 -1.56
C PHE A 101 0.34 -10.12 -1.16
N TRP A 102 -0.85 -10.26 -0.57
CA TRP A 102 -1.41 -11.54 -0.13
C TRP A 102 -2.74 -11.77 -0.84
N GLY A 103 -2.70 -12.59 -1.89
CA GLY A 103 -3.88 -12.91 -2.69
C GLY A 103 -3.73 -14.24 -3.39
N LYS A 104 -4.82 -14.76 -3.95
CA LYS A 104 -4.85 -16.11 -4.54
C LYS A 104 -3.95 -16.21 -5.79
N GLU A 105 -3.40 -17.43 -5.99
CA GLU A 105 -2.39 -17.73 -7.02
C GLU A 105 -2.86 -17.47 -8.46
N GLU A 106 -4.18 -17.38 -8.69
CA GLU A 106 -4.73 -17.09 -10.04
C GLU A 106 -4.59 -15.61 -10.43
N ASN A 107 -4.45 -14.72 -9.43
CA ASN A 107 -4.41 -13.25 -9.65
C ASN A 107 -2.97 -12.73 -9.80
N ARG A 108 -1.96 -13.63 -9.71
CA ARG A 108 -0.53 -13.26 -9.65
C ARG A 108 -0.08 -12.32 -10.78
N LYS A 109 -0.62 -12.55 -12.00
CA LYS A 109 -0.21 -11.81 -13.21
C LYS A 109 -0.90 -10.43 -13.26
N ALA A 110 -2.08 -10.34 -12.64
CA ALA A 110 -2.86 -9.10 -12.57
C ALA A 110 -2.26 -8.14 -11.53
N VAL A 111 -1.81 -8.71 -10.40
CA VAL A 111 -1.14 -7.97 -9.31
C VAL A 111 0.19 -7.39 -9.80
N SER A 112 1.01 -8.27 -10.40
CA SER A 112 2.35 -7.93 -10.89
C SER A 112 2.27 -6.93 -12.07
N ASP A 113 1.18 -7.00 -12.88
CA ASP A 113 0.96 -6.09 -14.04
C ASP A 113 1.01 -4.61 -13.63
N GLN A 114 0.39 -4.33 -12.49
CA GLN A 114 0.26 -2.96 -11.95
C GLN A 114 1.62 -2.41 -11.54
N LEU A 115 2.45 -3.33 -11.04
CA LEU A 115 3.83 -3.04 -10.59
C LEU A 115 4.73 -2.80 -11.83
N LYS A 116 4.60 -3.69 -12.83
CA LYS A 116 5.34 -3.64 -14.11
C LYS A 116 5.04 -2.34 -14.89
N LYS A 117 3.81 -1.85 -14.71
CA LYS A 117 3.28 -0.64 -15.36
C LYS A 117 4.14 0.59 -15.03
N HIS A 118 4.54 0.70 -13.75
CA HIS A 118 5.36 1.82 -13.25
C HIS A 118 6.86 1.43 -13.21
N GLY A 119 7.16 0.12 -13.29
CA GLY A 119 8.53 -0.38 -13.26
C GLY A 119 8.99 -0.84 -11.87
N PHE A 120 8.02 -1.09 -10.98
CA PHE A 120 8.26 -1.72 -9.65
C PHE A 120 8.63 -3.21 -9.80
N LYS A 121 9.16 -3.80 -8.71
CA LYS A 121 9.38 -5.26 -8.58
C LYS A 121 8.07 -6.04 -8.77
N LEU A 122 8.18 -7.25 -9.34
CA LEU A 122 7.03 -8.13 -9.67
C LEU A 122 7.13 -9.47 -8.90
N GLY A 1 -13.47 -15.37 4.87
CA GLY A 1 -13.29 -16.64 4.15
C GLY A 1 -12.16 -17.46 4.73
N SER A 2 -12.52 -18.51 5.51
CA SER A 2 -11.55 -19.38 6.21
C SER A 2 -10.60 -20.10 5.21
N ASP A 3 -11.15 -20.49 4.05
CA ASP A 3 -10.38 -21.11 2.96
C ASP A 3 -9.77 -20.05 2.03
N GLU A 4 -10.45 -18.88 1.91
CA GLU A 4 -9.99 -17.75 1.08
C GLU A 4 -8.63 -17.19 1.56
N GLU A 5 -8.45 -17.12 2.89
CA GLU A 5 -7.20 -16.62 3.51
C GLU A 5 -6.06 -17.65 3.36
N VAL A 6 -6.42 -18.95 3.27
CA VAL A 6 -5.47 -20.04 2.97
C VAL A 6 -5.07 -20.00 1.47
N ASP A 7 -6.05 -19.59 0.65
CA ASP A 7 -5.88 -19.44 -0.82
C ASP A 7 -5.04 -18.18 -1.13
N SER A 8 -5.08 -17.20 -0.21
CA SER A 8 -4.25 -15.99 -0.28
C SER A 8 -2.79 -16.34 0.05
N VAL A 9 -1.86 -15.80 -0.77
CA VAL A 9 -0.43 -16.11 -0.70
C VAL A 9 0.39 -14.81 -0.66
N LEU A 10 1.62 -14.92 -0.16
CA LEU A 10 2.58 -13.83 -0.05
C LEU A 10 3.31 -13.67 -1.41
N PHE A 11 2.91 -12.66 -2.21
CA PHE A 11 3.55 -12.36 -3.52
C PHE A 11 4.93 -11.70 -3.33
N GLY A 12 5.12 -11.07 -2.17
CA GLY A 12 6.36 -10.35 -1.85
C GLY A 12 6.09 -8.96 -1.32
N SER A 13 7.16 -8.23 -0.94
CA SER A 13 7.06 -6.87 -0.40
C SER A 13 7.64 -5.85 -1.40
N LEU A 14 6.79 -4.90 -1.83
CA LEU A 14 7.16 -3.79 -2.72
C LEU A 14 7.70 -2.62 -1.88
N ARG A 15 8.79 -2.01 -2.37
CA ARG A 15 9.32 -0.78 -1.79
C ARG A 15 8.39 0.40 -2.18
N GLY A 16 7.53 0.81 -1.24
CA GLY A 16 6.80 2.06 -1.33
C GLY A 16 7.59 3.19 -0.66
N HIS A 17 6.96 4.36 -0.51
CA HIS A 17 7.52 5.47 0.30
C HIS A 17 6.42 6.49 0.56
N VAL A 18 6.23 6.83 1.84
CA VAL A 18 5.28 7.87 2.27
C VAL A 18 6.07 9.16 2.51
N VAL A 19 5.54 10.28 2.00
CA VAL A 19 6.23 11.59 2.04
C VAL A 19 6.29 12.13 3.49
N GLY A 20 7.41 12.81 3.84
CA GLY A 20 7.61 13.38 5.18
C GLY A 20 6.72 14.60 5.44
N LEU A 21 6.27 15.25 4.36
CA LEU A 21 5.31 16.38 4.39
C LEU A 21 3.94 15.94 4.98
N ARG A 22 3.70 14.62 5.01
CA ARG A 22 2.47 14.01 5.57
C ARG A 22 2.48 13.97 7.12
N TYR A 23 3.56 14.50 7.73
CA TYR A 23 3.69 14.65 9.20
C TYR A 23 2.42 15.30 9.84
N TYR A 24 1.83 16.26 9.11
CA TYR A 24 0.60 16.99 9.54
C TYR A 24 -0.60 16.03 9.70
N THR A 25 -0.74 15.07 8.76
CA THR A 25 -1.83 14.07 8.80
C THR A 25 -1.54 12.92 9.81
N GLY A 26 -0.34 12.92 10.44
CA GLY A 26 -0.06 12.05 11.59
C GLY A 26 0.72 10.78 11.26
N VAL A 27 1.85 10.92 10.53
CA VAL A 27 2.78 9.80 10.22
C VAL A 27 3.25 9.04 11.49
N VAL A 28 3.81 7.85 11.28
CA VAL A 28 4.02 6.85 12.35
C VAL A 28 5.51 6.57 12.64
N ASN A 29 5.75 5.94 13.81
CA ASN A 29 7.08 5.70 14.39
C ASN A 29 7.63 4.32 13.96
N ASN A 30 8.70 3.86 14.64
CA ASN A 30 9.40 2.58 14.32
C ASN A 30 8.53 1.36 14.70
N ASN A 31 8.67 0.29 13.90
CA ASN A 31 7.95 -1.00 14.06
C ASN A 31 6.41 -0.88 13.87
N GLU A 32 5.94 0.30 13.42
CA GLU A 32 4.51 0.53 13.17
C GLU A 32 4.09 -0.14 11.85
N MET A 33 2.93 -0.79 11.89
CA MET A 33 2.33 -1.42 10.71
C MET A 33 1.25 -0.51 10.15
N VAL A 34 1.06 -0.61 8.84
CA VAL A 34 0.07 0.16 8.09
C VAL A 34 -0.67 -0.77 7.10
N ALA A 35 -1.68 -0.21 6.43
CA ALA A 35 -2.52 -0.90 5.46
C ALA A 35 -2.98 0.13 4.43
N LEU A 36 -2.90 -0.23 3.17
CA LEU A 36 -3.19 0.67 2.06
C LEU A 36 -4.70 0.67 1.77
N GLN A 37 -5.21 1.83 1.34
CA GLN A 37 -6.64 2.05 1.03
C GLN A 37 -6.74 3.15 -0.03
N ARG A 38 -7.49 2.91 -1.13
CA ARG A 38 -7.76 3.96 -2.13
C ARG A 38 -8.79 4.96 -1.56
N ASP A 39 -8.65 6.24 -1.94
CA ASP A 39 -9.36 7.35 -1.28
C ASP A 39 -10.82 7.45 -1.80
N PRO A 40 -11.86 7.27 -0.90
CA PRO A 40 -13.29 7.49 -1.26
C PRO A 40 -13.61 8.97 -1.53
N ASN A 41 -12.91 9.86 -0.81
CA ASN A 41 -13.10 11.33 -0.91
C ASN A 41 -12.03 11.94 -1.82
N ASN A 42 -11.65 11.16 -2.85
CA ASN A 42 -10.60 11.50 -3.82
C ASN A 42 -10.81 12.88 -4.50
N PRO A 43 -9.86 13.86 -4.32
CA PRO A 43 -9.98 15.23 -4.90
C PRO A 43 -9.78 15.25 -6.44
N TYR A 44 -8.99 14.30 -6.97
CA TYR A 44 -8.65 14.23 -8.41
C TYR A 44 -9.21 12.94 -9.06
N ASP A 45 -8.92 11.78 -8.46
CA ASP A 45 -9.41 10.47 -8.95
C ASP A 45 -9.17 9.37 -7.90
N LYS A 46 -10.00 8.31 -8.00
CA LYS A 46 -10.02 7.12 -7.10
C LYS A 46 -8.64 6.45 -6.95
N ASN A 47 -7.76 6.65 -7.96
CA ASN A 47 -6.42 6.05 -8.01
C ASN A 47 -5.39 6.77 -7.10
N ALA A 48 -5.88 7.56 -6.13
CA ALA A 48 -5.07 8.13 -5.04
C ALA A 48 -5.21 7.24 -3.79
N ILE A 49 -4.13 6.56 -3.40
CA ILE A 49 -4.12 5.61 -2.27
C ILE A 49 -3.45 6.23 -1.04
N LYS A 50 -4.23 6.27 0.05
CA LYS A 50 -3.79 6.71 1.37
C LYS A 50 -3.16 5.54 2.13
N VAL A 51 -2.44 5.88 3.20
CA VAL A 51 -1.78 4.94 4.08
C VAL A 51 -2.40 5.09 5.49
N ASN A 52 -3.05 4.02 5.97
CA ASN A 52 -3.73 3.99 7.28
C ASN A 52 -2.94 3.09 8.23
N ASN A 53 -2.65 3.55 9.47
CA ASN A 53 -1.80 2.80 10.43
C ASN A 53 -2.59 1.61 11.07
N VAL A 54 -2.00 1.01 12.11
CA VAL A 54 -2.62 -0.08 12.93
C VAL A 54 -4.03 0.29 13.44
N ASN A 55 -4.26 1.59 13.76
CA ASN A 55 -5.55 2.10 14.27
C ASN A 55 -6.50 2.50 13.12
N GLY A 56 -5.93 2.74 11.92
CA GLY A 56 -6.70 3.17 10.74
C GLY A 56 -6.60 4.67 10.48
N ASN A 57 -5.79 5.36 11.29
CA ASN A 57 -5.51 6.81 11.16
C ASN A 57 -4.80 7.07 9.81
N GLN A 58 -5.35 8.01 9.04
CA GLN A 58 -4.87 8.35 7.69
C GLN A 58 -3.59 9.21 7.79
N VAL A 59 -2.43 8.54 7.78
CA VAL A 59 -1.11 9.17 7.99
C VAL A 59 -0.65 9.96 6.75
N GLY A 60 -1.30 9.72 5.61
CA GLY A 60 -0.98 10.42 4.36
C GLY A 60 -1.29 9.57 3.12
N HIS A 61 -0.43 9.69 2.08
CA HIS A 61 -0.54 8.91 0.82
C HIS A 61 0.86 8.41 0.43
N LEU A 62 0.96 7.46 -0.53
CA LEU A 62 2.31 7.01 -1.01
C LEU A 62 2.89 8.06 -2.00
N LYS A 63 2.04 8.35 -3.00
CA LYS A 63 2.37 9.10 -4.25
C LYS A 63 1.14 8.97 -5.18
N LYS A 64 1.07 9.79 -6.25
CA LYS A 64 0.00 9.67 -7.26
C LYS A 64 0.31 8.51 -8.23
N GLU A 65 1.58 8.45 -8.67
CA GLU A 65 2.07 7.46 -9.65
C GLU A 65 2.04 6.03 -9.09
N LEU A 66 2.52 5.88 -7.84
CA LEU A 66 2.61 4.58 -7.13
C LEU A 66 1.19 4.03 -6.88
N ALA A 67 0.32 4.95 -6.45
CA ALA A 67 -1.08 4.66 -6.14
C ALA A 67 -1.86 4.25 -7.40
N GLY A 68 -1.53 4.91 -8.54
CA GLY A 68 -2.20 4.64 -9.83
C GLY A 68 -2.04 3.19 -10.30
N ALA A 69 -0.91 2.57 -9.91
CA ALA A 69 -0.64 1.14 -10.16
C ALA A 69 -1.51 0.28 -9.22
N LEU A 70 -1.30 0.45 -7.91
CA LEU A 70 -1.89 -0.40 -6.86
C LEU A 70 -3.42 -0.24 -6.72
N ALA A 71 -3.97 0.85 -7.31
CA ALA A 71 -5.40 1.23 -7.22
C ALA A 71 -6.35 0.15 -7.76
N TYR A 72 -5.95 -0.49 -8.86
CA TYR A 72 -6.73 -1.57 -9.49
C TYR A 72 -6.66 -2.85 -8.64
N ILE A 73 -5.52 -3.05 -7.96
CA ILE A 73 -5.31 -4.16 -6.99
C ILE A 73 -6.22 -3.96 -5.75
N MET A 74 -6.42 -2.68 -5.40
CA MET A 74 -7.25 -2.26 -4.26
C MET A 74 -8.75 -2.34 -4.61
N ASP A 75 -9.07 -1.95 -5.86
CA ASP A 75 -10.46 -1.83 -6.36
C ASP A 75 -11.06 -3.23 -6.62
N ASN A 76 -10.28 -4.06 -7.30
CA ASN A 76 -10.69 -5.43 -7.67
C ASN A 76 -10.33 -6.45 -6.57
N LYS A 77 -9.68 -5.94 -5.48
CA LYS A 77 -9.34 -6.74 -4.27
C LYS A 77 -8.38 -7.91 -4.61
N LEU A 78 -7.52 -7.68 -5.63
CA LEU A 78 -6.60 -8.70 -6.18
C LEU A 78 -5.64 -9.25 -5.10
N ALA A 79 -5.11 -8.33 -4.29
CA ALA A 79 -4.21 -8.65 -3.17
C ALA A 79 -4.30 -7.57 -2.09
N GLN A 80 -4.44 -8.02 -0.84
CA GLN A 80 -4.53 -7.16 0.34
C GLN A 80 -3.11 -6.76 0.76
N ILE A 81 -2.75 -5.50 0.52
CA ILE A 81 -1.40 -4.98 0.70
C ILE A 81 -1.25 -4.38 2.11
N GLU A 82 -0.45 -5.04 2.96
CA GLU A 82 -0.02 -4.51 4.27
C GLU A 82 1.22 -3.62 4.06
N GLY A 83 1.73 -3.06 5.15
CA GLY A 83 3.00 -2.35 5.16
C GLY A 83 3.60 -2.30 6.55
N VAL A 84 4.94 -2.13 6.63
CA VAL A 84 5.67 -1.95 7.91
C VAL A 84 6.81 -0.91 7.71
N VAL A 85 6.93 0.04 8.67
CA VAL A 85 8.09 0.93 8.82
C VAL A 85 8.95 0.44 10.02
N PRO A 86 10.02 -0.40 9.78
CA PRO A 86 10.87 -0.94 10.87
C PRO A 86 11.65 0.17 11.60
N PHE A 87 12.31 1.05 10.81
CA PHE A 87 13.11 2.19 11.33
C PHE A 87 12.17 3.36 11.71
N GLY A 88 11.01 3.45 11.03
CA GLY A 88 10.02 4.51 11.27
C GLY A 88 10.54 5.91 10.94
N ALA A 89 11.46 5.96 9.97
CA ALA A 89 12.08 7.22 9.48
C ALA A 89 11.10 8.05 8.63
N ASN A 90 9.87 7.52 8.43
CA ASN A 90 8.74 8.27 7.80
C ASN A 90 8.27 9.41 8.71
N ASN A 91 8.46 9.26 10.03
CA ASN A 91 8.02 10.26 11.02
C ASN A 91 8.86 11.56 10.91
N ALA A 92 10.13 11.41 10.48
CA ALA A 92 11.06 12.54 10.30
C ALA A 92 11.12 12.99 8.82
N PHE A 93 11.29 11.99 7.94
CA PHE A 93 11.57 12.18 6.50
C PHE A 93 10.68 11.26 5.65
N THR A 94 11.05 11.04 4.37
CA THR A 94 10.40 10.03 3.51
C THR A 94 11.33 8.78 3.40
N MET A 95 10.87 7.64 3.94
CA MET A 95 11.66 6.38 3.96
C MET A 95 10.99 5.33 3.04
N PRO A 96 11.78 4.31 2.55
CA PRO A 96 11.20 3.13 1.87
C PRO A 96 10.36 2.29 2.85
N LEU A 97 9.09 2.05 2.48
CA LEU A 97 8.13 1.31 3.31
C LEU A 97 7.88 -0.05 2.63
N HIS A 98 8.16 -1.15 3.35
CA HIS A 98 8.02 -2.51 2.82
C HIS A 98 6.54 -2.96 2.90
N MET A 99 5.91 -3.07 1.73
CA MET A 99 4.45 -3.30 1.59
C MET A 99 4.18 -4.65 0.94
N THR A 100 3.59 -5.57 1.70
CA THR A 100 3.53 -7.00 1.34
C THR A 100 2.13 -7.37 0.83
N PHE A 101 2.11 -8.03 -0.34
CA PHE A 101 0.88 -8.42 -1.02
C PHE A 101 0.42 -9.80 -0.52
N TRP A 102 -0.83 -9.88 -0.06
CA TRP A 102 -1.45 -11.13 0.41
C TRP A 102 -2.77 -11.31 -0.35
N GLY A 103 -2.75 -12.14 -1.39
CA GLY A 103 -3.90 -12.35 -2.26
C GLY A 103 -3.81 -13.66 -2.98
N LYS A 104 -4.95 -14.13 -3.49
CA LYS A 104 -5.06 -15.44 -4.14
C LYS A 104 -4.19 -15.55 -5.41
N GLU A 105 -3.65 -16.76 -5.63
CA GLU A 105 -2.67 -17.06 -6.69
C GLU A 105 -3.17 -16.71 -8.10
N GLU A 106 -4.49 -16.83 -8.34
CA GLU A 106 -5.09 -16.57 -9.67
C GLU A 106 -4.97 -15.11 -10.10
N ASN A 107 -4.84 -14.20 -9.11
CA ASN A 107 -4.76 -12.74 -9.33
C ASN A 107 -3.32 -12.25 -9.49
N ARG A 108 -2.32 -13.18 -9.46
CA ARG A 108 -0.88 -12.82 -9.55
C ARG A 108 -0.56 -12.05 -10.84
N LYS A 109 -1.23 -12.46 -11.95
CA LYS A 109 -1.06 -11.87 -13.29
C LYS A 109 -1.55 -10.42 -13.30
N ALA A 110 -2.72 -10.19 -12.67
CA ALA A 110 -3.38 -8.89 -12.62
C ALA A 110 -2.64 -7.92 -11.67
N VAL A 111 -2.09 -8.47 -10.57
CA VAL A 111 -1.26 -7.71 -9.60
C VAL A 111 0.02 -7.19 -10.28
N SER A 112 0.73 -8.13 -10.94
CA SER A 112 1.99 -7.82 -11.65
C SER A 112 1.73 -6.93 -12.86
N ASP A 113 0.52 -7.00 -13.44
CA ASP A 113 0.12 -6.18 -14.61
C ASP A 113 0.11 -4.69 -14.25
N GLN A 114 -0.33 -4.39 -13.02
CA GLN A 114 -0.43 -3.01 -12.50
C GLN A 114 0.95 -2.44 -12.17
N LEU A 115 1.81 -3.31 -11.62
CA LEU A 115 3.19 -2.98 -11.30
C LEU A 115 3.95 -2.63 -12.60
N LYS A 116 4.02 -3.63 -13.49
CA LYS A 116 4.75 -3.55 -14.79
C LYS A 116 4.18 -2.47 -15.74
N LYS A 117 2.89 -2.09 -15.51
CA LYS A 117 2.22 -0.98 -16.24
C LYS A 117 3.04 0.31 -16.15
N HIS A 118 3.38 0.68 -14.90
CA HIS A 118 4.11 1.92 -14.59
C HIS A 118 5.62 1.63 -14.47
N GLY A 119 5.98 0.34 -14.28
CA GLY A 119 7.37 -0.10 -14.17
C GLY A 119 7.84 -0.30 -12.73
N PHE A 120 6.94 -0.75 -11.84
CA PHE A 120 7.28 -1.21 -10.48
C PHE A 120 7.56 -2.72 -10.49
N LYS A 121 8.41 -3.16 -9.55
CA LYS A 121 8.76 -4.57 -9.37
C LYS A 121 9.47 -4.70 -8.01
N LEU A 122 9.33 -5.87 -7.38
CA LEU A 122 9.89 -6.15 -6.05
C LEU A 122 10.84 -7.38 -6.13
N GLY A 1 -17.32 -20.14 1.97
CA GLY A 1 -17.35 -18.68 1.85
C GLY A 1 -15.98 -18.14 1.47
N SER A 2 -15.17 -17.80 2.48
CA SER A 2 -13.83 -17.22 2.30
C SER A 2 -12.75 -18.32 2.10
N ASP A 3 -13.10 -19.43 1.40
CA ASP A 3 -12.20 -20.61 1.19
C ASP A 3 -10.86 -20.22 0.52
N GLU A 4 -10.93 -19.16 -0.31
CA GLU A 4 -9.80 -18.64 -1.10
C GLU A 4 -8.68 -18.00 -0.23
N GLU A 5 -8.97 -17.77 1.05
CA GLU A 5 -7.98 -17.29 2.06
C GLU A 5 -6.84 -18.33 2.23
N VAL A 6 -7.16 -19.61 2.00
CA VAL A 6 -6.20 -20.72 2.08
C VAL A 6 -5.36 -20.76 0.78
N ASP A 7 -5.99 -20.33 -0.34
CA ASP A 7 -5.33 -20.19 -1.65
C ASP A 7 -4.47 -18.91 -1.69
N SER A 8 -4.74 -17.98 -0.76
CA SER A 8 -4.01 -16.71 -0.66
C SER A 8 -2.54 -16.94 -0.27
N VAL A 9 -1.63 -16.27 -1.00
CA VAL A 9 -0.18 -16.41 -0.87
C VAL A 9 0.48 -15.03 -0.80
N LEU A 10 1.73 -14.99 -0.33
CA LEU A 10 2.55 -13.79 -0.37
C LEU A 10 3.22 -13.68 -1.75
N PHE A 11 2.81 -12.67 -2.55
CA PHE A 11 3.38 -12.42 -3.89
C PHE A 11 4.79 -11.81 -3.78
N GLY A 12 5.03 -11.14 -2.64
CA GLY A 12 6.29 -10.47 -2.36
C GLY A 12 6.05 -9.15 -1.66
N SER A 13 6.89 -8.15 -1.97
CA SER A 13 6.83 -6.82 -1.36
C SER A 13 6.89 -5.74 -2.43
N LEU A 14 6.84 -4.47 -1.99
CA LEU A 14 7.04 -3.31 -2.86
C LEU A 14 7.79 -2.23 -2.09
N ARG A 15 8.63 -1.48 -2.83
CA ARG A 15 9.24 -0.24 -2.35
C ARG A 15 8.15 0.86 -2.24
N GLY A 16 7.41 0.83 -1.13
CA GLY A 16 6.37 1.82 -0.86
C GLY A 16 6.98 3.16 -0.46
N HIS A 17 7.53 3.89 -1.45
CA HIS A 17 8.14 5.20 -1.24
C HIS A 17 7.05 6.21 -0.86
N VAL A 18 6.77 6.28 0.44
CA VAL A 18 5.72 7.15 0.97
C VAL A 18 6.28 8.56 1.25
N VAL A 19 5.42 9.56 1.08
CA VAL A 19 5.73 10.98 1.33
C VAL A 19 6.10 11.19 2.82
N GLY A 20 7.10 12.06 3.06
CA GLY A 20 7.53 12.45 4.40
C GLY A 20 6.64 13.54 4.99
N LEU A 21 6.21 14.49 4.12
CA LEU A 21 5.43 15.70 4.48
C LEU A 21 4.09 15.38 5.16
N ARG A 22 3.62 14.13 5.00
CA ARG A 22 2.37 13.65 5.63
C ARG A 22 2.50 13.51 7.18
N TYR A 23 3.70 13.80 7.74
CA TYR A 23 4.00 13.68 9.19
C TYR A 23 2.98 14.43 10.08
N TYR A 24 2.51 15.59 9.57
CA TYR A 24 1.54 16.45 10.28
C TYR A 24 0.19 15.74 10.48
N THR A 25 -0.15 14.84 9.53
CA THR A 25 -1.43 14.12 9.50
C THR A 25 -1.49 13.00 10.60
N GLY A 26 -0.36 12.76 11.29
CA GLY A 26 -0.32 11.92 12.49
C GLY A 26 0.31 10.56 12.25
N VAL A 27 1.46 10.55 11.56
CA VAL A 27 2.19 9.31 11.19
C VAL A 27 2.73 8.52 12.39
N VAL A 28 3.26 7.33 12.07
CA VAL A 28 3.83 6.38 13.04
C VAL A 28 5.35 6.25 12.83
N ASN A 29 6.03 5.55 13.76
CA ASN A 29 7.52 5.48 13.79
C ASN A 29 7.99 4.04 13.41
N ASN A 30 9.10 3.55 14.01
CA ASN A 30 9.71 2.23 13.70
C ASN A 30 8.89 1.05 14.28
N ASN A 31 8.98 -0.11 13.58
CA ASN A 31 8.28 -1.38 13.91
C ASN A 31 6.75 -1.29 13.71
N GLU A 32 6.23 -0.12 13.37
CA GLU A 32 4.79 0.14 13.32
C GLU A 32 4.22 -0.33 11.99
N MET A 33 2.98 -0.81 12.02
CA MET A 33 2.25 -1.24 10.82
C MET A 33 1.34 -0.11 10.33
N VAL A 34 1.22 0.01 9.02
CA VAL A 34 0.32 0.93 8.34
C VAL A 34 -0.59 0.13 7.41
N ALA A 35 -1.84 0.59 7.28
CA ALA A 35 -2.82 0.01 6.37
C ALA A 35 -2.86 0.86 5.10
N LEU A 36 -3.29 0.25 4.00
CA LEU A 36 -3.48 0.93 2.73
C LEU A 36 -4.98 0.89 2.39
N GLN A 37 -5.56 2.08 2.17
CA GLN A 37 -6.98 2.24 1.88
C GLN A 37 -7.16 3.18 0.67
N ARG A 38 -7.73 2.65 -0.44
CA ARG A 38 -8.11 3.47 -1.59
C ARG A 38 -9.28 4.37 -1.16
N ASP A 39 -9.07 5.69 -1.23
CA ASP A 39 -10.04 6.68 -0.75
C ASP A 39 -11.31 6.63 -1.62
N PRO A 40 -12.55 6.60 -1.00
CA PRO A 40 -13.85 6.48 -1.72
C PRO A 40 -13.96 7.37 -2.97
N ASN A 41 -13.50 8.64 -2.86
CA ASN A 41 -13.60 9.61 -3.96
C ASN A 41 -12.73 10.85 -3.67
N ASN A 42 -11.61 10.96 -4.40
CA ASN A 42 -10.71 12.13 -4.32
C ASN A 42 -11.05 13.11 -5.46
N PRO A 43 -10.91 14.46 -5.25
CA PRO A 43 -11.41 15.48 -6.20
C PRO A 43 -10.67 15.51 -7.56
N TYR A 44 -9.42 14.97 -7.58
CA TYR A 44 -8.59 14.98 -8.81
C TYR A 44 -8.11 13.57 -9.16
N ASP A 45 -7.62 12.86 -8.13
CA ASP A 45 -6.93 11.58 -8.31
C ASP A 45 -7.70 10.43 -7.64
N LYS A 46 -8.57 9.75 -8.39
CA LYS A 46 -9.35 8.58 -7.92
C LYS A 46 -8.43 7.46 -7.36
N ASN A 47 -7.23 7.35 -7.97
CA ASN A 47 -6.20 6.34 -7.62
C ASN A 47 -5.50 6.64 -6.28
N ALA A 48 -5.76 7.83 -5.69
CA ALA A 48 -5.08 8.30 -4.48
C ALA A 48 -5.42 7.42 -3.26
N ILE A 49 -4.41 6.62 -2.83
CA ILE A 49 -4.51 5.73 -1.66
C ILE A 49 -4.00 6.44 -0.41
N LYS A 50 -4.84 6.46 0.62
CA LYS A 50 -4.51 6.98 1.92
C LYS A 50 -3.86 5.87 2.76
N VAL A 51 -2.65 6.15 3.26
CA VAL A 51 -1.98 5.27 4.21
C VAL A 51 -2.56 5.51 5.61
N ASN A 52 -3.25 4.51 6.13
CA ASN A 52 -3.85 4.52 7.46
C ASN A 52 -2.84 3.92 8.45
N ASN A 53 -3.12 4.04 9.75
CA ASN A 53 -2.29 3.41 10.81
C ASN A 53 -3.04 2.21 11.43
N VAL A 54 -2.47 1.66 12.52
CA VAL A 54 -3.06 0.52 13.27
C VAL A 54 -4.41 0.92 13.94
N ASN A 55 -4.56 2.21 14.28
CA ASN A 55 -5.82 2.76 14.84
C ASN A 55 -6.90 2.85 13.74
N GLY A 56 -6.47 3.07 12.49
CA GLY A 56 -7.37 3.09 11.32
C GLY A 56 -7.53 4.48 10.71
N ASN A 57 -6.93 5.50 11.35
CA ASN A 57 -6.97 6.88 10.84
C ASN A 57 -6.04 7.03 9.64
N GLN A 58 -6.50 7.75 8.59
CA GLN A 58 -5.70 8.05 7.41
C GLN A 58 -4.60 9.04 7.80
N VAL A 59 -3.40 8.50 8.11
CA VAL A 59 -2.25 9.28 8.62
C VAL A 59 -1.39 9.85 7.46
N GLY A 60 -1.98 9.86 6.25
CA GLY A 60 -1.40 10.56 5.09
C GLY A 60 -1.70 9.88 3.77
N HIS A 61 -1.13 10.42 2.70
CA HIS A 61 -1.22 9.87 1.34
C HIS A 61 0.11 9.16 1.01
N LEU A 62 0.05 8.08 0.17
CA LEU A 62 1.25 7.26 -0.12
C LEU A 62 2.19 8.02 -1.07
N LYS A 63 1.65 8.42 -2.22
CA LYS A 63 2.40 8.87 -3.42
C LYS A 63 1.47 8.53 -4.59
N LYS A 64 1.06 9.51 -5.41
CA LYS A 64 0.01 9.32 -6.45
C LYS A 64 0.42 8.27 -7.48
N GLU A 65 1.64 8.41 -8.01
CA GLU A 65 2.16 7.55 -9.09
C GLU A 65 2.20 6.07 -8.64
N LEU A 66 2.64 5.87 -7.39
CA LEU A 66 2.76 4.54 -6.76
C LEU A 66 1.37 3.98 -6.44
N ALA A 67 0.49 4.88 -5.95
CA ALA A 67 -0.89 4.56 -5.60
C ALA A 67 -1.71 4.22 -6.86
N GLY A 68 -1.27 4.72 -8.03
CA GLY A 68 -1.90 4.41 -9.32
C GLY A 68 -1.82 2.94 -9.69
N ALA A 69 -0.72 2.30 -9.28
CA ALA A 69 -0.51 0.86 -9.46
C ALA A 69 -1.41 0.09 -8.48
N LEU A 70 -1.25 0.40 -7.19
CA LEU A 70 -1.89 -0.34 -6.09
C LEU A 70 -3.40 -0.11 -6.02
N ALA A 71 -3.88 0.99 -6.68
CA ALA A 71 -5.31 1.36 -6.73
C ALA A 71 -6.16 0.24 -7.31
N TYR A 72 -5.75 -0.25 -8.50
CA TYR A 72 -6.48 -1.29 -9.25
C TYR A 72 -6.46 -2.62 -8.48
N ILE A 73 -5.34 -2.89 -7.79
CA ILE A 73 -5.16 -4.09 -6.94
C ILE A 73 -6.18 -4.07 -5.78
N MET A 74 -6.31 -2.91 -5.16
CA MET A 74 -7.21 -2.70 -4.01
C MET A 74 -8.68 -2.48 -4.45
N ASP A 75 -8.85 -2.08 -5.71
CA ASP A 75 -10.18 -1.75 -6.27
C ASP A 75 -10.92 -3.04 -6.62
N ASN A 76 -10.22 -3.91 -7.38
CA ASN A 76 -10.75 -5.21 -7.83
C ASN A 76 -10.43 -6.32 -6.81
N LYS A 77 -9.83 -5.93 -5.67
CA LYS A 77 -9.54 -6.82 -4.53
C LYS A 77 -8.62 -7.99 -4.93
N LEU A 78 -7.67 -7.68 -5.83
CA LEU A 78 -6.67 -8.64 -6.34
C LEU A 78 -5.76 -9.18 -5.21
N ALA A 79 -5.35 -8.26 -4.30
CA ALA A 79 -4.54 -8.62 -3.12
C ALA A 79 -4.60 -7.52 -2.05
N GLN A 80 -4.67 -7.94 -0.78
CA GLN A 80 -4.60 -7.02 0.36
C GLN A 80 -3.14 -6.59 0.55
N ILE A 81 -2.91 -5.28 0.74
CA ILE A 81 -1.56 -4.73 0.86
C ILE A 81 -1.39 -4.10 2.25
N GLU A 82 -0.52 -4.71 3.07
CA GLU A 82 -0.19 -4.20 4.41
C GLU A 82 1.26 -3.69 4.41
N GLY A 83 1.46 -2.49 4.96
CA GLY A 83 2.77 -1.89 5.08
C GLY A 83 3.33 -2.00 6.49
N VAL A 84 4.67 -1.98 6.59
CA VAL A 84 5.40 -1.95 7.86
C VAL A 84 6.56 -0.94 7.70
N VAL A 85 6.79 -0.12 8.74
CA VAL A 85 7.89 0.87 8.77
C VAL A 85 8.91 0.40 9.85
N PRO A 86 9.89 -0.52 9.52
CA PRO A 86 10.92 -0.97 10.51
C PRO A 86 12.04 0.08 10.69
N PHE A 87 12.37 0.77 9.58
CA PHE A 87 13.42 1.79 9.53
C PHE A 87 12.93 3.11 10.19
N GLY A 88 11.59 3.32 10.19
CA GLY A 88 10.94 4.38 10.98
C GLY A 88 11.15 5.81 10.46
N ALA A 89 11.98 5.98 9.42
CA ALA A 89 12.39 7.31 8.92
C ALA A 89 11.34 7.94 8.00
N ASN A 90 10.19 7.26 7.78
CA ASN A 90 9.07 7.84 7.01
C ASN A 90 8.31 8.87 7.88
N ASN A 91 8.53 8.78 9.20
CA ASN A 91 8.01 9.73 10.19
C ASN A 91 8.57 11.16 9.94
N ALA A 92 9.83 11.22 9.46
CA ALA A 92 10.52 12.47 9.12
C ALA A 92 10.55 12.74 7.60
N PHE A 93 11.10 11.77 6.85
CA PHE A 93 11.58 11.95 5.46
C PHE A 93 10.95 10.90 4.51
N THR A 94 11.34 10.92 3.22
CA THR A 94 10.87 9.97 2.20
C THR A 94 11.87 8.80 2.09
N MET A 95 11.34 7.57 2.24
CA MET A 95 12.14 6.32 2.24
C MET A 95 11.23 5.13 1.85
N PRO A 96 11.80 3.95 1.40
CA PRO A 96 10.97 2.80 0.99
C PRO A 96 10.33 2.11 2.21
N LEU A 97 9.00 2.05 2.21
CA LEU A 97 8.19 1.41 3.26
C LEU A 97 7.79 0.03 2.71
N HIS A 98 8.10 -1.03 3.48
CA HIS A 98 7.92 -2.42 3.01
C HIS A 98 6.42 -2.79 3.02
N MET A 99 5.84 -2.91 1.81
CA MET A 99 4.40 -3.21 1.62
C MET A 99 4.24 -4.56 0.92
N THR A 100 3.53 -5.48 1.58
CA THR A 100 3.46 -6.90 1.21
C THR A 100 2.06 -7.23 0.64
N PHE A 101 2.05 -8.06 -0.41
CA PHE A 101 0.84 -8.41 -1.16
C PHE A 101 0.38 -9.82 -0.77
N TRP A 102 -0.86 -9.93 -0.27
CA TRP A 102 -1.44 -11.21 0.17
C TRP A 102 -2.76 -11.42 -0.57
N GLY A 103 -2.82 -12.42 -1.45
CA GLY A 103 -4.01 -12.71 -2.22
C GLY A 103 -3.91 -14.02 -2.94
N LYS A 104 -5.04 -14.53 -3.41
CA LYS A 104 -5.11 -15.80 -4.17
C LYS A 104 -4.14 -15.78 -5.37
N GLU A 105 -3.43 -16.91 -5.58
CA GLU A 105 -2.31 -17.00 -6.54
C GLU A 105 -2.70 -16.53 -7.96
N GLU A 106 -3.92 -16.89 -8.35
CA GLU A 106 -4.48 -16.61 -9.69
C GLU A 106 -4.54 -15.09 -10.04
N ASN A 107 -4.45 -14.21 -9.03
CA ASN A 107 -4.50 -12.74 -9.23
C ASN A 107 -3.09 -12.12 -9.38
N ARG A 108 -2.01 -12.89 -9.15
CA ARG A 108 -0.61 -12.37 -9.17
C ARG A 108 -0.26 -11.69 -10.52
N LYS A 109 -0.83 -12.21 -11.62
CA LYS A 109 -0.63 -11.68 -12.97
C LYS A 109 -1.14 -10.22 -13.08
N ALA A 110 -2.39 -10.02 -12.62
CA ALA A 110 -3.06 -8.71 -12.61
C ALA A 110 -2.40 -7.74 -11.60
N VAL A 111 -1.93 -8.29 -10.47
CA VAL A 111 -1.15 -7.52 -9.45
C VAL A 111 0.18 -7.01 -10.05
N SER A 112 0.87 -7.91 -10.79
CA SER A 112 2.16 -7.62 -11.43
C SER A 112 1.98 -6.69 -12.64
N ASP A 113 0.78 -6.70 -13.25
CA ASP A 113 0.45 -5.79 -14.38
C ASP A 113 0.58 -4.33 -13.95
N GLN A 114 0.14 -4.07 -12.71
CA GLN A 114 0.10 -2.74 -12.12
C GLN A 114 1.50 -2.24 -11.75
N LEU A 115 2.32 -3.17 -11.23
CA LEU A 115 3.69 -2.88 -10.82
C LEU A 115 4.58 -2.63 -12.06
N LYS A 116 4.62 -3.63 -12.96
CA LYS A 116 5.40 -3.60 -14.23
C LYS A 116 4.97 -2.43 -15.15
N LYS A 117 3.75 -1.93 -14.94
CA LYS A 117 3.18 -0.78 -15.69
C LYS A 117 4.11 0.46 -15.61
N HIS A 118 4.49 0.82 -14.37
CA HIS A 118 5.41 1.96 -14.10
C HIS A 118 6.78 1.45 -13.58
N GLY A 119 7.07 0.16 -13.82
CA GLY A 119 8.37 -0.45 -13.48
C GLY A 119 8.61 -0.65 -11.98
N PHE A 120 7.53 -0.55 -11.18
CA PHE A 120 7.56 -0.75 -9.71
C PHE A 120 7.89 -2.23 -9.38
N LYS A 121 8.75 -2.41 -8.38
CA LYS A 121 9.19 -3.73 -7.89
C LYS A 121 9.90 -3.52 -6.54
N LEU A 122 9.86 -4.53 -5.66
CA LEU A 122 10.58 -4.54 -4.37
C LEU A 122 12.12 -4.31 -4.59
N GLY A 1 -14.27 -15.59 1.09
CA GLY A 1 -14.65 -17.00 1.32
C GLY A 1 -13.53 -17.82 1.94
N SER A 2 -13.88 -19.01 2.46
CA SER A 2 -12.94 -19.93 3.13
C SER A 2 -11.80 -20.37 2.18
N ASP A 3 -12.14 -20.53 0.90
CA ASP A 3 -11.17 -20.92 -0.14
C ASP A 3 -10.25 -19.73 -0.50
N GLU A 4 -10.85 -18.52 -0.56
CA GLU A 4 -10.16 -17.29 -1.00
C GLU A 4 -9.07 -16.85 0.00
N GLU A 5 -9.39 -16.94 1.30
CA GLU A 5 -8.51 -16.49 2.40
C GLU A 5 -7.29 -17.42 2.57
N VAL A 6 -7.51 -18.73 2.38
CA VAL A 6 -6.42 -19.74 2.41
C VAL A 6 -5.56 -19.60 1.13
N ASP A 7 -6.22 -19.19 0.02
CA ASP A 7 -5.55 -18.98 -1.28
C ASP A 7 -4.77 -17.66 -1.31
N SER A 8 -5.02 -16.78 -0.31
CA SER A 8 -4.29 -15.51 -0.15
C SER A 8 -2.84 -15.77 0.30
N VAL A 9 -1.91 -15.53 -0.62
CA VAL A 9 -0.48 -15.80 -0.45
C VAL A 9 0.33 -14.50 -0.50
N LEU A 10 1.58 -14.55 -0.01
CA LEU A 10 2.51 -13.42 -0.12
C LEU A 10 3.17 -13.44 -1.52
N PHE A 11 2.95 -12.37 -2.30
CA PHE A 11 3.62 -12.18 -3.61
C PHE A 11 5.02 -11.57 -3.42
N GLY A 12 5.14 -10.76 -2.36
CA GLY A 12 6.37 -10.03 -2.03
C GLY A 12 6.05 -8.71 -1.36
N SER A 13 7.07 -7.84 -1.23
CA SER A 13 6.89 -6.51 -0.61
C SER A 13 7.40 -5.42 -1.57
N LEU A 14 6.65 -4.31 -1.62
CA LEU A 14 6.96 -3.15 -2.46
C LEU A 14 7.63 -2.07 -1.60
N ARG A 15 8.62 -1.41 -2.17
CA ARG A 15 9.28 -0.25 -1.55
C ARG A 15 8.38 1.01 -1.66
N GLY A 16 7.38 1.04 -0.75
CA GLY A 16 6.41 2.13 -0.64
C GLY A 16 7.02 3.41 -0.08
N HIS A 17 6.61 4.57 -0.62
CA HIS A 17 7.17 5.88 -0.25
C HIS A 17 6.05 6.80 0.26
N VAL A 18 5.96 6.92 1.59
CA VAL A 18 4.97 7.79 2.26
C VAL A 18 5.57 9.19 2.40
N VAL A 19 4.79 10.21 2.01
CA VAL A 19 5.22 11.62 1.97
C VAL A 19 5.56 12.17 3.38
N GLY A 20 6.61 13.00 3.46
CA GLY A 20 7.12 13.54 4.74
C GLY A 20 6.29 14.69 5.29
N LEU A 21 5.64 15.43 4.37
CA LEU A 21 4.76 16.57 4.73
C LEU A 21 3.51 16.07 5.51
N ARG A 22 3.22 14.76 5.34
CA ARG A 22 2.10 14.07 6.01
C ARG A 22 2.41 13.73 7.50
N TYR A 23 3.62 14.10 7.99
CA TYR A 23 4.07 13.82 9.37
C TYR A 23 3.06 14.38 10.42
N TYR A 24 2.48 15.55 10.11
CA TYR A 24 1.59 16.29 11.03
C TYR A 24 0.29 15.52 11.30
N THR A 25 -0.18 14.75 10.30
CA THR A 25 -1.43 13.97 10.39
C THR A 25 -1.21 12.57 11.00
N GLY A 26 -0.03 12.36 11.65
CA GLY A 26 0.15 11.22 12.55
C GLY A 26 0.90 10.03 11.95
N VAL A 27 2.07 10.26 11.33
CA VAL A 27 2.96 9.16 10.88
C VAL A 27 3.42 8.27 12.06
N VAL A 28 4.04 7.13 11.72
CA VAL A 28 4.26 6.01 12.65
C VAL A 28 5.75 5.77 12.92
N ASN A 29 6.04 5.10 14.06
CA ASN A 29 7.43 4.77 14.51
C ASN A 29 8.03 3.63 13.65
N ASN A 30 9.23 3.15 14.04
CA ASN A 30 9.84 1.97 13.40
C ASN A 30 9.09 0.69 13.83
N ASN A 31 9.14 -0.34 12.96
CA ASN A 31 8.48 -1.66 13.15
C ASN A 31 6.92 -1.55 13.15
N GLU A 32 6.39 -0.37 12.79
CA GLU A 32 4.94 -0.12 12.79
C GLU A 32 4.30 -0.50 11.45
N MET A 33 3.05 -1.00 11.52
CA MET A 33 2.27 -1.36 10.35
C MET A 33 1.35 -0.21 9.95
N VAL A 34 1.11 -0.11 8.63
CA VAL A 34 0.16 0.84 8.04
C VAL A 34 -0.82 0.05 7.14
N ALA A 35 -2.10 0.45 7.14
CA ALA A 35 -3.16 -0.22 6.37
C ALA A 35 -3.69 0.75 5.29
N LEU A 36 -3.67 0.30 4.02
CA LEU A 36 -4.12 1.12 2.88
C LEU A 36 -5.65 1.19 2.82
N GLN A 37 -6.18 2.22 2.14
CA GLN A 37 -7.63 2.51 2.08
C GLN A 37 -7.95 3.32 0.81
N ARG A 38 -8.82 2.78 -0.04
CA ARG A 38 -9.37 3.49 -1.20
C ARG A 38 -10.19 4.73 -0.76
N ASP A 39 -9.97 5.87 -1.43
CA ASP A 39 -10.81 7.07 -1.31
C ASP A 39 -12.21 6.79 -1.93
N PRO A 40 -13.33 6.84 -1.14
CA PRO A 40 -14.71 6.61 -1.67
C PRO A 40 -15.09 7.61 -2.79
N ASN A 41 -14.51 8.81 -2.72
CA ASN A 41 -14.58 9.84 -3.78
C ASN A 41 -13.23 10.58 -3.82
N ASN A 42 -12.37 10.18 -4.76
CA ASN A 42 -11.06 10.81 -5.00
C ASN A 42 -11.24 12.27 -5.50
N PRO A 43 -10.41 13.26 -5.00
CA PRO A 43 -10.57 14.69 -5.35
C PRO A 43 -10.25 15.00 -6.84
N TYR A 44 -9.03 14.61 -7.28
CA TYR A 44 -8.56 14.82 -8.67
C TYR A 44 -8.03 13.50 -9.23
N ASP A 45 -7.14 12.85 -8.46
CA ASP A 45 -6.47 11.61 -8.86
C ASP A 45 -7.33 10.41 -8.45
N LYS A 46 -8.06 9.84 -9.43
CA LYS A 46 -9.02 8.73 -9.18
C LYS A 46 -8.32 7.41 -8.83
N ASN A 47 -6.97 7.41 -8.90
CA ASN A 47 -6.12 6.25 -8.56
C ASN A 47 -5.53 6.39 -7.14
N ALA A 48 -5.81 7.51 -6.45
CA ALA A 48 -5.22 7.83 -5.13
C ALA A 48 -5.74 6.88 -4.04
N ILE A 49 -4.86 6.54 -3.10
CA ILE A 49 -5.15 5.63 -1.98
C ILE A 49 -4.65 6.27 -0.67
N LYS A 50 -5.56 6.38 0.33
CA LYS A 50 -5.22 6.77 1.69
C LYS A 50 -4.33 5.71 2.38
N VAL A 51 -3.53 6.17 3.33
CA VAL A 51 -2.79 5.31 4.25
C VAL A 51 -3.25 5.64 5.68
N ASN A 52 -3.51 4.59 6.46
CA ASN A 52 -3.90 4.68 7.88
C ASN A 52 -2.86 3.92 8.70
N ASN A 53 -2.86 4.09 10.02
CA ASN A 53 -2.03 3.27 10.93
C ASN A 53 -2.89 2.16 11.57
N VAL A 54 -2.31 1.42 12.54
CA VAL A 54 -3.00 0.32 13.24
C VAL A 54 -4.15 0.82 14.16
N ASN A 55 -4.14 2.12 14.51
CA ASN A 55 -5.22 2.78 15.28
C ASN A 55 -6.36 3.26 14.35
N GLY A 56 -6.11 3.23 13.03
CA GLY A 56 -7.11 3.58 12.01
C GLY A 56 -7.21 5.08 11.74
N ASN A 57 -6.14 5.82 12.10
CA ASN A 57 -6.01 7.25 11.85
C ASN A 57 -5.39 7.48 10.47
N GLN A 58 -6.07 8.32 9.67
CA GLN A 58 -5.61 8.70 8.32
C GLN A 58 -4.34 9.57 8.41
N VAL A 59 -3.20 9.01 7.97
CA VAL A 59 -1.91 9.74 7.93
C VAL A 59 -1.79 10.57 6.63
N GLY A 60 -2.73 10.34 5.69
CA GLY A 60 -2.76 11.05 4.40
C GLY A 60 -2.93 10.06 3.25
N HIS A 61 -2.24 10.32 2.12
CA HIS A 61 -2.15 9.38 0.99
C HIS A 61 -0.76 8.72 0.94
N LEU A 62 -0.58 7.74 0.02
CA LEU A 62 0.70 7.05 -0.17
C LEU A 62 1.58 7.88 -1.12
N LYS A 63 0.98 8.22 -2.28
CA LYS A 63 1.68 8.80 -3.44
C LYS A 63 0.68 8.84 -4.62
N LYS A 64 1.00 9.54 -5.72
CA LYS A 64 0.17 9.49 -6.95
C LYS A 64 0.49 8.18 -7.71
N GLU A 65 1.74 8.08 -8.17
CA GLU A 65 2.19 7.06 -9.14
C GLU A 65 2.21 5.64 -8.53
N LEU A 66 2.59 5.57 -7.25
CA LEU A 66 2.72 4.29 -6.53
C LEU A 66 1.31 3.74 -6.21
N ALA A 67 0.43 4.62 -5.71
CA ALA A 67 -1.00 4.29 -5.49
C ALA A 67 -1.71 4.00 -6.83
N GLY A 68 -1.15 4.55 -7.94
CA GLY A 68 -1.66 4.31 -9.29
C GLY A 68 -1.60 2.84 -9.70
N ALA A 69 -0.50 2.17 -9.32
CA ALA A 69 -0.31 0.73 -9.56
C ALA A 69 -1.23 -0.07 -8.63
N LEU A 70 -1.19 0.28 -7.34
CA LEU A 70 -1.93 -0.42 -6.27
C LEU A 70 -3.45 -0.18 -6.39
N ALA A 71 -3.84 0.85 -7.17
CA ALA A 71 -5.25 1.25 -7.39
C ALA A 71 -6.07 0.08 -7.95
N TYR A 72 -5.64 -0.47 -9.10
CA TYR A 72 -6.33 -1.57 -9.79
C TYR A 72 -6.33 -2.85 -8.91
N ILE A 73 -5.26 -3.01 -8.10
CA ILE A 73 -5.09 -4.16 -7.20
C ILE A 73 -6.14 -4.15 -6.07
N MET A 74 -6.42 -2.96 -5.54
CA MET A 74 -7.41 -2.76 -4.46
C MET A 74 -8.85 -2.72 -5.03
N ASP A 75 -8.97 -2.13 -6.22
CA ASP A 75 -10.25 -1.82 -6.88
C ASP A 75 -10.92 -3.11 -7.40
N ASN A 76 -10.10 -3.99 -7.99
CA ASN A 76 -10.55 -5.28 -8.57
C ASN A 76 -10.29 -6.45 -7.60
N LYS A 77 -9.87 -6.12 -6.35
CA LYS A 77 -9.76 -7.06 -5.22
C LYS A 77 -8.73 -8.18 -5.50
N LEU A 78 -7.65 -7.80 -6.20
CA LEU A 78 -6.58 -8.70 -6.60
C LEU A 78 -5.76 -9.16 -5.38
N ALA A 79 -5.33 -8.18 -4.56
CA ALA A 79 -4.52 -8.44 -3.35
C ALA A 79 -4.75 -7.35 -2.28
N GLN A 80 -4.71 -7.77 -1.01
CA GLN A 80 -4.73 -6.87 0.15
C GLN A 80 -3.30 -6.47 0.48
N ILE A 81 -3.07 -5.18 0.74
CA ILE A 81 -1.70 -4.65 0.94
C ILE A 81 -1.57 -4.00 2.32
N GLU A 82 -0.69 -4.58 3.15
CA GLU A 82 -0.36 -4.07 4.49
C GLU A 82 1.14 -3.68 4.51
N GLY A 83 1.42 -2.42 4.82
CA GLY A 83 2.78 -1.90 4.88
C GLY A 83 3.40 -2.04 6.25
N VAL A 84 4.73 -2.09 6.30
CA VAL A 84 5.52 -2.05 7.54
C VAL A 84 6.73 -1.14 7.29
N VAL A 85 6.94 -0.16 8.18
CA VAL A 85 8.09 0.75 8.13
C VAL A 85 9.19 0.22 9.09
N PRO A 86 10.28 -0.43 8.55
CA PRO A 86 11.28 -1.15 9.39
C PRO A 86 12.18 -0.20 10.21
N PHE A 87 12.84 0.77 9.53
CA PHE A 87 13.86 1.65 10.15
C PHE A 87 13.18 2.87 10.83
N GLY A 88 12.00 3.27 10.31
CA GLY A 88 11.27 4.45 10.82
C GLY A 88 11.88 5.79 10.41
N ALA A 89 12.78 5.75 9.41
CA ALA A 89 13.48 6.95 8.88
C ALA A 89 12.57 7.81 7.99
N ASN A 90 11.37 7.29 7.67
CA ASN A 90 10.35 7.99 6.85
C ASN A 90 9.75 9.21 7.63
N ASN A 91 9.96 9.23 8.97
CA ASN A 91 9.50 10.33 9.85
C ASN A 91 10.35 11.59 9.65
N ALA A 92 11.61 11.41 9.20
CA ALA A 92 12.51 12.53 8.86
C ALA A 92 12.00 13.22 7.58
N PHE A 93 11.94 12.45 6.48
CA PHE A 93 11.36 12.90 5.19
C PHE A 93 10.60 11.72 4.57
N THR A 94 11.32 10.84 3.86
CA THR A 94 10.75 9.69 3.17
C THR A 94 11.85 8.65 2.98
N MET A 95 11.49 7.37 3.15
CA MET A 95 12.37 6.24 2.87
C MET A 95 11.49 5.02 2.53
N PRO A 96 11.98 4.07 1.65
CA PRO A 96 11.18 2.89 1.24
C PRO A 96 10.82 1.97 2.43
N LEU A 97 9.53 1.72 2.59
CA LEU A 97 8.99 0.79 3.59
C LEU A 97 8.26 -0.35 2.87
N HIS A 98 8.31 -1.56 3.45
CA HIS A 98 7.92 -2.79 2.75
C HIS A 98 6.41 -3.05 2.88
N MET A 99 5.67 -2.89 1.75
CA MET A 99 4.22 -3.13 1.67
C MET A 99 3.97 -4.50 1.05
N THR A 100 3.45 -5.41 1.87
CA THR A 100 3.38 -6.84 1.57
C THR A 100 2.03 -7.18 0.94
N PHE A 101 2.08 -7.85 -0.21
CA PHE A 101 0.89 -8.21 -0.98
C PHE A 101 0.40 -9.59 -0.54
N TRP A 102 -0.81 -9.65 0.00
CA TRP A 102 -1.47 -10.88 0.43
C TRP A 102 -2.77 -11.01 -0.36
N GLY A 103 -2.72 -11.82 -1.41
CA GLY A 103 -3.84 -12.01 -2.33
C GLY A 103 -3.81 -13.35 -2.98
N LYS A 104 -4.90 -13.72 -3.61
CA LYS A 104 -5.12 -15.08 -4.12
C LYS A 104 -4.24 -15.38 -5.38
N GLU A 105 -3.88 -16.67 -5.51
CA GLU A 105 -3.05 -17.23 -6.61
C GLU A 105 -3.44 -16.70 -8.01
N GLU A 106 -4.74 -16.73 -8.29
CA GLU A 106 -5.30 -16.45 -9.63
C GLU A 106 -5.17 -14.97 -10.06
N ASN A 107 -4.77 -14.08 -9.14
CA ASN A 107 -4.72 -12.63 -9.42
C ASN A 107 -3.29 -12.08 -9.56
N ARG A 108 -2.24 -12.90 -9.35
CA ARG A 108 -0.83 -12.40 -9.40
C ARG A 108 -0.44 -11.88 -10.81
N LYS A 109 -1.07 -12.45 -11.85
CA LYS A 109 -0.91 -12.00 -13.24
C LYS A 109 -1.31 -10.51 -13.36
N ALA A 110 -2.41 -10.18 -12.70
CA ALA A 110 -2.99 -8.83 -12.72
C ALA A 110 -2.27 -7.89 -11.72
N VAL A 111 -1.82 -8.43 -10.57
CA VAL A 111 -1.08 -7.66 -9.53
C VAL A 111 0.28 -7.19 -10.08
N SER A 112 1.10 -8.15 -10.53
CA SER A 112 2.43 -7.92 -11.09
C SER A 112 2.36 -7.07 -12.37
N ASP A 113 1.21 -7.12 -13.08
CA ASP A 113 0.98 -6.31 -14.28
C ASP A 113 1.05 -4.82 -13.92
N GLN A 114 0.35 -4.43 -12.86
CA GLN A 114 0.25 -3.03 -12.40
C GLN A 114 1.63 -2.50 -11.96
N LEU A 115 2.41 -3.41 -11.35
CA LEU A 115 3.72 -3.12 -10.79
C LEU A 115 4.77 -2.90 -11.90
N LYS A 116 5.04 -3.95 -12.72
CA LYS A 116 6.04 -3.91 -13.82
C LYS A 116 5.72 -2.79 -14.85
N LYS A 117 4.42 -2.45 -14.95
CA LYS A 117 3.90 -1.39 -15.83
C LYS A 117 4.58 -0.03 -15.54
N HIS A 118 4.61 0.36 -14.25
CA HIS A 118 5.23 1.63 -13.82
C HIS A 118 6.75 1.44 -13.56
N GLY A 119 7.20 0.17 -13.48
CA GLY A 119 8.62 -0.16 -13.32
C GLY A 119 8.95 -0.71 -11.94
N PHE A 120 7.92 -1.05 -11.15
CA PHE A 120 8.08 -1.75 -9.85
C PHE A 120 8.43 -3.23 -10.10
N LYS A 121 8.83 -3.93 -9.03
CA LYS A 121 9.17 -5.37 -9.10
C LYS A 121 7.91 -6.20 -9.39
N LEU A 122 8.08 -7.36 -10.05
CA LEU A 122 7.00 -8.36 -10.22
C LEU A 122 6.39 -8.75 -8.83
N GLY A 1 -15.18 -20.44 4.00
CA GLY A 1 -14.58 -21.60 4.68
C GLY A 1 -13.14 -21.34 5.08
N SER A 2 -12.45 -22.40 5.57
CA SER A 2 -11.03 -22.34 5.95
C SER A 2 -10.14 -22.10 4.70
N ASP A 3 -10.59 -22.69 3.59
CA ASP A 3 -9.88 -22.72 2.28
C ASP A 3 -9.72 -21.32 1.64
N GLU A 4 -10.65 -20.37 1.94
CA GLU A 4 -10.71 -19.05 1.24
C GLU A 4 -9.53 -18.14 1.64
N GLU A 5 -9.04 -18.29 2.89
CA GLU A 5 -7.88 -17.53 3.39
C GLU A 5 -6.56 -18.26 3.06
N VAL A 6 -6.64 -19.61 2.95
CA VAL A 6 -5.52 -20.46 2.45
C VAL A 6 -5.22 -20.11 0.98
N ASP A 7 -6.28 -19.72 0.26
CA ASP A 7 -6.22 -19.32 -1.16
C ASP A 7 -5.38 -18.03 -1.31
N SER A 8 -5.46 -17.16 -0.28
CA SER A 8 -4.68 -15.91 -0.20
C SER A 8 -3.23 -16.21 0.24
N VAL A 9 -2.24 -15.72 -0.54
CA VAL A 9 -0.79 -15.96 -0.32
C VAL A 9 0.00 -14.63 -0.39
N LEU A 10 1.26 -14.68 0.06
CA LEU A 10 2.20 -13.56 -0.07
C LEU A 10 2.86 -13.61 -1.46
N PHE A 11 2.64 -12.56 -2.28
CA PHE A 11 3.29 -12.42 -3.60
C PHE A 11 4.70 -11.85 -3.45
N GLY A 12 4.90 -11.06 -2.39
CA GLY A 12 6.16 -10.39 -2.11
C GLY A 12 5.94 -9.04 -1.47
N SER A 13 6.88 -8.12 -1.66
CA SER A 13 6.84 -6.77 -1.07
C SER A 13 7.00 -5.70 -2.17
N LEU A 14 6.95 -4.43 -1.75
CA LEU A 14 7.20 -3.28 -2.62
C LEU A 14 7.76 -2.13 -1.78
N ARG A 15 8.72 -1.41 -2.37
CA ARG A 15 9.25 -0.16 -1.80
C ARG A 15 8.18 0.97 -1.92
N GLY A 16 7.26 1.00 -0.94
CA GLY A 16 6.16 1.96 -0.91
C GLY A 16 6.61 3.31 -0.38
N HIS A 17 7.13 4.16 -1.28
CA HIS A 17 7.66 5.48 -0.93
C HIS A 17 6.51 6.44 -0.60
N VAL A 18 6.18 6.54 0.69
CA VAL A 18 5.13 7.43 1.19
C VAL A 18 5.70 8.85 1.35
N VAL A 19 4.88 9.87 1.04
CA VAL A 19 5.27 11.30 1.07
C VAL A 19 5.72 11.78 2.48
N GLY A 20 6.57 12.82 2.50
CA GLY A 20 6.96 13.51 3.75
C GLY A 20 5.87 14.47 4.23
N LEU A 21 4.97 14.87 3.30
CA LEU A 21 3.75 15.68 3.59
C LEU A 21 2.84 14.98 4.63
N ARG A 22 2.98 13.65 4.72
CA ARG A 22 2.31 12.77 5.70
C ARG A 22 2.55 13.22 7.18
N TYR A 23 3.63 14.00 7.42
CA TYR A 23 4.01 14.52 8.76
C TYR A 23 2.82 15.20 9.46
N TYR A 24 2.17 16.10 8.73
CA TYR A 24 1.02 16.87 9.20
C TYR A 24 -0.25 16.01 9.26
N THR A 25 -0.30 14.97 8.42
CA THR A 25 -1.43 14.02 8.37
C THR A 25 -1.31 12.97 9.52
N GLY A 26 -0.16 12.96 10.22
CA GLY A 26 -0.01 12.16 11.45
C GLY A 26 0.89 10.96 11.30
N VAL A 27 2.12 11.16 10.76
CA VAL A 27 3.17 10.09 10.67
C VAL A 27 3.30 9.24 11.96
N VAL A 28 3.86 8.04 11.77
CA VAL A 28 4.04 7.07 12.84
C VAL A 28 5.54 6.91 13.12
N ASN A 29 5.88 6.54 14.35
CA ASN A 29 7.28 6.66 14.86
C ASN A 29 8.19 5.61 14.20
N ASN A 30 8.09 4.36 14.68
CA ASN A 30 8.94 3.23 14.26
C ASN A 30 8.30 1.90 14.69
N ASN A 31 8.71 0.79 14.03
CA ASN A 31 8.19 -0.59 14.29
C ASN A 31 6.72 -0.74 13.78
N GLU A 32 6.10 0.37 13.37
CA GLU A 32 4.66 0.45 13.11
C GLU A 32 4.27 -0.25 11.80
N MET A 33 3.09 -0.87 11.82
CA MET A 33 2.44 -1.42 10.62
C MET A 33 1.45 -0.37 10.09
N VAL A 34 1.33 -0.31 8.77
CA VAL A 34 0.38 0.56 8.07
C VAL A 34 -0.51 -0.31 7.16
N ALA A 35 -1.67 0.22 6.76
CA ALA A 35 -2.63 -0.50 5.92
C ALA A 35 -3.10 0.42 4.79
N LEU A 36 -2.92 -0.03 3.56
CA LEU A 36 -3.27 0.74 2.37
C LEU A 36 -4.74 0.55 2.03
N GLN A 37 -5.44 1.65 1.75
CA GLN A 37 -6.85 1.63 1.34
C GLN A 37 -7.09 2.70 0.28
N ARG A 38 -7.74 2.31 -0.83
CA ARG A 38 -8.04 3.22 -1.94
C ARG A 38 -9.30 4.02 -1.59
N ASP A 39 -9.18 5.36 -1.64
CA ASP A 39 -10.26 6.30 -1.28
C ASP A 39 -10.99 6.82 -2.54
N PRO A 40 -12.37 6.89 -2.50
CA PRO A 40 -13.15 7.60 -3.53
C PRO A 40 -13.10 9.13 -3.36
N ASN A 41 -12.92 9.59 -2.09
CA ASN A 41 -12.68 11.00 -1.77
C ASN A 41 -11.20 11.30 -2.01
N ASN A 42 -10.89 11.58 -3.29
CA ASN A 42 -9.53 11.61 -3.81
C ASN A 42 -8.87 13.01 -3.68
N PRO A 43 -7.64 13.12 -3.08
CA PRO A 43 -6.86 14.38 -3.08
C PRO A 43 -6.23 14.68 -4.46
N TYR A 44 -5.96 13.61 -5.25
CA TYR A 44 -5.22 13.71 -6.53
C TYR A 44 -6.07 13.20 -7.71
N ASP A 45 -6.56 11.97 -7.56
CA ASP A 45 -7.23 11.22 -8.64
C ASP A 45 -7.92 10.01 -8.03
N LYS A 46 -9.00 9.51 -8.68
CA LYS A 46 -9.84 8.39 -8.16
C LYS A 46 -9.04 7.10 -7.87
N ASN A 47 -7.79 7.03 -8.36
CA ASN A 47 -6.84 5.93 -8.08
C ASN A 47 -5.90 6.29 -6.90
N ALA A 48 -6.36 7.14 -5.97
CA ALA A 48 -5.57 7.53 -4.78
C ALA A 48 -5.74 6.51 -3.65
N ILE A 49 -4.62 6.15 -3.02
CA ILE A 49 -4.60 5.26 -1.83
C ILE A 49 -4.07 6.03 -0.63
N LYS A 50 -4.86 6.05 0.44
CA LYS A 50 -4.44 6.57 1.75
C LYS A 50 -3.65 5.49 2.51
N VAL A 51 -2.73 5.96 3.34
CA VAL A 51 -1.95 5.13 4.25
C VAL A 51 -2.57 5.28 5.65
N ASN A 52 -3.20 4.20 6.12
CA ASN A 52 -3.72 4.09 7.49
C ASN A 52 -2.63 3.50 8.38
N ASN A 53 -2.79 3.54 9.71
CA ASN A 53 -1.79 2.97 10.65
C ASN A 53 -2.33 1.67 11.28
N VAL A 54 -1.68 1.21 12.37
CA VAL A 54 -2.12 0.05 13.18
C VAL A 54 -3.54 0.25 13.76
N ASN A 55 -3.88 1.52 14.05
CA ASN A 55 -5.20 1.91 14.62
C ASN A 55 -6.27 2.05 13.50
N GLY A 56 -5.81 2.05 12.23
CA GLY A 56 -6.70 2.15 11.06
C GLY A 56 -7.05 3.59 10.70
N ASN A 57 -6.44 4.54 11.40
CA ASN A 57 -6.62 5.98 11.16
C ASN A 57 -5.77 6.42 9.97
N GLN A 58 -6.38 7.19 9.05
CA GLN A 58 -5.71 7.77 7.89
C GLN A 58 -4.57 8.73 8.32
N VAL A 59 -3.36 8.17 8.41
CA VAL A 59 -2.17 8.92 8.85
C VAL A 59 -1.41 9.51 7.67
N GLY A 60 -1.89 9.27 6.43
CA GLY A 60 -1.29 9.86 5.23
C GLY A 60 -1.86 9.33 3.93
N HIS A 61 -1.08 9.49 2.86
CA HIS A 61 -1.33 8.91 1.53
C HIS A 61 0.01 8.49 0.94
N LEU A 62 0.03 7.45 0.08
CA LEU A 62 1.30 6.90 -0.43
C LEU A 62 1.92 7.89 -1.43
N LYS A 63 1.10 8.25 -2.43
CA LYS A 63 1.49 9.04 -3.63
C LYS A 63 0.22 9.26 -4.48
N LYS A 64 0.39 9.94 -5.62
CA LYS A 64 -0.62 9.90 -6.70
C LYS A 64 -0.41 8.62 -7.53
N GLU A 65 0.79 8.52 -8.14
CA GLU A 65 1.06 7.59 -9.25
C GLU A 65 1.36 6.16 -8.77
N LEU A 66 2.12 6.03 -7.66
CA LEU A 66 2.47 4.72 -7.07
C LEU A 66 1.19 4.07 -6.54
N ALA A 67 0.41 4.89 -5.83
CA ALA A 67 -0.93 4.54 -5.35
C ALA A 67 -1.87 4.20 -6.52
N GLY A 68 -1.64 4.85 -7.68
CA GLY A 68 -2.43 4.63 -8.90
C GLY A 68 -2.36 3.20 -9.45
N ALA A 69 -1.13 2.63 -9.46
CA ALA A 69 -0.91 1.24 -9.90
C ALA A 69 -1.55 0.26 -8.91
N LEU A 70 -1.28 0.49 -7.62
CA LEU A 70 -1.78 -0.35 -6.51
C LEU A 70 -3.30 -0.20 -6.31
N ALA A 71 -3.87 0.90 -6.86
CA ALA A 71 -5.31 1.22 -6.76
C ALA A 71 -6.18 0.21 -7.47
N TYR A 72 -5.69 -0.28 -8.62
CA TYR A 72 -6.42 -1.29 -9.43
C TYR A 72 -6.41 -2.64 -8.68
N ILE A 73 -5.31 -2.89 -7.94
CA ILE A 73 -5.15 -4.09 -7.09
C ILE A 73 -6.13 -4.04 -5.89
N MET A 74 -6.33 -2.83 -5.37
CA MET A 74 -7.16 -2.58 -4.16
C MET A 74 -8.66 -2.58 -4.52
N ASP A 75 -8.98 -1.89 -5.63
CA ASP A 75 -10.36 -1.64 -6.09
C ASP A 75 -10.97 -2.92 -6.67
N ASN A 76 -10.21 -3.61 -7.52
CA ASN A 76 -10.66 -4.87 -8.16
C ASN A 76 -10.35 -6.10 -7.29
N LYS A 77 -9.86 -5.83 -6.05
CA LYS A 77 -9.69 -6.84 -4.98
C LYS A 77 -8.72 -7.97 -5.40
N LEU A 78 -7.71 -7.60 -6.23
CA LEU A 78 -6.69 -8.52 -6.73
C LEU A 78 -5.83 -9.03 -5.56
N ALA A 79 -5.46 -8.10 -4.66
CA ALA A 79 -4.74 -8.40 -3.42
C ALA A 79 -4.95 -7.29 -2.38
N GLN A 80 -4.88 -7.64 -1.10
CA GLN A 80 -4.83 -6.68 0.01
C GLN A 80 -3.37 -6.29 0.23
N ILE A 81 -3.11 -4.99 0.33
CA ILE A 81 -1.74 -4.48 0.51
C ILE A 81 -1.62 -3.83 1.89
N GLU A 82 -0.82 -4.46 2.75
CA GLU A 82 -0.41 -3.91 4.05
C GLU A 82 1.03 -3.38 3.93
N GLY A 83 1.56 -2.83 5.02
CA GLY A 83 2.92 -2.31 5.06
C GLY A 83 3.50 -2.32 6.45
N VAL A 84 4.83 -2.16 6.53
CA VAL A 84 5.59 -2.06 7.79
C VAL A 84 6.74 -1.07 7.57
N VAL A 85 6.94 -0.15 8.53
CA VAL A 85 8.11 0.74 8.55
C VAL A 85 8.99 0.39 9.77
N PRO A 86 9.96 -0.57 9.60
CA PRO A 86 10.84 -1.03 10.70
C PRO A 86 11.99 -0.04 11.01
N PHE A 87 12.34 0.79 10.01
CA PHE A 87 13.45 1.76 10.14
C PHE A 87 12.96 3.04 10.85
N GLY A 88 11.66 3.34 10.70
CA GLY A 88 11.03 4.50 11.35
C GLY A 88 11.35 5.84 10.72
N ALA A 89 12.09 5.83 9.58
CA ALA A 89 12.57 7.06 8.90
C ALA A 89 11.41 7.86 8.23
N ASN A 90 10.20 7.24 8.20
CA ASN A 90 8.97 7.86 7.62
C ASN A 90 8.45 9.06 8.43
N ASN A 91 8.89 9.15 9.70
CA ASN A 91 8.36 10.14 10.65
C ASN A 91 8.93 11.55 10.35
N ALA A 92 10.26 11.63 10.25
CA ALA A 92 10.95 12.91 10.00
C ALA A 92 11.20 13.13 8.51
N PHE A 93 11.45 12.02 7.78
CA PHE A 93 11.83 12.05 6.35
C PHE A 93 10.77 11.34 5.49
N THR A 94 10.94 11.41 4.16
CA THR A 94 10.13 10.66 3.19
C THR A 94 10.92 9.39 2.78
N MET A 95 10.44 8.21 3.19
CA MET A 95 11.14 6.93 2.94
C MET A 95 10.21 5.92 2.23
N PRO A 96 10.80 4.89 1.54
CA PRO A 96 10.07 3.69 1.12
C PRO A 96 9.98 2.67 2.28
N LEU A 97 8.76 2.24 2.61
CA LEU A 97 8.54 1.20 3.61
C LEU A 97 8.03 -0.07 2.91
N HIS A 98 8.26 -1.23 3.55
CA HIS A 98 8.00 -2.55 2.94
C HIS A 98 6.49 -2.84 2.91
N MET A 99 5.90 -2.86 1.71
CA MET A 99 4.45 -3.07 1.49
C MET A 99 4.21 -4.44 0.85
N THR A 100 3.51 -5.32 1.57
CA THR A 100 3.40 -6.75 1.25
C THR A 100 1.99 -7.06 0.72
N PHE A 101 1.96 -7.85 -0.37
CA PHE A 101 0.75 -8.20 -1.11
C PHE A 101 0.23 -9.57 -0.66
N TRP A 102 -0.99 -9.61 -0.11
CA TRP A 102 -1.63 -10.83 0.39
C TRP A 102 -2.97 -10.99 -0.34
N GLY A 103 -3.01 -11.91 -1.31
CA GLY A 103 -4.19 -12.13 -2.13
C GLY A 103 -4.16 -13.47 -2.81
N LYS A 104 -5.28 -13.85 -3.42
CA LYS A 104 -5.43 -15.15 -4.08
C LYS A 104 -4.45 -15.32 -5.26
N GLU A 105 -3.86 -16.53 -5.35
CA GLU A 105 -2.83 -16.92 -6.35
C GLU A 105 -3.26 -16.64 -7.80
N GLU A 106 -4.57 -16.73 -8.05
CA GLU A 106 -5.15 -16.53 -9.40
C GLU A 106 -5.07 -15.06 -9.88
N ASN A 107 -4.68 -14.14 -8.98
CA ASN A 107 -4.54 -12.70 -9.30
C ASN A 107 -3.08 -12.23 -9.29
N ARG A 108 -2.09 -13.13 -9.09
CA ARG A 108 -0.65 -12.73 -9.00
C ARG A 108 -0.17 -12.04 -10.30
N LYS A 109 -0.71 -12.49 -11.45
CA LYS A 109 -0.38 -11.94 -12.78
C LYS A 109 -0.97 -10.54 -12.95
N ALA A 110 -2.14 -10.31 -12.34
CA ALA A 110 -2.87 -9.03 -12.40
C ALA A 110 -2.22 -7.99 -11.49
N VAL A 111 -1.77 -8.45 -10.32
CA VAL A 111 -1.03 -7.64 -9.33
C VAL A 111 0.31 -7.18 -9.91
N SER A 112 1.04 -8.14 -10.52
CA SER A 112 2.34 -7.88 -11.16
C SER A 112 2.16 -7.01 -12.42
N ASP A 113 0.99 -7.14 -13.10
CA ASP A 113 0.69 -6.39 -14.35
C ASP A 113 0.70 -4.87 -14.10
N GLN A 114 0.09 -4.47 -12.98
CA GLN A 114 -0.04 -3.05 -12.58
C GLN A 114 1.35 -2.43 -12.34
N LEU A 115 2.24 -3.26 -11.76
CA LEU A 115 3.62 -2.89 -11.46
C LEU A 115 4.45 -2.79 -12.76
N LYS A 116 4.33 -3.81 -13.63
CA LYS A 116 5.06 -3.92 -14.91
C LYS A 116 4.62 -2.82 -15.91
N LYS A 117 3.39 -2.34 -15.73
CA LYS A 117 2.77 -1.34 -16.61
C LYS A 117 3.49 0.02 -16.51
N HIS A 118 3.79 0.43 -15.26
CA HIS A 118 4.44 1.74 -14.98
C HIS A 118 5.90 1.54 -14.49
N GLY A 119 6.37 0.28 -14.48
CA GLY A 119 7.76 -0.04 -14.17
C GLY A 119 8.10 -0.07 -12.68
N PHE A 120 7.07 -0.22 -11.82
CA PHE A 120 7.25 -0.41 -10.37
C PHE A 120 7.71 -1.85 -10.06
N LYS A 121 8.63 -1.98 -9.11
CA LYS A 121 9.12 -3.29 -8.62
C LYS A 121 9.96 -3.05 -7.37
N LEU A 122 9.90 -4.00 -6.42
CA LEU A 122 10.72 -3.98 -5.19
C LEU A 122 12.23 -3.95 -5.55
N GLY A 1 -14.59 -17.56 1.93
CA GLY A 1 -14.48 -18.73 2.84
C GLY A 1 -13.03 -19.14 3.08
N SER A 2 -12.85 -20.23 3.84
CA SER A 2 -11.54 -20.74 4.26
C SER A 2 -10.69 -21.17 3.04
N ASP A 3 -11.31 -21.86 2.07
CA ASP A 3 -10.61 -22.38 0.86
C ASP A 3 -9.96 -21.25 0.05
N GLU A 4 -10.65 -20.11 -0.02
CA GLU A 4 -10.21 -18.92 -0.78
C GLU A 4 -8.95 -18.30 -0.15
N GLU A 5 -9.00 -18.11 1.18
CA GLU A 5 -7.92 -17.40 1.91
C GLU A 5 -6.69 -18.30 2.14
N VAL A 6 -6.88 -19.63 2.10
CA VAL A 6 -5.78 -20.62 2.12
C VAL A 6 -5.17 -20.75 0.71
N ASP A 7 -5.99 -20.47 -0.31
CA ASP A 7 -5.55 -20.37 -1.73
C ASP A 7 -4.76 -19.05 -1.97
N SER A 8 -4.92 -18.09 -1.04
CA SER A 8 -4.10 -16.86 -1.03
C SER A 8 -2.66 -17.20 -0.61
N VAL A 9 -1.68 -16.46 -1.19
CA VAL A 9 -0.22 -16.70 -1.03
C VAL A 9 0.52 -15.36 -0.92
N LEU A 10 1.75 -15.40 -0.38
CA LEU A 10 2.66 -14.25 -0.35
C LEU A 10 3.32 -14.13 -1.75
N PHE A 11 2.97 -13.08 -2.50
CA PHE A 11 3.53 -12.84 -3.86
C PHE A 11 4.97 -12.35 -3.77
N GLY A 12 5.22 -11.50 -2.77
CA GLY A 12 6.49 -10.77 -2.66
C GLY A 12 6.27 -9.42 -2.00
N SER A 13 7.29 -8.54 -2.09
CA SER A 13 7.28 -7.24 -1.42
C SER A 13 7.17 -6.08 -2.42
N LEU A 14 7.12 -4.85 -1.89
CA LEU A 14 7.14 -3.62 -2.67
C LEU A 14 7.78 -2.49 -1.85
N ARG A 15 8.48 -1.59 -2.55
CA ARG A 15 9.07 -0.38 -1.96
C ARG A 15 8.09 0.80 -2.11
N GLY A 16 7.27 1.02 -1.07
CA GLY A 16 6.22 2.04 -1.10
C GLY A 16 6.72 3.42 -0.72
N HIS A 17 6.92 4.30 -1.72
CA HIS A 17 7.33 5.68 -1.48
C HIS A 17 6.12 6.52 -1.04
N VAL A 18 6.07 6.84 0.26
CA VAL A 18 5.06 7.76 0.82
C VAL A 18 5.61 9.20 0.75
N VAL A 19 4.72 10.19 0.55
CA VAL A 19 5.11 11.61 0.40
C VAL A 19 5.36 12.30 1.76
N GLY A 20 5.96 13.50 1.68
CA GLY A 20 6.32 14.31 2.86
C GLY A 20 5.14 14.81 3.66
N LEU A 21 3.96 14.83 3.02
CA LEU A 21 2.68 15.20 3.68
C LEU A 21 2.37 14.25 4.86
N ARG A 22 3.03 13.08 4.90
CA ARG A 22 2.83 12.05 5.93
C ARG A 22 3.06 12.58 7.37
N TYR A 23 4.11 13.41 7.60
CA TYR A 23 4.40 13.95 8.95
C TYR A 23 3.41 15.07 9.34
N TYR A 24 2.72 15.61 8.34
CA TYR A 24 1.58 16.52 8.52
C TYR A 24 0.28 15.72 8.78
N THR A 25 0.21 14.49 8.22
CA THR A 25 -0.98 13.63 8.29
C THR A 25 -1.13 13.00 9.69
N GLY A 26 0.00 12.80 10.40
CA GLY A 26 -0.05 12.12 11.71
C GLY A 26 0.72 10.82 11.75
N VAL A 27 2.02 10.88 11.35
CA VAL A 27 2.99 9.73 11.36
C VAL A 27 2.92 8.81 12.61
N VAL A 28 3.63 7.68 12.47
CA VAL A 28 3.67 6.60 13.48
C VAL A 28 5.09 6.44 14.05
N ASN A 29 5.23 5.46 14.97
CA ASN A 29 6.51 5.07 15.58
C ASN A 29 7.37 4.26 14.60
N ASN A 30 8.42 3.62 15.12
CA ASN A 30 9.29 2.71 14.34
C ASN A 30 8.61 1.34 14.15
N ASN A 31 8.78 0.76 12.95
CA ASN A 31 8.41 -0.63 12.62
C ASN A 31 6.89 -0.91 12.84
N GLU A 32 6.08 0.13 12.61
CA GLU A 32 4.62 0.04 12.73
C GLU A 32 3.99 -0.53 11.46
N MET A 33 2.97 -1.37 11.65
CA MET A 33 2.20 -1.94 10.53
C MET A 33 1.05 -0.98 10.19
N VAL A 34 0.77 -0.86 8.90
CA VAL A 34 -0.21 0.08 8.37
C VAL A 34 -1.13 -0.63 7.36
N ALA A 35 -2.37 -0.14 7.26
CA ALA A 35 -3.38 -0.63 6.33
C ALA A 35 -3.59 0.39 5.20
N LEU A 36 -4.10 -0.07 4.06
CA LEU A 36 -4.34 0.76 2.89
C LEU A 36 -5.85 0.87 2.62
N GLN A 37 -6.27 2.04 2.11
CA GLN A 37 -7.64 2.28 1.62
C GLN A 37 -7.58 3.42 0.61
N ARG A 38 -8.18 3.23 -0.58
CA ARG A 38 -8.10 4.22 -1.67
C ARG A 38 -8.83 5.53 -1.30
N ASP A 39 -8.29 6.65 -1.77
CA ASP A 39 -8.77 7.98 -1.47
C ASP A 39 -9.65 8.47 -2.65
N PRO A 40 -11.02 8.52 -2.48
CA PRO A 40 -11.95 8.95 -3.55
C PRO A 40 -12.08 10.48 -3.64
N ASN A 41 -11.33 11.22 -2.81
CA ASN A 41 -11.46 12.68 -2.65
C ASN A 41 -10.15 13.41 -3.03
N ASN A 42 -9.04 12.65 -3.21
CA ASN A 42 -7.73 13.22 -3.55
C ASN A 42 -7.79 13.92 -4.94
N PRO A 43 -7.47 15.27 -5.04
CA PRO A 43 -7.72 16.10 -6.25
C PRO A 43 -7.03 15.60 -7.53
N TYR A 44 -5.99 14.77 -7.34
CA TYR A 44 -5.19 14.22 -8.44
C TYR A 44 -5.98 13.17 -9.21
N ASP A 45 -6.56 12.20 -8.46
CA ASP A 45 -7.31 11.05 -9.02
C ASP A 45 -7.78 10.12 -7.91
N LYS A 46 -8.83 9.37 -8.25
CA LYS A 46 -9.45 8.34 -7.40
C LYS A 46 -8.48 7.17 -7.10
N ASN A 47 -7.47 6.99 -7.99
CA ASN A 47 -6.47 5.91 -7.88
C ASN A 47 -5.42 6.18 -6.80
N ALA A 48 -5.50 7.34 -6.14
CA ALA A 48 -4.71 7.63 -4.94
C ALA A 48 -5.19 6.74 -3.77
N ILE A 49 -4.31 6.55 -2.77
CA ILE A 49 -4.59 5.72 -1.57
C ILE A 49 -4.16 6.49 -0.31
N LYS A 50 -5.10 6.62 0.63
CA LYS A 50 -4.83 7.07 1.99
C LYS A 50 -4.32 5.88 2.83
N VAL A 51 -3.25 6.11 3.59
CA VAL A 51 -2.69 5.09 4.49
C VAL A 51 -3.18 5.35 5.92
N ASN A 52 -3.60 4.29 6.60
CA ASN A 52 -3.96 4.29 8.04
C ASN A 52 -3.05 3.27 8.74
N ASN A 53 -3.05 3.19 10.08
CA ASN A 53 -2.21 2.21 10.81
C ASN A 53 -3.11 1.11 11.41
N VAL A 54 -2.54 0.25 12.28
CA VAL A 54 -3.28 -0.86 12.94
C VAL A 54 -4.47 -0.37 13.81
N ASN A 55 -4.33 0.86 14.36
CA ASN A 55 -5.39 1.52 15.16
C ASN A 55 -6.48 2.13 14.26
N GLY A 56 -6.22 2.21 12.95
CA GLY A 56 -7.19 2.73 11.98
C GLY A 56 -7.05 4.24 11.73
N ASN A 57 -6.11 4.87 12.45
CA ASN A 57 -5.81 6.31 12.33
C ASN A 57 -5.04 6.57 11.02
N GLN A 58 -5.52 7.53 10.21
CA GLN A 58 -4.86 7.95 8.96
C GLN A 58 -3.48 8.56 9.26
N VAL A 59 -2.42 7.87 8.78
CA VAL A 59 -1.02 8.19 9.12
C VAL A 59 -0.15 8.39 7.86
N GLY A 60 -0.79 8.52 6.67
CA GLY A 60 -0.03 8.76 5.42
C GLY A 60 -0.90 8.81 4.17
N HIS A 61 -0.22 8.82 3.01
CA HIS A 61 -0.85 8.88 1.69
C HIS A 61 0.20 8.52 0.60
N LEU A 62 -0.09 7.48 -0.23
CA LEU A 62 0.84 6.94 -1.26
C LEU A 62 0.85 7.79 -2.56
N LYS A 63 0.17 8.95 -2.54
CA LYS A 63 0.08 9.90 -3.67
C LYS A 63 -0.66 9.22 -4.87
N LYS A 64 -0.44 9.69 -6.11
CA LYS A 64 -0.92 8.99 -7.31
C LYS A 64 0.00 7.82 -7.66
N GLU A 65 1.31 8.08 -7.69
CA GLU A 65 2.30 7.20 -8.36
C GLU A 65 2.22 5.74 -7.86
N LEU A 66 2.45 5.56 -6.55
CA LEU A 66 2.53 4.23 -5.91
C LEU A 66 1.13 3.62 -5.84
N ALA A 67 0.20 4.45 -5.40
CA ALA A 67 -1.19 4.09 -5.16
C ALA A 67 -1.93 3.69 -6.45
N GLY A 68 -1.51 4.27 -7.59
CA GLY A 68 -2.20 4.10 -8.87
C GLY A 68 -2.15 2.67 -9.38
N ALA A 69 -1.01 2.01 -9.11
CA ALA A 69 -0.83 0.58 -9.37
C ALA A 69 -1.73 -0.23 -8.42
N LEU A 70 -1.62 0.10 -7.13
CA LEU A 70 -2.28 -0.63 -6.04
C LEU A 70 -3.81 -0.40 -6.01
N ALA A 71 -4.28 0.63 -6.73
CA ALA A 71 -5.70 1.05 -6.77
C ALA A 71 -6.60 0.02 -7.46
N TYR A 72 -6.10 -0.60 -8.54
CA TYR A 72 -6.83 -1.66 -9.27
C TYR A 72 -6.81 -2.96 -8.44
N ILE A 73 -5.71 -3.18 -7.71
CA ILE A 73 -5.56 -4.31 -6.77
C ILE A 73 -6.53 -4.13 -5.56
N MET A 74 -6.74 -2.87 -5.20
CA MET A 74 -7.64 -2.43 -4.10
C MET A 74 -9.10 -2.58 -4.52
N ASP A 75 -9.39 -2.16 -5.77
CA ASP A 75 -10.75 -2.09 -6.31
C ASP A 75 -11.29 -3.50 -6.59
N ASN A 76 -10.48 -4.29 -7.29
CA ASN A 76 -10.86 -5.63 -7.77
C ASN A 76 -10.49 -6.73 -6.76
N LYS A 77 -9.93 -6.29 -5.58
CA LYS A 77 -9.61 -7.17 -4.42
C LYS A 77 -8.70 -8.34 -4.83
N LEU A 78 -7.67 -8.00 -5.63
CA LEU A 78 -6.73 -8.98 -6.21
C LEU A 78 -5.82 -9.57 -5.12
N ALA A 79 -5.36 -8.71 -4.20
CA ALA A 79 -4.48 -9.11 -3.09
C ALA A 79 -4.57 -8.12 -1.92
N GLN A 80 -4.59 -8.67 -0.70
CA GLN A 80 -4.48 -7.91 0.54
C GLN A 80 -3.06 -7.35 0.69
N ILE A 81 -2.93 -6.02 0.61
CA ILE A 81 -1.64 -5.34 0.69
C ILE A 81 -1.43 -4.80 2.11
N GLU A 82 -0.37 -5.25 2.77
CA GLU A 82 0.06 -4.69 4.06
C GLU A 82 1.23 -3.71 3.83
N GLY A 83 1.55 -2.92 4.86
CA GLY A 83 2.74 -2.07 4.86
C GLY A 83 3.38 -2.04 6.23
N VAL A 84 4.70 -1.86 6.29
CA VAL A 84 5.48 -1.77 7.54
C VAL A 84 6.56 -0.70 7.34
N VAL A 85 6.50 0.38 8.12
CA VAL A 85 7.50 1.47 8.06
C VAL A 85 8.58 1.23 9.14
N PRO A 86 9.72 0.53 8.79
CA PRO A 86 10.64 -0.08 9.77
C PRO A 86 11.43 0.96 10.59
N PHE A 87 12.12 1.86 9.88
CA PHE A 87 13.07 2.82 10.49
C PHE A 87 12.34 3.97 11.22
N GLY A 88 11.11 4.27 10.76
CA GLY A 88 10.33 5.39 11.31
C GLY A 88 10.85 6.76 10.88
N ALA A 89 11.64 6.77 9.77
CA ALA A 89 12.22 8.00 9.18
C ALA A 89 11.15 8.88 8.46
N ASN A 90 9.90 8.36 8.45
CA ASN A 90 8.71 9.00 7.83
C ASN A 90 8.33 10.36 8.46
N ASN A 91 8.82 10.60 9.69
CA ASN A 91 8.55 11.85 10.43
C ASN A 91 9.50 12.97 9.96
N ALA A 92 10.79 12.61 9.76
CA ALA A 92 11.83 13.57 9.34
C ALA A 92 11.67 13.90 7.85
N PHE A 93 11.73 12.86 7.01
CA PHE A 93 11.72 12.99 5.53
C PHE A 93 10.81 11.91 4.91
N THR A 94 10.96 11.67 3.58
CA THR A 94 10.19 10.65 2.86
C THR A 94 11.03 9.37 2.80
N MET A 95 10.44 8.25 3.23
CA MET A 95 11.10 6.94 3.23
C MET A 95 10.19 5.90 2.55
N PRO A 96 10.77 4.83 1.93
CA PRO A 96 10.00 3.67 1.50
C PRO A 96 9.63 2.79 2.71
N LEU A 97 8.39 2.27 2.72
CA LEU A 97 7.98 1.28 3.73
C LEU A 97 7.91 -0.09 3.04
N HIS A 98 8.27 -1.14 3.79
CA HIS A 98 8.19 -2.52 3.30
C HIS A 98 6.72 -2.92 3.17
N MET A 99 6.26 -3.08 1.93
CA MET A 99 4.89 -3.52 1.62
C MET A 99 4.96 -5.00 1.21
N THR A 100 3.84 -5.72 1.30
CA THR A 100 3.79 -7.15 0.93
C THR A 100 2.36 -7.50 0.45
N PHE A 101 2.30 -8.33 -0.61
CA PHE A 101 1.04 -8.73 -1.26
C PHE A 101 0.64 -10.15 -0.82
N TRP A 102 -0.64 -10.31 -0.45
CA TRP A 102 -1.22 -11.58 0.01
C TRP A 102 -2.53 -11.84 -0.74
N GLY A 103 -2.46 -12.71 -1.76
CA GLY A 103 -3.61 -13.00 -2.61
C GLY A 103 -3.41 -14.28 -3.39
N LYS A 104 -4.46 -14.77 -4.04
CA LYS A 104 -4.43 -16.03 -4.78
C LYS A 104 -3.56 -15.92 -6.06
N GLU A 105 -2.89 -17.03 -6.41
CA GLU A 105 -1.90 -17.09 -7.50
C GLU A 105 -2.49 -16.71 -8.87
N GLU A 106 -3.79 -16.95 -9.07
CA GLU A 106 -4.51 -16.61 -10.32
C GLU A 106 -4.68 -15.07 -10.48
N ASN A 107 -4.62 -14.33 -9.36
CA ASN A 107 -4.66 -12.85 -9.36
C ASN A 107 -3.25 -12.24 -9.49
N ARG A 108 -2.18 -13.07 -9.40
CA ARG A 108 -0.78 -12.56 -9.41
C ARG A 108 -0.47 -11.88 -10.75
N LYS A 109 -1.10 -12.36 -11.84
CA LYS A 109 -0.91 -11.77 -13.19
C LYS A 109 -1.46 -10.34 -13.23
N ALA A 110 -2.55 -10.11 -12.48
CA ALA A 110 -3.25 -8.82 -12.44
C ALA A 110 -2.56 -7.86 -11.45
N VAL A 111 -2.00 -8.42 -10.37
CA VAL A 111 -1.22 -7.64 -9.36
C VAL A 111 0.10 -7.15 -9.98
N SER A 112 0.82 -8.09 -10.62
CA SER A 112 2.09 -7.82 -11.31
C SER A 112 1.87 -6.91 -12.53
N ASP A 113 0.67 -7.01 -13.14
CA ASP A 113 0.26 -6.15 -14.27
C ASP A 113 0.34 -4.67 -13.87
N GLN A 114 -0.17 -4.41 -12.66
CA GLN A 114 -0.26 -3.06 -12.08
C GLN A 114 1.12 -2.52 -11.69
N LEU A 115 1.97 -3.42 -11.16
CA LEU A 115 3.35 -3.07 -10.78
C LEU A 115 4.13 -2.64 -12.04
N LYS A 116 4.16 -3.53 -13.04
CA LYS A 116 4.84 -3.31 -14.34
C LYS A 116 4.22 -2.14 -15.14
N LYS A 117 2.95 -1.82 -14.84
CA LYS A 117 2.20 -0.72 -15.48
C LYS A 117 2.85 0.64 -15.19
N HIS A 118 3.31 0.80 -13.94
CA HIS A 118 3.98 2.05 -13.49
C HIS A 118 5.50 1.80 -13.30
N GLY A 119 5.96 0.55 -13.53
CA GLY A 119 7.39 0.21 -13.48
C GLY A 119 7.90 -0.18 -12.09
N PHE A 120 6.97 -0.48 -11.17
CA PHE A 120 7.29 -0.93 -9.79
C PHE A 120 7.76 -2.38 -9.76
N LYS A 121 8.43 -2.72 -8.64
CA LYS A 121 9.12 -3.99 -8.44
C LYS A 121 9.53 -4.07 -6.96
N LEU A 122 9.67 -5.30 -6.44
CA LEU A 122 10.10 -5.56 -5.05
C LEU A 122 11.44 -4.81 -4.67
N GLY A 1 -17.34 -15.88 1.29
CA GLY A 1 -16.19 -16.55 0.68
C GLY A 1 -14.95 -16.49 1.56
N SER A 2 -14.96 -17.24 2.68
CA SER A 2 -13.85 -17.26 3.65
C SER A 2 -12.72 -18.23 3.26
N ASP A 3 -12.89 -18.93 2.13
CA ASP A 3 -11.87 -19.87 1.61
C ASP A 3 -10.82 -19.15 0.76
N GLU A 4 -11.13 -17.90 0.32
CA GLU A 4 -10.25 -17.11 -0.57
C GLU A 4 -8.96 -16.72 0.16
N GLU A 5 -9.08 -16.39 1.45
CA GLU A 5 -7.95 -16.00 2.32
C GLU A 5 -6.99 -17.17 2.57
N VAL A 6 -7.54 -18.41 2.53
CA VAL A 6 -6.76 -19.65 2.65
C VAL A 6 -5.99 -19.90 1.34
N ASP A 7 -6.65 -19.59 0.21
CA ASP A 7 -6.10 -19.76 -1.14
C ASP A 7 -5.08 -18.66 -1.48
N SER A 8 -5.18 -17.52 -0.75
CA SER A 8 -4.24 -16.41 -0.86
C SER A 8 -2.85 -16.82 -0.34
N VAL A 9 -1.82 -16.37 -1.06
CA VAL A 9 -0.42 -16.65 -0.77
C VAL A 9 0.35 -15.32 -0.66
N LEU A 10 1.59 -15.38 -0.18
CA LEU A 10 2.44 -14.19 -0.09
C LEU A 10 3.24 -14.00 -1.40
N PHE A 11 3.14 -12.80 -1.99
CA PHE A 11 3.89 -12.41 -3.18
C PHE A 11 5.25 -11.78 -2.77
N GLY A 12 5.19 -10.90 -1.74
CA GLY A 12 6.38 -10.16 -1.29
C GLY A 12 6.05 -8.72 -0.91
N SER A 13 7.09 -7.95 -0.54
CA SER A 13 6.93 -6.57 -0.07
C SER A 13 7.52 -5.58 -1.09
N LEU A 14 6.66 -4.69 -1.60
CA LEU A 14 7.02 -3.62 -2.52
C LEU A 14 7.71 -2.46 -1.79
N ARG A 15 8.63 -1.79 -2.51
CA ARG A 15 9.24 -0.52 -2.07
C ARG A 15 8.21 0.61 -2.26
N GLY A 16 7.28 0.73 -1.29
CA GLY A 16 6.15 1.63 -1.41
C GLY A 16 6.50 3.07 -1.11
N HIS A 17 6.83 3.85 -2.16
CA HIS A 17 7.21 5.26 -2.00
C HIS A 17 6.00 6.11 -1.61
N VAL A 18 5.81 6.28 -0.30
CA VAL A 18 4.86 7.24 0.28
C VAL A 18 5.62 8.55 0.57
N VAL A 19 5.01 9.71 0.27
CA VAL A 19 5.64 11.04 0.47
C VAL A 19 5.74 11.34 1.99
N GLY A 20 6.82 12.02 2.41
CA GLY A 20 7.10 12.27 3.83
C GLY A 20 6.29 13.41 4.42
N LEU A 21 5.74 14.28 3.54
CA LEU A 21 4.95 15.50 3.92
C LEU A 21 3.80 15.19 4.92
N ARG A 22 3.36 13.91 4.92
CA ARG A 22 2.38 13.33 5.87
C ARG A 22 2.78 13.46 7.37
N TYR A 23 4.01 13.95 7.67
CA TYR A 23 4.49 14.17 9.06
C TYR A 23 3.53 15.05 9.88
N TYR A 24 2.93 16.04 9.18
CA TYR A 24 2.00 17.01 9.76
C TYR A 24 0.62 16.37 10.04
N THR A 25 0.29 15.30 9.27
CA THR A 25 -0.99 14.59 9.38
C THR A 25 -1.02 13.67 10.63
N GLY A 26 0.18 13.30 11.15
CA GLY A 26 0.26 12.47 12.38
C GLY A 26 0.88 11.10 12.16
N VAL A 27 2.05 11.07 11.50
CA VAL A 27 2.86 9.82 11.24
C VAL A 27 3.15 8.98 12.51
N VAL A 28 3.72 7.79 12.26
CA VAL A 28 3.96 6.77 13.29
C VAL A 28 5.47 6.53 13.50
N ASN A 29 5.79 5.65 14.47
CA ASN A 29 7.16 5.33 14.90
C ASN A 29 7.74 4.17 14.04
N ASN A 30 8.84 3.54 14.49
CA ASN A 30 9.41 2.35 13.84
C ASN A 30 8.68 1.07 14.28
N ASN A 31 8.77 0.03 13.43
CA ASN A 31 8.19 -1.33 13.66
C ASN A 31 6.64 -1.31 13.62
N GLU A 32 6.07 -0.19 13.18
CA GLU A 32 4.61 0.01 13.12
C GLU A 32 4.04 -0.58 11.82
N MET A 33 2.79 -1.05 11.90
CA MET A 33 2.07 -1.61 10.75
C MET A 33 0.98 -0.63 10.28
N VAL A 34 0.66 -0.71 8.99
CA VAL A 34 -0.36 0.13 8.34
C VAL A 34 -1.25 -0.73 7.42
N ALA A 35 -2.43 -0.19 7.06
CA ALA A 35 -3.38 -0.80 6.12
C ALA A 35 -3.77 0.22 5.06
N LEU A 36 -4.00 -0.26 3.83
CA LEU A 36 -4.28 0.60 2.67
C LEU A 36 -5.78 0.62 2.37
N GLN A 37 -6.31 1.84 2.11
CA GLN A 37 -7.66 2.05 1.57
C GLN A 37 -7.72 3.44 0.92
N ARG A 38 -8.27 3.51 -0.30
CA ARG A 38 -8.45 4.78 -1.05
C ARG A 38 -9.27 5.81 -0.24
N ASP A 39 -8.93 7.08 -0.45
CA ASP A 39 -9.64 8.22 0.17
C ASP A 39 -10.83 8.63 -0.71
N PRO A 40 -12.09 8.72 -0.14
CA PRO A 40 -13.30 9.15 -0.88
C PRO A 40 -13.21 10.61 -1.37
N ASN A 41 -12.32 11.38 -0.74
CA ASN A 41 -12.02 12.78 -1.10
C ASN A 41 -10.83 12.81 -2.10
N ASN A 42 -10.93 11.94 -3.14
CA ASN A 42 -9.88 11.74 -4.14
C ASN A 42 -9.62 13.03 -4.96
N PRO A 43 -8.36 13.59 -4.93
CA PRO A 43 -8.03 14.85 -5.64
C PRO A 43 -8.05 14.72 -7.18
N TYR A 44 -7.34 13.69 -7.69
CA TYR A 44 -7.16 13.47 -9.15
C TYR A 44 -8.17 12.43 -9.66
N ASP A 45 -8.23 11.28 -8.96
CA ASP A 45 -9.06 10.11 -9.36
C ASP A 45 -9.10 9.12 -8.17
N LYS A 46 -10.04 8.15 -8.22
CA LYS A 46 -10.20 7.08 -7.19
C LYS A 46 -8.91 6.25 -6.96
N ASN A 47 -7.94 6.38 -7.90
CA ASN A 47 -6.62 5.74 -7.80
C ASN A 47 -5.82 6.26 -6.58
N ALA A 48 -6.19 7.47 -6.10
CA ALA A 48 -5.61 8.09 -4.90
C ALA A 48 -5.90 7.22 -3.66
N ILE A 49 -4.86 6.57 -3.13
CA ILE A 49 -4.95 5.67 -1.97
C ILE A 49 -4.31 6.33 -0.76
N LYS A 50 -5.06 6.27 0.34
CA LYS A 50 -4.67 6.79 1.65
C LYS A 50 -4.13 5.64 2.52
N VAL A 51 -3.16 5.96 3.38
CA VAL A 51 -2.55 5.01 4.32
C VAL A 51 -3.02 5.33 5.76
N ASN A 52 -3.60 4.32 6.41
CA ASN A 52 -3.98 4.39 7.83
C ASN A 52 -3.04 3.44 8.60
N ASN A 53 -2.81 3.71 9.88
CA ASN A 53 -1.99 2.81 10.74
C ASN A 53 -2.88 1.77 11.42
N VAL A 54 -2.30 0.98 12.36
CA VAL A 54 -3.06 -0.01 13.17
C VAL A 54 -4.09 0.69 14.08
N ASN A 55 -3.86 1.97 14.40
CA ASN A 55 -4.79 2.78 15.22
C ASN A 55 -5.95 3.34 14.34
N GLY A 56 -5.81 3.22 13.00
CA GLY A 56 -6.85 3.64 12.05
C GLY A 56 -6.76 5.11 11.65
N ASN A 57 -5.77 5.82 12.23
CA ASN A 57 -5.47 7.22 11.92
C ASN A 57 -4.77 7.29 10.55
N GLN A 58 -5.22 8.21 9.69
CA GLN A 58 -4.57 8.50 8.41
C GLN A 58 -3.15 9.06 8.65
N VAL A 59 -2.15 8.22 8.39
CA VAL A 59 -0.73 8.54 8.62
C VAL A 59 0.06 8.61 7.30
N GLY A 60 -0.68 8.63 6.16
CA GLY A 60 -0.05 8.74 4.84
C GLY A 60 -1.01 8.83 3.69
N HIS A 61 -0.43 8.97 2.49
CA HIS A 61 -1.15 9.00 1.21
C HIS A 61 -0.11 8.70 0.09
N LEU A 62 -0.27 7.55 -0.57
CA LEU A 62 0.74 7.00 -1.51
C LEU A 62 0.91 7.83 -2.80
N LYS A 63 -0.04 8.77 -3.05
CA LYS A 63 -0.05 9.66 -4.24
C LYS A 63 -0.36 8.86 -5.52
N LYS A 64 -1.00 9.51 -6.52
CA LYS A 64 -1.40 8.88 -7.82
C LYS A 64 -0.22 8.15 -8.50
N GLU A 65 1.02 8.54 -8.11
CA GLU A 65 2.27 7.92 -8.58
C GLU A 65 2.29 6.41 -8.30
N LEU A 66 2.30 6.06 -7.01
CA LEU A 66 2.37 4.67 -6.55
C LEU A 66 0.95 4.06 -6.50
N ALA A 67 0.05 4.81 -5.86
CA ALA A 67 -1.35 4.43 -5.65
C ALA A 67 -2.09 4.21 -6.98
N GLY A 68 -1.61 4.85 -8.05
CA GLY A 68 -2.15 4.66 -9.40
C GLY A 68 -2.00 3.24 -9.92
N ALA A 69 -0.88 2.59 -9.54
CA ALA A 69 -0.61 1.17 -9.87
C ALA A 69 -1.43 0.26 -8.94
N LEU A 70 -1.41 0.59 -7.64
CA LEU A 70 -2.10 -0.20 -6.58
C LEU A 70 -3.64 -0.08 -6.68
N ALA A 71 -4.11 0.95 -7.43
CA ALA A 71 -5.53 1.26 -7.65
C ALA A 71 -6.32 0.03 -8.14
N TYR A 72 -5.84 -0.58 -9.22
CA TYR A 72 -6.49 -1.73 -9.87
C TYR A 72 -6.43 -2.99 -8.97
N ILE A 73 -5.34 -3.09 -8.19
CA ILE A 73 -5.12 -4.22 -7.25
C ILE A 73 -6.12 -4.17 -6.07
N MET A 74 -6.42 -2.94 -5.61
CA MET A 74 -7.36 -2.68 -4.51
C MET A 74 -8.81 -2.74 -5.01
N ASP A 75 -9.06 -2.12 -6.15
CA ASP A 75 -10.42 -1.93 -6.72
C ASP A 75 -11.01 -3.27 -7.16
N ASN A 76 -10.19 -4.06 -7.87
CA ASN A 76 -10.59 -5.38 -8.40
C ASN A 76 -10.24 -6.50 -7.41
N LYS A 77 -9.66 -6.12 -6.25
CA LYS A 77 -9.41 -7.02 -5.09
C LYS A 77 -8.46 -8.17 -5.46
N LEU A 78 -7.45 -7.86 -6.29
CA LEU A 78 -6.45 -8.83 -6.78
C LEU A 78 -5.58 -9.37 -5.62
N ALA A 79 -5.17 -8.45 -4.72
CA ALA A 79 -4.38 -8.78 -3.53
C ALA A 79 -4.62 -7.75 -2.41
N GLN A 80 -4.75 -8.26 -1.18
CA GLN A 80 -4.84 -7.46 0.04
C GLN A 80 -3.43 -6.96 0.40
N ILE A 81 -3.24 -5.64 0.39
CA ILE A 81 -1.94 -5.03 0.67
C ILE A 81 -1.92 -4.47 2.10
N GLU A 82 -0.95 -4.94 2.89
CA GLU A 82 -0.60 -4.39 4.21
C GLU A 82 0.72 -3.63 4.08
N GLY A 83 1.20 -3.02 5.17
CA GLY A 83 2.49 -2.32 5.15
C GLY A 83 3.15 -2.31 6.51
N VAL A 84 4.49 -2.19 6.53
CA VAL A 84 5.30 -2.08 7.76
C VAL A 84 6.44 -1.09 7.49
N VAL A 85 6.76 -0.26 8.50
CA VAL A 85 7.89 0.68 8.47
C VAL A 85 8.84 0.40 9.66
N PRO A 86 9.81 -0.57 9.51
CA PRO A 86 10.72 -1.01 10.61
C PRO A 86 11.78 0.03 11.00
N PHE A 87 12.10 0.95 10.07
CA PHE A 87 13.16 1.97 10.25
C PHE A 87 12.59 3.26 10.89
N GLY A 88 11.29 3.51 10.63
CA GLY A 88 10.56 4.61 11.28
C GLY A 88 11.05 6.02 10.96
N ALA A 89 11.52 6.22 9.73
CA ALA A 89 11.97 7.55 9.25
C ALA A 89 10.78 8.42 8.78
N ASN A 90 9.52 7.98 9.10
CA ASN A 90 8.26 8.68 8.73
C ASN A 90 8.27 10.16 9.16
N ASN A 91 8.86 10.39 10.35
CA ASN A 91 8.88 11.70 11.03
C ASN A 91 9.79 12.70 10.31
N ALA A 92 10.99 12.23 9.93
CA ALA A 92 12.09 13.10 9.44
C ALA A 92 12.12 13.18 7.90
N PHE A 93 12.16 12.03 7.23
CA PHE A 93 12.41 11.94 5.77
C PHE A 93 11.25 11.20 5.07
N THR A 94 11.26 11.21 3.72
CA THR A 94 10.30 10.47 2.89
C THR A 94 10.93 9.13 2.50
N MET A 95 10.40 8.05 3.08
CA MET A 95 10.95 6.70 2.95
C MET A 95 9.92 5.76 2.30
N PRO A 96 10.33 4.92 1.30
CA PRO A 96 9.53 3.77 0.85
C PRO A 96 9.40 2.73 1.99
N LEU A 97 8.15 2.39 2.35
CA LEU A 97 7.87 1.37 3.39
C LEU A 97 7.56 0.03 2.71
N HIS A 98 7.76 -1.06 3.44
CA HIS A 98 7.62 -2.42 2.89
C HIS A 98 6.14 -2.81 2.89
N MET A 99 5.54 -2.84 1.68
CA MET A 99 4.08 -3.05 1.49
C MET A 99 3.87 -4.47 0.99
N THR A 100 3.25 -5.31 1.81
CA THR A 100 3.29 -6.76 1.63
C THR A 100 1.96 -7.25 1.01
N PHE A 101 2.05 -7.89 -0.16
CA PHE A 101 0.90 -8.29 -0.98
C PHE A 101 0.52 -9.75 -0.68
N TRP A 102 -0.75 -9.96 -0.30
CA TRP A 102 -1.32 -11.28 0.01
C TRP A 102 -2.55 -11.50 -0.87
N GLY A 103 -2.46 -12.43 -1.82
CA GLY A 103 -3.53 -12.68 -2.78
C GLY A 103 -3.38 -14.02 -3.44
N LYS A 104 -4.43 -14.45 -4.13
CA LYS A 104 -4.47 -15.77 -4.80
C LYS A 104 -3.51 -15.82 -6.02
N GLU A 105 -2.94 -17.02 -6.25
CA GLU A 105 -1.92 -17.26 -7.30
C GLU A 105 -2.46 -17.03 -8.73
N GLU A 106 -3.79 -17.16 -8.91
CA GLU A 106 -4.43 -17.00 -10.23
C GLU A 106 -4.56 -15.51 -10.64
N ASN A 107 -4.35 -14.58 -9.68
CA ASN A 107 -4.45 -13.12 -9.95
C ASN A 107 -3.08 -12.40 -9.86
N ARG A 108 -1.98 -13.16 -9.57
CA ARG A 108 -0.63 -12.55 -9.36
C ARG A 108 -0.07 -11.92 -10.64
N LYS A 109 -0.54 -12.42 -11.80
CA LYS A 109 -0.15 -11.87 -13.11
C LYS A 109 -0.67 -10.43 -13.25
N ALA A 110 -1.87 -10.19 -12.71
CA ALA A 110 -2.55 -8.88 -12.78
C ALA A 110 -1.99 -7.92 -11.73
N VAL A 111 -1.64 -8.46 -10.54
CA VAL A 111 -0.98 -7.71 -9.46
C VAL A 111 0.37 -7.15 -9.96
N SER A 112 1.19 -8.06 -10.51
CA SER A 112 2.52 -7.75 -11.03
C SER A 112 2.44 -6.93 -12.33
N ASP A 113 1.30 -7.04 -13.06
CA ASP A 113 1.04 -6.24 -14.27
C ASP A 113 1.02 -4.76 -13.91
N GLN A 114 0.24 -4.43 -12.86
CA GLN A 114 0.02 -3.04 -12.43
C GLN A 114 1.32 -2.40 -11.90
N LEU A 115 2.10 -3.21 -11.17
CA LEU A 115 3.39 -2.76 -10.59
C LEU A 115 4.39 -2.42 -11.72
N LYS A 116 4.72 -3.46 -12.49
CA LYS A 116 5.73 -3.40 -13.56
C LYS A 116 5.29 -2.51 -14.75
N LYS A 117 3.97 -2.25 -14.85
CA LYS A 117 3.37 -1.30 -15.82
C LYS A 117 4.07 0.05 -15.75
N HIS A 118 4.26 0.53 -14.52
CA HIS A 118 4.90 1.81 -14.25
C HIS A 118 6.41 1.62 -13.93
N GLY A 119 6.77 0.40 -13.47
CA GLY A 119 8.17 0.06 -13.18
C GLY A 119 8.42 -0.29 -11.71
N PHE A 120 7.34 -0.40 -10.92
CA PHE A 120 7.41 -0.87 -9.53
C PHE A 120 7.62 -2.40 -9.51
N LYS A 121 8.42 -2.90 -8.57
CA LYS A 121 8.66 -4.34 -8.41
C LYS A 121 9.15 -4.62 -7.00
N LEU A 122 8.61 -5.70 -6.41
CA LEU A 122 8.97 -6.16 -5.06
C LEU A 122 10.30 -6.97 -5.11
N GLY A 1 -14.13 -18.01 4.86
CA GLY A 1 -13.70 -18.75 6.08
C GLY A 1 -12.25 -19.20 5.99
N SER A 2 -11.97 -20.40 6.54
CA SER A 2 -10.61 -20.98 6.67
C SER A 2 -9.96 -21.28 5.31
N ASP A 3 -10.79 -21.31 4.24
CA ASP A 3 -10.31 -21.43 2.86
C ASP A 3 -9.44 -20.21 2.49
N GLU A 4 -9.98 -19.01 2.76
CA GLU A 4 -9.45 -17.72 2.25
C GLU A 4 -8.05 -17.38 2.80
N GLU A 5 -7.75 -17.79 4.04
CA GLU A 5 -6.43 -17.55 4.66
C GLU A 5 -5.34 -18.43 4.00
N VAL A 6 -5.72 -19.67 3.66
CA VAL A 6 -4.84 -20.65 2.98
C VAL A 6 -4.71 -20.28 1.48
N ASP A 7 -5.78 -19.70 0.96
CA ASP A 7 -5.92 -19.23 -0.42
C ASP A 7 -5.04 -17.99 -0.67
N SER A 8 -5.06 -17.04 0.29
CA SER A 8 -4.36 -15.76 0.17
C SER A 8 -2.89 -15.90 0.64
N VAL A 9 -1.95 -15.57 -0.26
CA VAL A 9 -0.50 -15.75 -0.06
C VAL A 9 0.24 -14.41 -0.28
N LEU A 10 1.50 -14.35 0.16
CA LEU A 10 2.40 -13.20 -0.03
C LEU A 10 3.02 -13.32 -1.44
N PHE A 11 2.62 -12.40 -2.36
CA PHE A 11 3.12 -12.37 -3.75
C PHE A 11 4.55 -11.84 -3.82
N GLY A 12 4.82 -10.88 -2.95
CA GLY A 12 6.07 -10.14 -2.99
C GLY A 12 5.99 -8.86 -2.17
N SER A 13 7.11 -8.15 -2.10
CA SER A 13 7.21 -6.88 -1.36
C SER A 13 7.42 -5.71 -2.32
N LEU A 14 6.92 -4.52 -1.94
CA LEU A 14 7.06 -3.28 -2.72
C LEU A 14 7.62 -2.16 -1.84
N ARG A 15 8.42 -1.28 -2.46
CA ARG A 15 8.97 -0.09 -1.81
C ARG A 15 7.95 1.06 -1.92
N GLY A 16 7.06 1.17 -0.92
CA GLY A 16 6.03 2.20 -0.89
C GLY A 16 6.54 3.52 -0.30
N HIS A 17 7.12 4.38 -1.16
CA HIS A 17 7.64 5.70 -0.74
C HIS A 17 6.48 6.69 -0.59
N VAL A 18 6.06 6.92 0.67
CA VAL A 18 5.02 7.91 0.99
C VAL A 18 5.60 9.33 0.90
N VAL A 19 4.80 10.29 0.40
CA VAL A 19 5.21 11.71 0.20
C VAL A 19 5.64 12.37 1.52
N GLY A 20 6.52 13.40 1.43
CA GLY A 20 7.03 14.11 2.61
C GLY A 20 5.93 14.74 3.48
N LEU A 21 4.87 15.23 2.81
CA LEU A 21 3.79 16.06 3.41
C LEU A 21 3.00 15.32 4.52
N ARG A 22 3.13 13.98 4.57
CA ARG A 22 2.42 13.10 5.53
C ARG A 22 2.77 13.40 7.02
N TYR A 23 3.88 14.16 7.26
CA TYR A 23 4.32 14.48 8.65
C TYR A 23 3.25 15.24 9.44
N TYR A 24 2.58 16.16 8.73
CA TYR A 24 1.53 17.02 9.26
C TYR A 24 0.23 16.22 9.55
N THR A 25 0.12 15.05 8.90
CA THR A 25 -1.10 14.23 8.92
C THR A 25 -1.00 13.06 9.95
N GLY A 26 0.08 13.02 10.78
CA GLY A 26 0.12 12.10 11.94
C GLY A 26 1.06 10.90 11.79
N VAL A 27 2.36 11.16 11.53
CA VAL A 27 3.44 10.13 11.44
C VAL A 27 3.36 8.99 12.50
N VAL A 28 3.95 7.85 12.12
CA VAL A 28 4.00 6.63 12.96
C VAL A 28 5.48 6.31 13.33
N ASN A 29 5.65 5.51 14.40
CA ASN A 29 6.97 5.15 14.98
C ASN A 29 7.59 3.93 14.25
N ASN A 30 8.66 3.35 14.84
CA ASN A 30 9.37 2.18 14.28
C ASN A 30 8.55 0.89 14.44
N ASN A 31 8.79 -0.05 13.50
CA ASN A 31 8.12 -1.39 13.46
C ASN A 31 6.59 -1.31 13.32
N GLU A 32 6.04 -0.10 13.08
CA GLU A 32 4.59 0.13 12.95
C GLU A 32 4.08 -0.36 11.59
N MET A 33 2.96 -1.10 11.63
CA MET A 33 2.32 -1.63 10.43
C MET A 33 1.24 -0.65 9.97
N VAL A 34 1.01 -0.65 8.65
CA VAL A 34 0.02 0.18 7.98
C VAL A 34 -0.79 -0.69 6.99
N ALA A 35 -1.91 -0.15 6.51
CA ALA A 35 -2.75 -0.77 5.48
C ALA A 35 -3.09 0.30 4.43
N LEU A 36 -3.10 -0.13 3.16
CA LEU A 36 -3.38 0.74 2.03
C LEU A 36 -4.86 0.59 1.65
N GLN A 37 -5.54 1.73 1.47
CA GLN A 37 -6.91 1.78 1.01
C GLN A 37 -7.11 3.09 0.23
N ARG A 38 -7.75 3.01 -0.95
CA ARG A 38 -8.00 4.20 -1.77
C ARG A 38 -9.07 5.09 -1.10
N ASP A 39 -8.91 6.40 -1.27
CA ASP A 39 -9.63 7.42 -0.51
C ASP A 39 -10.95 7.81 -1.19
N PRO A 40 -12.13 7.71 -0.48
CA PRO A 40 -13.43 8.23 -0.98
C PRO A 40 -13.51 9.78 -0.96
N ASN A 41 -12.65 10.43 -0.15
CA ASN A 41 -12.56 11.91 -0.03
C ASN A 41 -11.48 12.47 -1.00
N ASN A 42 -11.14 11.65 -2.00
CA ASN A 42 -10.11 11.93 -3.02
C ASN A 42 -10.30 13.31 -3.74
N PRO A 43 -9.20 14.09 -3.95
CA PRO A 43 -9.25 15.33 -4.76
C PRO A 43 -9.24 15.04 -6.29
N TYR A 44 -8.40 14.07 -6.70
CA TYR A 44 -8.08 13.84 -8.13
C TYR A 44 -9.02 12.77 -8.74
N ASP A 45 -9.08 11.61 -8.08
CA ASP A 45 -9.84 10.43 -8.54
C ASP A 45 -9.80 9.37 -7.44
N LYS A 46 -10.75 8.43 -7.49
CA LYS A 46 -10.98 7.44 -6.40
C LYS A 46 -9.74 6.58 -6.07
N ASN A 47 -8.83 6.42 -7.06
CA ASN A 47 -7.64 5.55 -6.95
C ASN A 47 -6.46 6.24 -6.25
N ALA A 48 -6.67 7.47 -5.74
CA ALA A 48 -5.69 8.14 -4.86
C ALA A 48 -5.65 7.36 -3.54
N ILE A 49 -4.59 6.56 -3.36
CA ILE A 49 -4.48 5.63 -2.22
C ILE A 49 -3.95 6.38 -1.00
N LYS A 50 -4.76 6.33 0.07
CA LYS A 50 -4.42 6.90 1.36
C LYS A 50 -3.94 5.76 2.29
N VAL A 51 -2.78 5.97 2.89
CA VAL A 51 -2.20 5.05 3.87
C VAL A 51 -2.79 5.35 5.26
N ASN A 52 -3.25 4.31 5.94
CA ASN A 52 -3.75 4.36 7.33
C ASN A 52 -2.88 3.40 8.16
N ASN A 53 -2.76 3.61 9.48
CA ASN A 53 -1.94 2.72 10.36
C ASN A 53 -2.80 1.57 10.93
N VAL A 54 -2.22 0.79 11.88
CA VAL A 54 -2.93 -0.30 12.60
C VAL A 54 -4.22 0.20 13.31
N ASN A 55 -4.18 1.45 13.81
CA ASN A 55 -5.30 2.08 14.53
C ASN A 55 -6.39 2.56 13.55
N GLY A 56 -6.02 2.78 12.29
CA GLY A 56 -6.92 3.27 11.25
C GLY A 56 -6.82 4.78 11.03
N ASN A 57 -5.87 5.41 11.75
CA ASN A 57 -5.56 6.85 11.59
C ASN A 57 -5.03 7.12 10.17
N GLN A 58 -5.69 8.06 9.48
CA GLN A 58 -5.30 8.52 8.14
C GLN A 58 -4.00 9.36 8.24
N VAL A 59 -2.86 8.71 7.91
CA VAL A 59 -1.52 9.31 8.06
C VAL A 59 -1.05 10.04 6.78
N GLY A 60 -1.89 9.99 5.71
CA GLY A 60 -1.61 10.70 4.45
C GLY A 60 -1.64 9.76 3.24
N HIS A 61 -1.69 10.35 2.03
CA HIS A 61 -1.64 9.57 0.77
C HIS A 61 -0.21 9.11 0.49
N LEU A 62 -0.08 7.96 -0.20
CA LEU A 62 1.23 7.36 -0.51
C LEU A 62 1.95 8.23 -1.56
N LYS A 63 1.23 8.48 -2.67
CA LYS A 63 1.73 9.16 -3.89
C LYS A 63 0.73 8.82 -5.01
N LYS A 64 0.20 9.84 -5.71
CA LYS A 64 -0.84 9.64 -6.77
C LYS A 64 -0.34 8.75 -7.94
N GLU A 65 0.97 8.78 -8.19
CA GLU A 65 1.62 8.04 -9.30
C GLU A 65 1.74 6.54 -8.95
N LEU A 66 2.36 6.26 -7.78
CA LEU A 66 2.55 4.88 -7.26
C LEU A 66 1.17 4.25 -6.95
N ALA A 67 0.22 5.11 -6.55
CA ALA A 67 -1.19 4.74 -6.32
C ALA A 67 -1.83 4.23 -7.61
N GLY A 68 -1.49 4.87 -8.74
CA GLY A 68 -1.95 4.47 -10.08
C GLY A 68 -1.55 3.03 -10.46
N ALA A 69 -0.36 2.60 -10.04
CA ALA A 69 0.13 1.22 -10.25
C ALA A 69 -0.72 0.22 -9.45
N LEU A 70 -0.88 0.53 -8.15
CA LEU A 70 -1.60 -0.32 -7.18
C LEU A 70 -3.14 -0.18 -7.31
N ALA A 71 -3.58 0.87 -8.05
CA ALA A 71 -5.00 1.26 -8.23
C ALA A 71 -5.89 0.10 -8.67
N TYR A 72 -5.43 -0.64 -9.68
CA TYR A 72 -6.19 -1.74 -10.30
C TYR A 72 -6.32 -2.93 -9.32
N ILE A 73 -5.30 -3.11 -8.47
CA ILE A 73 -5.29 -4.14 -7.40
C ILE A 73 -6.36 -3.80 -6.34
N MET A 74 -6.43 -2.51 -6.00
CA MET A 74 -7.34 -1.96 -4.97
C MET A 74 -8.80 -1.92 -5.49
N ASP A 75 -8.93 -1.60 -6.79
CA ASP A 75 -10.23 -1.40 -7.47
C ASP A 75 -10.92 -2.74 -7.74
N ASN A 76 -10.13 -3.72 -8.23
CA ASN A 76 -10.66 -5.04 -8.65
C ASN A 76 -10.44 -6.11 -7.56
N LYS A 77 -9.94 -5.68 -6.38
CA LYS A 77 -9.77 -6.54 -5.18
C LYS A 77 -8.84 -7.75 -5.46
N LEU A 78 -7.84 -7.53 -6.33
CA LEU A 78 -6.88 -8.58 -6.75
C LEU A 78 -6.05 -9.08 -5.55
N ALA A 79 -5.71 -8.15 -4.64
CA ALA A 79 -5.00 -8.46 -3.39
C ALA A 79 -5.12 -7.30 -2.40
N GLN A 80 -4.98 -7.62 -1.11
CA GLN A 80 -4.82 -6.64 -0.02
C GLN A 80 -3.36 -6.21 0.04
N ILE A 81 -3.12 -4.92 0.26
CA ILE A 81 -1.76 -4.37 0.35
C ILE A 81 -1.57 -3.75 1.73
N GLU A 82 -0.52 -4.19 2.44
CA GLU A 82 -0.19 -3.73 3.81
C GLU A 82 1.33 -3.54 3.92
N GLY A 83 1.76 -2.59 4.75
CA GLY A 83 3.17 -2.25 4.89
C GLY A 83 3.64 -2.21 6.33
N VAL A 84 4.95 -1.98 6.50
CA VAL A 84 5.62 -1.79 7.80
C VAL A 84 6.72 -0.71 7.63
N VAL A 85 6.90 0.17 8.63
CA VAL A 85 8.02 1.13 8.70
C VAL A 85 9.06 0.61 9.75
N PRO A 86 10.02 -0.27 9.33
CA PRO A 86 10.89 -1.03 10.27
C PRO A 86 11.90 -0.13 11.02
N PHE A 87 12.66 0.70 10.28
CA PHE A 87 13.66 1.64 10.86
C PHE A 87 12.94 2.78 11.60
N GLY A 88 11.71 3.09 11.16
CA GLY A 88 10.90 4.15 11.76
C GLY A 88 11.36 5.54 11.41
N ALA A 89 12.16 5.65 10.33
CA ALA A 89 12.62 6.95 9.79
C ALA A 89 11.44 7.83 9.35
N ASN A 90 10.26 7.19 9.16
CA ASN A 90 8.98 7.82 8.73
C ASN A 90 8.63 9.10 9.53
N ASN A 91 9.05 9.12 10.81
CA ASN A 91 8.86 10.27 11.71
C ASN A 91 9.69 11.49 11.24
N ALA A 92 10.96 11.23 10.88
CA ALA A 92 11.92 12.28 10.48
C ALA A 92 11.92 12.51 8.95
N PHE A 93 12.33 11.48 8.19
CA PHE A 93 12.43 11.51 6.72
C PHE A 93 11.51 10.44 6.11
N THR A 94 10.89 10.76 4.97
CA THR A 94 9.93 9.85 4.32
C THR A 94 10.68 9.00 3.29
N MET A 95 10.80 7.71 3.64
CA MET A 95 11.54 6.70 2.90
C MET A 95 10.57 5.64 2.34
N PRO A 96 11.00 4.77 1.37
CA PRO A 96 10.19 3.62 0.95
C PRO A 96 10.05 2.60 2.08
N LEU A 97 8.81 2.31 2.48
CA LEU A 97 8.54 1.37 3.56
C LEU A 97 8.14 0.02 2.95
N HIS A 98 8.45 -1.07 3.67
CA HIS A 98 8.31 -2.43 3.15
C HIS A 98 6.83 -2.85 3.17
N MET A 99 6.22 -2.91 1.98
CA MET A 99 4.82 -3.31 1.76
C MET A 99 4.78 -4.74 1.21
N THR A 100 3.61 -5.39 1.26
CA THR A 100 3.43 -6.80 0.90
C THR A 100 2.01 -7.01 0.34
N PHE A 101 1.90 -7.91 -0.65
CA PHE A 101 0.64 -8.20 -1.35
C PHE A 101 0.10 -9.55 -0.88
N TRP A 102 -1.18 -9.57 -0.46
CA TRP A 102 -1.84 -10.75 0.14
C TRP A 102 -3.16 -11.02 -0.58
N GLY A 103 -3.15 -12.03 -1.46
CA GLY A 103 -4.35 -12.42 -2.23
C GLY A 103 -4.18 -13.82 -2.78
N LYS A 104 -5.18 -14.31 -3.50
CA LYS A 104 -5.17 -15.68 -4.03
C LYS A 104 -4.05 -15.88 -5.08
N GLU A 105 -3.44 -17.07 -5.05
CA GLU A 105 -2.29 -17.46 -5.89
C GLU A 105 -2.48 -17.16 -7.40
N GLU A 106 -3.73 -17.31 -7.90
CA GLU A 106 -4.05 -17.08 -9.33
C GLU A 106 -4.06 -15.58 -9.70
N ASN A 107 -4.33 -14.69 -8.74
CA ASN A 107 -4.31 -13.22 -8.98
C ASN A 107 -2.88 -12.64 -8.82
N ARG A 108 -1.87 -13.49 -8.55
CA ARG A 108 -0.47 -13.04 -8.40
C ARG A 108 0.05 -12.44 -9.71
N LYS A 109 -0.40 -13.02 -10.85
CA LYS A 109 -0.02 -12.59 -12.20
C LYS A 109 -0.75 -11.29 -12.61
N ALA A 110 -1.94 -11.06 -12.02
CA ALA A 110 -2.73 -9.84 -12.25
C ALA A 110 -2.07 -8.65 -11.53
N VAL A 111 -1.81 -8.85 -10.23
CA VAL A 111 -1.12 -7.90 -9.35
C VAL A 111 0.28 -7.53 -9.88
N SER A 112 1.01 -8.54 -10.36
CA SER A 112 2.37 -8.38 -10.89
C SER A 112 2.37 -7.52 -12.17
N ASP A 113 1.29 -7.65 -12.97
CA ASP A 113 1.10 -6.87 -14.21
C ASP A 113 0.88 -5.38 -13.87
N GLN A 114 0.23 -5.13 -12.73
CA GLN A 114 -0.03 -3.75 -12.23
C GLN A 114 1.26 -3.11 -11.70
N LEU A 115 2.19 -3.96 -11.27
CA LEU A 115 3.55 -3.54 -10.87
C LEU A 115 4.41 -3.24 -12.12
N LYS A 116 4.24 -4.09 -13.16
CA LYS A 116 4.92 -3.94 -14.49
C LYS A 116 4.56 -2.60 -15.16
N LYS A 117 3.42 -2.01 -14.76
CA LYS A 117 2.95 -0.69 -15.24
C LYS A 117 4.05 0.40 -15.01
N HIS A 118 4.60 0.45 -13.78
CA HIS A 118 5.63 1.45 -13.41
C HIS A 118 7.04 0.82 -13.44
N GLY A 119 7.12 -0.47 -13.78
CA GLY A 119 8.40 -1.18 -13.88
C GLY A 119 8.93 -1.63 -12.52
N PHE A 120 8.02 -2.02 -11.64
CA PHE A 120 8.33 -2.65 -10.35
C PHE A 120 8.69 -4.14 -10.54
N LYS A 121 9.11 -4.78 -9.43
CA LYS A 121 9.43 -6.23 -9.38
C LYS A 121 8.15 -7.06 -9.12
N LEU A 122 8.13 -8.32 -9.58
CA LEU A 122 6.99 -9.25 -9.35
C LEU A 122 7.42 -10.38 -8.40
N GLY A 1 -12.44 -19.28 3.57
CA GLY A 1 -12.06 -19.42 5.00
C GLY A 1 -10.59 -19.76 5.17
N SER A 2 -10.33 -20.81 5.98
CA SER A 2 -8.96 -21.30 6.27
C SER A 2 -8.30 -21.92 5.02
N ASP A 3 -9.12 -22.33 4.05
CA ASP A 3 -8.66 -22.77 2.73
C ASP A 3 -8.13 -21.57 1.92
N GLU A 4 -8.85 -20.43 2.00
CA GLU A 4 -8.59 -19.23 1.18
C GLU A 4 -7.37 -18.45 1.64
N GLU A 5 -7.07 -18.49 2.95
CA GLU A 5 -5.88 -17.82 3.50
C GLU A 5 -4.58 -18.56 3.05
N VAL A 6 -4.65 -19.91 2.97
CA VAL A 6 -3.55 -20.75 2.47
C VAL A 6 -3.41 -20.58 0.94
N ASP A 7 -4.57 -20.44 0.28
CA ASP A 7 -4.67 -20.18 -1.17
C ASP A 7 -4.06 -18.80 -1.53
N SER A 8 -4.20 -17.83 -0.62
CA SER A 8 -3.58 -16.51 -0.74
C SER A 8 -2.10 -16.60 -0.33
N VAL A 9 -1.21 -16.06 -1.17
CA VAL A 9 0.24 -16.24 -1.04
C VAL A 9 0.97 -14.89 -1.00
N LEU A 10 2.17 -14.92 -0.40
CA LEU A 10 3.08 -13.78 -0.32
C LEU A 10 3.83 -13.69 -1.65
N PHE A 11 3.47 -12.71 -2.49
CA PHE A 11 4.13 -12.47 -3.79
C PHE A 11 5.52 -11.84 -3.58
N GLY A 12 5.65 -11.07 -2.50
CA GLY A 12 6.89 -10.34 -2.21
C GLY A 12 6.57 -9.05 -1.49
N SER A 13 7.59 -8.19 -1.34
CA SER A 13 7.43 -6.88 -0.71
C SER A 13 8.02 -5.78 -1.60
N LEU A 14 7.16 -4.86 -2.04
CA LEU A 14 7.56 -3.59 -2.66
C LEU A 14 7.99 -2.63 -1.54
N ARG A 15 8.50 -1.45 -1.90
CA ARG A 15 8.82 -0.40 -0.93
C ARG A 15 8.10 0.91 -1.36
N GLY A 16 6.94 1.16 -0.72
CA GLY A 16 6.06 2.28 -1.07
C GLY A 16 6.47 3.56 -0.34
N HIS A 17 6.71 4.64 -1.10
CA HIS A 17 7.15 5.94 -0.56
C HIS A 17 5.93 6.81 -0.21
N VAL A 18 5.82 7.18 1.08
CA VAL A 18 4.86 8.18 1.57
C VAL A 18 5.64 9.50 1.74
N VAL A 19 5.01 10.65 1.39
CA VAL A 19 5.68 11.97 1.47
C VAL A 19 5.82 12.41 2.95
N GLY A 20 6.98 12.99 3.29
CA GLY A 20 7.34 13.31 4.68
C GLY A 20 6.70 14.59 5.21
N LEU A 21 6.34 15.51 4.29
CA LEU A 21 5.72 16.81 4.61
C LEU A 21 4.35 16.63 5.30
N ARG A 22 3.74 15.48 5.05
CA ARG A 22 2.40 15.12 5.55
C ARG A 22 2.43 14.75 7.06
N TYR A 23 3.64 14.77 7.70
CA TYR A 23 3.84 14.36 9.12
C TYR A 23 2.77 14.92 10.11
N TYR A 24 2.29 16.14 9.81
CA TYR A 24 1.35 16.90 10.67
C TYR A 24 -0.05 16.23 10.79
N THR A 25 -0.37 15.30 9.84
CA THR A 25 -1.66 14.59 9.83
C THR A 25 -1.73 13.53 10.95
N GLY A 26 -0.54 13.11 11.44
CA GLY A 26 -0.45 12.10 12.49
C GLY A 26 0.22 10.83 12.02
N VAL A 27 1.39 10.97 11.33
CA VAL A 27 2.19 9.82 10.89
C VAL A 27 2.63 8.94 12.08
N VAL A 28 3.10 7.74 11.76
CA VAL A 28 3.41 6.70 12.76
C VAL A 28 4.92 6.38 12.78
N ASN A 29 5.32 5.57 13.76
CA ASN A 29 6.73 5.31 14.07
C ASN A 29 7.17 3.91 13.60
N ASN A 30 8.35 3.47 14.08
CA ASN A 30 8.91 2.14 13.76
C ASN A 30 8.01 1.01 14.29
N ASN A 31 8.04 -0.14 13.57
CA ASN A 31 7.29 -1.38 13.89
C ASN A 31 5.79 -1.28 13.52
N GLU A 32 5.27 -0.04 13.34
CA GLU A 32 3.86 0.22 12.98
C GLU A 32 3.50 -0.37 11.61
N MET A 33 2.29 -0.91 11.51
CA MET A 33 1.72 -1.41 10.26
C MET A 33 0.69 -0.42 9.75
N VAL A 34 0.63 -0.27 8.43
CA VAL A 34 -0.28 0.63 7.74
C VAL A 34 -1.03 -0.13 6.62
N ALA A 35 -2.35 0.05 6.58
CA ALA A 35 -3.23 -0.55 5.58
C ALA A 35 -3.49 0.46 4.45
N LEU A 36 -3.55 -0.05 3.22
CA LEU A 36 -3.76 0.75 2.02
C LEU A 36 -5.25 0.85 1.73
N GLN A 37 -5.79 2.07 1.68
CA GLN A 37 -7.20 2.34 1.34
C GLN A 37 -7.25 3.36 0.18
N ARG A 38 -7.87 2.97 -0.94
CA ARG A 38 -8.18 3.91 -2.04
C ARG A 38 -9.12 5.01 -1.47
N ASP A 39 -8.66 6.26 -1.57
CA ASP A 39 -9.22 7.40 -0.82
C ASP A 39 -10.63 7.77 -1.31
N PRO A 40 -11.67 7.75 -0.42
CA PRO A 40 -13.03 8.26 -0.75
C PRO A 40 -13.06 9.80 -0.95
N ASN A 41 -12.04 10.49 -0.38
CA ASN A 41 -11.90 11.96 -0.43
C ASN A 41 -10.88 12.38 -1.49
N ASN A 42 -10.69 11.50 -2.49
CA ASN A 42 -9.66 11.67 -3.53
C ASN A 42 -9.81 13.02 -4.28
N PRO A 43 -8.72 13.85 -4.37
CA PRO A 43 -8.79 15.18 -5.03
C PRO A 43 -8.69 15.11 -6.57
N TYR A 44 -8.08 14.03 -7.12
CA TYR A 44 -7.87 13.90 -8.57
C TYR A 44 -8.56 12.64 -9.13
N ASP A 45 -8.23 11.46 -8.55
CA ASP A 45 -8.73 10.15 -9.02
C ASP A 45 -8.78 9.20 -7.82
N LYS A 46 -9.69 8.19 -7.90
CA LYS A 46 -9.88 7.18 -6.82
C LYS A 46 -8.64 6.30 -6.61
N ASN A 47 -7.70 6.34 -7.59
CA ASN A 47 -6.45 5.55 -7.55
C ASN A 47 -5.48 6.07 -6.46
N ALA A 48 -5.68 7.34 -6.04
CA ALA A 48 -4.90 7.96 -4.96
C ALA A 48 -5.24 7.26 -3.63
N ILE A 49 -4.28 6.49 -3.10
CA ILE A 49 -4.44 5.72 -1.87
C ILE A 49 -4.14 6.59 -0.66
N LYS A 50 -5.15 6.75 0.21
CA LYS A 50 -4.94 7.29 1.55
C LYS A 50 -4.49 6.14 2.46
N VAL A 51 -3.27 6.25 2.98
CA VAL A 51 -2.68 5.23 3.84
C VAL A 51 -3.14 5.49 5.27
N ASN A 52 -3.67 4.46 5.92
CA ASN A 52 -4.19 4.52 7.30
C ASN A 52 -3.44 3.48 8.13
N ASN A 53 -3.13 3.75 9.41
CA ASN A 53 -2.33 2.80 10.24
C ASN A 53 -3.24 1.70 10.85
N VAL A 54 -2.68 0.94 11.83
CA VAL A 54 -3.40 -0.08 12.62
C VAL A 54 -4.69 0.48 13.28
N ASN A 55 -4.67 1.77 13.64
CA ASN A 55 -5.81 2.48 14.25
C ASN A 55 -6.80 2.97 13.17
N GLY A 56 -6.27 3.23 11.98
CA GLY A 56 -7.05 3.80 10.88
C GLY A 56 -6.79 5.28 10.67
N ASN A 57 -5.81 5.82 11.43
CA ASN A 57 -5.34 7.20 11.29
C ASN A 57 -4.65 7.38 9.93
N GLN A 58 -5.18 8.32 9.13
CA GLN A 58 -4.59 8.75 7.85
C GLN A 58 -3.17 9.33 8.07
N VAL A 59 -2.14 8.56 7.67
CA VAL A 59 -0.72 8.98 7.74
C VAL A 59 -0.26 9.67 6.43
N GLY A 60 -1.19 9.82 5.47
CA GLY A 60 -0.93 10.56 4.23
C GLY A 60 -1.43 9.82 3.00
N HIS A 61 -0.69 9.97 1.88
CA HIS A 61 -0.99 9.30 0.59
C HIS A 61 0.30 8.70 0.00
N LEU A 62 0.13 7.71 -0.90
CA LEU A 62 1.24 7.05 -1.62
C LEU A 62 1.62 7.78 -2.92
N LYS A 63 1.03 8.98 -3.14
CA LYS A 63 1.15 9.76 -4.42
C LYS A 63 0.38 9.05 -5.55
N LYS A 64 -0.49 9.79 -6.26
CA LYS A 64 -1.37 9.28 -7.36
C LYS A 64 -0.62 8.31 -8.32
N GLU A 65 0.65 8.66 -8.61
CA GLU A 65 1.52 7.92 -9.53
C GLU A 65 1.81 6.47 -9.03
N LEU A 66 2.31 6.34 -7.78
CA LEU A 66 2.68 5.04 -7.19
C LEU A 66 1.40 4.27 -6.79
N ALA A 67 0.52 5.00 -6.10
CA ALA A 67 -0.75 4.51 -5.58
C ALA A 67 -1.64 3.88 -6.66
N GLY A 68 -1.55 4.44 -7.89
CA GLY A 68 -2.37 4.01 -9.02
C GLY A 68 -2.28 2.53 -9.36
N ALA A 69 -1.08 1.97 -9.22
CA ALA A 69 -0.84 0.54 -9.45
C ALA A 69 -1.49 -0.31 -8.36
N LEU A 70 -1.20 0.06 -7.09
CA LEU A 70 -1.61 -0.72 -5.90
C LEU A 70 -3.12 -0.57 -5.61
N ALA A 71 -3.73 0.50 -6.16
CA ALA A 71 -5.16 0.83 -5.95
C ALA A 71 -6.08 -0.10 -6.74
N TYR A 72 -5.65 -0.49 -7.95
CA TYR A 72 -6.41 -1.42 -8.81
C TYR A 72 -6.41 -2.82 -8.18
N ILE A 73 -5.26 -3.18 -7.58
CA ILE A 73 -5.08 -4.46 -6.85
C ILE A 73 -6.06 -4.55 -5.65
N MET A 74 -6.27 -3.41 -5.01
CA MET A 74 -7.10 -3.28 -3.81
C MET A 74 -8.60 -3.25 -4.16
N ASP A 75 -8.95 -2.37 -5.11
CA ASP A 75 -10.35 -2.00 -5.45
C ASP A 75 -11.05 -3.15 -6.20
N ASN A 76 -10.29 -3.81 -7.09
CA ASN A 76 -10.77 -4.96 -7.90
C ASN A 76 -10.50 -6.29 -7.18
N LYS A 77 -9.91 -6.21 -5.95
CA LYS A 77 -9.75 -7.35 -5.02
C LYS A 77 -8.86 -8.45 -5.62
N LEU A 78 -7.75 -8.02 -6.24
CA LEU A 78 -6.74 -8.91 -6.83
C LEU A 78 -5.86 -9.51 -5.71
N ALA A 79 -5.38 -8.64 -4.81
CA ALA A 79 -4.57 -9.05 -3.64
C ALA A 79 -4.69 -8.02 -2.51
N GLN A 80 -4.57 -8.52 -1.27
CA GLN A 80 -4.56 -7.69 -0.06
C GLN A 80 -3.13 -7.28 0.26
N ILE A 81 -2.82 -6.01 0.02
CA ILE A 81 -1.48 -5.45 0.28
C ILE A 81 -1.47 -4.82 1.67
N GLU A 82 -0.54 -5.27 2.51
CA GLU A 82 -0.28 -4.69 3.84
C GLU A 82 1.00 -3.86 3.77
N GLY A 83 1.19 -2.97 4.73
CA GLY A 83 2.39 -2.15 4.83
C GLY A 83 2.98 -2.23 6.22
N VAL A 84 4.31 -2.20 6.32
CA VAL A 84 5.04 -2.16 7.60
C VAL A 84 6.20 -1.16 7.47
N VAL A 85 6.27 -0.19 8.40
CA VAL A 85 7.40 0.75 8.51
C VAL A 85 8.25 0.38 9.75
N PRO A 86 9.29 -0.51 9.58
CA PRO A 86 10.15 -0.95 10.70
C PRO A 86 11.30 0.04 11.01
N PHE A 87 11.62 0.91 10.04
CA PHE A 87 12.77 1.85 10.16
C PHE A 87 12.39 3.06 11.03
N GLY A 88 11.10 3.46 10.96
CA GLY A 88 10.59 4.67 11.63
C GLY A 88 11.32 5.96 11.23
N ALA A 89 12.05 5.93 10.11
CA ALA A 89 12.89 7.05 9.64
C ALA A 89 12.06 8.07 8.83
N ASN A 90 10.75 7.79 8.70
CA ASN A 90 9.76 8.67 8.04
C ASN A 90 9.61 10.00 8.81
N ASN A 91 9.90 9.94 10.13
CA ASN A 91 9.87 11.10 11.04
C ASN A 91 11.09 12.02 10.78
N ALA A 92 12.21 11.41 10.34
CA ALA A 92 13.48 12.14 10.09
C ALA A 92 13.54 12.69 8.66
N PHE A 93 13.13 11.87 7.68
CA PHE A 93 13.23 12.21 6.24
C PHE A 93 12.23 11.35 5.43
N THR A 94 12.37 11.37 4.10
CA THR A 94 11.49 10.65 3.18
C THR A 94 12.13 9.28 2.85
N MET A 95 11.42 8.20 3.17
CA MET A 95 11.90 6.82 3.03
C MET A 95 10.71 5.88 2.69
N PRO A 96 10.97 4.70 2.06
CA PRO A 96 9.91 3.73 1.72
C PRO A 96 9.69 2.65 2.81
N LEU A 97 8.42 2.26 2.99
CA LEU A 97 8.05 1.16 3.89
C LEU A 97 7.64 -0.06 3.06
N HIS A 98 7.79 -1.27 3.64
CA HIS A 98 7.62 -2.52 2.87
C HIS A 98 6.13 -2.88 2.69
N MET A 99 5.64 -2.74 1.44
CA MET A 99 4.29 -3.15 1.04
C MET A 99 4.32 -4.61 0.58
N THR A 100 3.72 -5.50 1.37
CA THR A 100 3.77 -6.95 1.13
C THR A 100 2.44 -7.41 0.53
N PHE A 101 2.52 -8.07 -0.62
CA PHE A 101 1.37 -8.51 -1.40
C PHE A 101 0.93 -9.90 -0.93
N TRP A 102 -0.31 -10.02 -0.45
CA TRP A 102 -0.91 -11.30 -0.01
C TRP A 102 -2.20 -11.52 -0.81
N GLY A 103 -2.14 -12.38 -1.83
CA GLY A 103 -3.28 -12.62 -2.70
C GLY A 103 -3.20 -13.97 -3.36
N LYS A 104 -4.35 -14.47 -3.82
CA LYS A 104 -4.46 -15.81 -4.41
C LYS A 104 -3.57 -16.00 -5.66
N GLU A 105 -3.05 -17.23 -5.80
CA GLU A 105 -2.09 -17.64 -6.85
C GLU A 105 -2.58 -17.34 -8.27
N GLU A 106 -3.90 -17.39 -8.48
CA GLU A 106 -4.51 -17.13 -9.80
C GLU A 106 -4.43 -15.64 -10.18
N ASN A 107 -4.43 -14.74 -9.16
CA ASN A 107 -4.39 -13.28 -9.38
C ASN A 107 -2.95 -12.74 -9.46
N ARG A 108 -1.95 -13.66 -9.54
CA ARG A 108 -0.52 -13.26 -9.62
C ARG A 108 -0.27 -12.28 -10.80
N LYS A 109 -0.84 -12.59 -11.98
CA LYS A 109 -0.62 -11.79 -13.21
C LYS A 109 -1.49 -10.53 -13.20
N ALA A 110 -2.62 -10.58 -12.50
CA ALA A 110 -3.51 -9.42 -12.32
C ALA A 110 -2.80 -8.32 -11.48
N VAL A 111 -2.11 -8.78 -10.42
CA VAL A 111 -1.29 -7.94 -9.53
C VAL A 111 -0.04 -7.42 -10.26
N SER A 112 0.63 -8.35 -10.96
CA SER A 112 1.87 -8.07 -11.71
C SER A 112 1.62 -7.08 -12.85
N ASP A 113 0.42 -7.12 -13.45
CA ASP A 113 0.00 -6.22 -14.54
C ASP A 113 0.14 -4.75 -14.12
N GLN A 114 -0.27 -4.48 -12.88
CA GLN A 114 -0.30 -3.14 -12.30
C GLN A 114 1.13 -2.62 -12.06
N LEU A 115 2.01 -3.54 -11.63
CA LEU A 115 3.44 -3.24 -11.40
C LEU A 115 4.12 -2.91 -12.74
N LYS A 116 4.01 -3.83 -13.71
CA LYS A 116 4.59 -3.72 -15.08
C LYS A 116 4.10 -2.44 -15.80
N LYS A 117 2.88 -2.00 -15.45
CA LYS A 117 2.23 -0.84 -16.06
C LYS A 117 3.04 0.46 -15.82
N HIS A 118 3.57 0.61 -14.59
CA HIS A 118 4.41 1.77 -14.22
C HIS A 118 5.89 1.34 -14.10
N GLY A 119 6.18 0.06 -14.40
CA GLY A 119 7.54 -0.48 -14.34
C GLY A 119 8.03 -0.75 -12.92
N PHE A 120 7.08 -0.89 -11.97
CA PHE A 120 7.37 -1.31 -10.59
C PHE A 120 7.84 -2.77 -10.55
N LYS A 121 8.75 -3.06 -9.62
CA LYS A 121 9.16 -4.41 -9.28
C LYS A 121 9.71 -4.46 -7.86
N LEU A 122 9.34 -5.52 -7.15
CA LEU A 122 9.81 -5.79 -5.78
C LEU A 122 11.25 -6.35 -5.76
N GLY A 1 -13.18 -19.24 8.24
CA GLY A 1 -12.67 -17.85 8.05
C GLY A 1 -11.27 -17.82 7.45
N SER A 2 -10.35 -18.62 8.02
CA SER A 2 -8.95 -18.73 7.54
C SER A 2 -8.85 -19.31 6.12
N ASP A 3 -9.95 -19.90 5.63
CA ASP A 3 -10.05 -20.54 4.30
C ASP A 3 -9.65 -19.58 3.16
N GLU A 4 -9.91 -18.27 3.37
CA GLU A 4 -9.56 -17.22 2.39
C GLU A 4 -8.04 -16.97 2.35
N GLU A 5 -7.38 -16.96 3.53
CA GLU A 5 -5.93 -16.66 3.63
C GLU A 5 -5.06 -17.93 3.40
N VAL A 6 -5.69 -19.12 3.45
CA VAL A 6 -5.06 -20.38 2.99
C VAL A 6 -4.94 -20.34 1.45
N ASP A 7 -5.96 -19.72 0.82
CA ASP A 7 -5.98 -19.42 -0.62
C ASP A 7 -5.01 -18.26 -0.95
N SER A 8 -5.08 -17.19 -0.16
CA SER A 8 -4.34 -15.94 -0.42
C SER A 8 -2.90 -16.04 0.10
N VAL A 9 -1.93 -15.99 -0.82
CA VAL A 9 -0.51 -16.17 -0.54
C VAL A 9 0.25 -14.83 -0.66
N LEU A 10 1.47 -14.80 -0.09
CA LEU A 10 2.34 -13.63 -0.16
C LEU A 10 3.13 -13.64 -1.48
N PHE A 11 2.90 -12.64 -2.34
CA PHE A 11 3.67 -12.44 -3.60
C PHE A 11 5.03 -11.79 -3.30
N GLY A 12 5.09 -11.05 -2.18
CA GLY A 12 6.28 -10.35 -1.73
C GLY A 12 5.94 -9.00 -1.14
N SER A 13 6.97 -8.17 -0.88
CA SER A 13 6.79 -6.81 -0.35
C SER A 13 7.46 -5.78 -1.29
N LEU A 14 6.64 -4.84 -1.79
CA LEU A 14 7.09 -3.71 -2.61
C LEU A 14 7.68 -2.61 -1.71
N ARG A 15 8.69 -1.91 -2.23
CA ARG A 15 9.21 -0.70 -1.60
C ARG A 15 8.23 0.47 -1.91
N GLY A 16 7.20 0.59 -1.04
CA GLY A 16 6.28 1.73 -1.09
C GLY A 16 6.95 2.98 -0.54
N HIS A 17 6.39 4.16 -0.80
CA HIS A 17 7.00 5.44 -0.36
C HIS A 17 5.91 6.42 0.10
N VAL A 18 5.63 6.38 1.41
CA VAL A 18 4.83 7.41 2.08
C VAL A 18 5.72 8.64 2.26
N VAL A 19 5.22 9.80 1.81
CA VAL A 19 6.00 11.03 1.73
C VAL A 19 6.34 11.55 3.15
N GLY A 20 7.56 12.09 3.32
CA GLY A 20 8.08 12.46 4.63
C GLY A 20 7.48 13.73 5.19
N LEU A 21 7.37 14.77 4.34
CA LEU A 21 6.82 16.10 4.72
C LEU A 21 5.32 16.01 5.15
N ARG A 22 4.66 14.88 4.82
CA ARG A 22 3.27 14.58 5.24
C ARG A 22 3.18 14.19 6.74
N TYR A 23 4.32 14.16 7.46
CA TYR A 23 4.40 13.77 8.91
C TYR A 23 3.38 14.50 9.82
N TYR A 24 2.94 15.70 9.36
CA TYR A 24 1.95 16.55 10.07
C TYR A 24 0.53 15.90 10.14
N THR A 25 0.34 14.78 9.43
CA THR A 25 -0.91 13.99 9.50
C THR A 25 -0.98 13.23 10.84
N GLY A 26 0.19 12.83 11.34
CA GLY A 26 0.29 12.03 12.56
C GLY A 26 0.85 10.65 12.28
N VAL A 27 1.98 10.61 11.53
CA VAL A 27 2.70 9.37 11.20
C VAL A 27 3.10 8.56 12.46
N VAL A 28 3.50 7.31 12.25
CA VAL A 28 3.80 6.36 13.34
C VAL A 28 5.29 6.01 13.37
N ASN A 29 5.72 5.44 14.50
CA ASN A 29 7.12 5.11 14.79
C ASN A 29 7.59 3.86 14.00
N ASN A 30 8.80 3.39 14.32
CA ASN A 30 9.42 2.23 13.68
C ASN A 30 8.65 0.93 13.97
N ASN A 31 8.71 0.01 12.99
CA ASN A 31 8.17 -1.37 13.09
C ASN A 31 6.63 -1.42 13.24
N GLU A 32 5.93 -0.29 13.05
CA GLU A 32 4.44 -0.24 13.14
C GLU A 32 3.79 -0.72 11.83
N MET A 33 2.66 -1.43 11.97
CA MET A 33 1.84 -1.87 10.83
C MET A 33 0.93 -0.73 10.39
N VAL A 34 0.70 -0.67 9.08
CA VAL A 34 -0.19 0.29 8.44
C VAL A 34 -1.07 -0.45 7.42
N ALA A 35 -2.33 -0.01 7.27
CA ALA A 35 -3.31 -0.61 6.36
C ALA A 35 -3.67 0.39 5.24
N LEU A 36 -3.49 -0.07 4.00
CA LEU A 36 -3.72 0.74 2.80
C LEU A 36 -5.17 0.58 2.34
N GLN A 37 -5.78 1.69 1.93
CA GLN A 37 -7.13 1.73 1.34
C GLN A 37 -7.18 2.87 0.32
N ARG A 38 -7.83 2.63 -0.84
CA ARG A 38 -8.03 3.70 -1.85
C ARG A 38 -8.99 4.78 -1.31
N ASP A 39 -8.93 5.98 -1.89
CA ASP A 39 -9.77 7.12 -1.50
C ASP A 39 -11.11 7.09 -2.28
N PRO A 40 -12.28 6.92 -1.57
CA PRO A 40 -13.60 7.14 -2.20
C PRO A 40 -13.83 8.65 -2.46
N ASN A 41 -13.39 9.49 -1.50
CA ASN A 41 -13.34 10.96 -1.65
C ASN A 41 -11.98 11.31 -2.28
N ASN A 42 -11.84 10.95 -3.57
CA ASN A 42 -10.62 11.15 -4.34
C ASN A 42 -10.34 12.65 -4.64
N PRO A 43 -9.08 13.15 -4.45
CA PRO A 43 -8.72 14.57 -4.68
C PRO A 43 -8.76 14.95 -6.17
N TYR A 44 -8.23 14.05 -7.03
CA TYR A 44 -8.19 14.25 -8.49
C TYR A 44 -8.82 13.04 -9.20
N ASP A 45 -8.35 11.83 -8.86
CA ASP A 45 -8.80 10.55 -9.48
C ASP A 45 -8.76 9.44 -8.45
N LYS A 46 -9.42 8.31 -8.80
CA LYS A 46 -9.56 7.12 -7.92
C LYS A 46 -8.21 6.39 -7.69
N ASN A 47 -7.16 6.85 -8.39
CA ASN A 47 -5.80 6.31 -8.32
C ASN A 47 -5.05 6.76 -7.03
N ALA A 48 -5.77 7.39 -6.09
CA ALA A 48 -5.22 7.80 -4.78
C ALA A 48 -5.49 6.70 -3.72
N ILE A 49 -4.49 6.45 -2.86
CA ILE A 49 -4.59 5.50 -1.73
C ILE A 49 -4.15 6.22 -0.44
N LYS A 50 -5.07 6.28 0.54
CA LYS A 50 -4.78 6.77 1.89
C LYS A 50 -4.28 5.62 2.76
N VAL A 51 -3.03 5.72 3.19
CA VAL A 51 -2.40 4.79 4.12
C VAL A 51 -2.71 5.24 5.55
N ASN A 52 -3.27 4.32 6.35
CA ASN A 52 -3.63 4.56 7.76
C ASN A 52 -2.81 3.61 8.61
N ASN A 53 -2.74 3.84 9.92
CA ASN A 53 -2.05 2.92 10.85
C ASN A 53 -3.10 1.97 11.47
N VAL A 54 -2.69 1.18 12.49
CA VAL A 54 -3.55 0.21 13.16
C VAL A 54 -4.70 0.86 13.97
N ASN A 55 -4.53 2.14 14.34
CA ASN A 55 -5.55 2.95 15.03
C ASN A 55 -6.50 3.66 14.04
N GLY A 56 -6.23 3.48 12.73
CA GLY A 56 -7.10 4.00 11.65
C GLY A 56 -6.79 5.44 11.26
N ASN A 57 -5.84 6.07 11.99
CA ASN A 57 -5.40 7.45 11.74
C ASN A 57 -4.46 7.46 10.51
N GLN A 58 -4.65 8.41 9.58
CA GLN A 58 -3.86 8.42 8.34
C GLN A 58 -2.41 8.85 8.60
N VAL A 59 -1.51 7.99 8.10
CA VAL A 59 -0.07 8.21 8.05
C VAL A 59 0.25 9.16 6.86
N GLY A 60 -0.66 9.15 5.87
CA GLY A 60 -0.54 9.97 4.67
C GLY A 60 -1.14 9.27 3.47
N HIS A 61 -0.89 9.81 2.28
CA HIS A 61 -1.30 9.17 1.00
C HIS A 61 -0.03 8.85 0.21
N LEU A 62 -0.09 7.77 -0.59
CA LEU A 62 1.04 7.34 -1.45
C LEU A 62 1.18 8.23 -2.69
N LYS A 63 0.22 9.17 -2.88
CA LYS A 63 0.17 10.08 -4.05
C LYS A 63 -0.17 9.28 -5.33
N LYS A 64 -0.98 9.89 -6.22
CA LYS A 64 -1.53 9.22 -7.42
C LYS A 64 -0.47 8.53 -8.33
N GLU A 65 0.80 8.97 -8.19
CA GLU A 65 1.96 8.39 -8.90
C GLU A 65 2.15 6.90 -8.51
N LEU A 66 2.45 6.66 -7.22
CA LEU A 66 2.72 5.31 -6.69
C LEU A 66 1.41 4.57 -6.45
N ALA A 67 0.51 5.26 -5.72
CA ALA A 67 -0.82 4.75 -5.35
C ALA A 67 -1.61 4.24 -6.57
N GLY A 68 -1.40 4.90 -7.73
CA GLY A 68 -2.09 4.56 -8.98
C GLY A 68 -1.95 3.11 -9.42
N ALA A 69 -0.71 2.58 -9.32
CA ALA A 69 -0.42 1.18 -9.66
C ALA A 69 -1.16 0.22 -8.72
N LEU A 70 -1.03 0.49 -7.42
CA LEU A 70 -1.63 -0.33 -6.35
C LEU A 70 -3.16 -0.13 -6.26
N ALA A 71 -3.65 0.98 -6.85
CA ALA A 71 -5.08 1.40 -6.77
C ALA A 71 -6.00 0.41 -7.48
N TYR A 72 -5.55 -0.10 -8.63
CA TYR A 72 -6.31 -1.09 -9.42
C TYR A 72 -6.37 -2.43 -8.64
N ILE A 73 -5.23 -2.81 -8.02
CA ILE A 73 -5.10 -4.03 -7.20
C ILE A 73 -6.02 -3.98 -5.97
N MET A 74 -6.13 -2.77 -5.40
CA MET A 74 -6.96 -2.47 -4.22
C MET A 74 -8.46 -2.52 -4.60
N ASP A 75 -8.78 -1.76 -5.66
CA ASP A 75 -10.15 -1.51 -6.15
C ASP A 75 -10.80 -2.79 -6.72
N ASN A 76 -9.96 -3.67 -7.30
CA ASN A 76 -10.42 -4.93 -7.94
C ASN A 76 -10.22 -6.13 -7.00
N LYS A 77 -9.62 -5.88 -5.81
CA LYS A 77 -9.41 -6.91 -4.76
C LYS A 77 -8.51 -8.06 -5.26
N LEU A 78 -7.55 -7.73 -6.15
CA LEU A 78 -6.61 -8.69 -6.76
C LEU A 78 -5.71 -9.30 -5.66
N ALA A 79 -5.21 -8.42 -4.78
CA ALA A 79 -4.45 -8.82 -3.57
C ALA A 79 -4.58 -7.76 -2.48
N GLN A 80 -4.67 -8.24 -1.23
CA GLN A 80 -4.73 -7.41 -0.03
C GLN A 80 -3.34 -6.81 0.24
N ILE A 81 -3.20 -5.50 0.01
CA ILE A 81 -1.92 -4.80 0.21
C ILE A 81 -1.95 -4.08 1.56
N GLU A 82 -1.24 -4.66 2.53
CA GLU A 82 -0.98 -4.05 3.84
C GLU A 82 0.51 -3.66 3.87
N GLY A 83 0.97 -3.07 4.99
CA GLY A 83 2.35 -2.59 5.08
C GLY A 83 2.88 -2.55 6.50
N VAL A 84 4.21 -2.36 6.61
CA VAL A 84 4.92 -2.12 7.88
C VAL A 84 6.02 -1.07 7.61
N VAL A 85 6.02 0.02 8.39
CA VAL A 85 7.05 1.07 8.31
C VAL A 85 8.22 0.70 9.26
N PRO A 86 9.36 0.12 8.72
CA PRO A 86 10.41 -0.51 9.56
C PRO A 86 11.22 0.48 10.41
N PHE A 87 11.62 1.60 9.80
CA PHE A 87 12.53 2.59 10.41
C PHE A 87 11.74 3.79 10.99
N GLY A 88 10.53 4.02 10.45
CA GLY A 88 9.68 5.15 10.87
C GLY A 88 10.30 6.53 10.59
N ALA A 89 11.16 6.60 9.55
CA ALA A 89 11.94 7.80 9.21
C ALA A 89 11.11 8.83 8.40
N ASN A 90 9.78 8.54 8.22
CA ASN A 90 8.80 9.48 7.60
C ASN A 90 8.61 10.75 8.44
N ASN A 91 9.17 10.75 9.66
CA ASN A 91 9.25 11.94 10.52
C ASN A 91 10.14 13.04 9.89
N ALA A 92 11.28 12.62 9.30
CA ALA A 92 12.29 13.52 8.72
C ALA A 92 12.11 13.65 7.19
N PHE A 93 12.23 12.52 6.49
CA PHE A 93 12.18 12.45 5.01
C PHE A 93 11.39 11.21 4.57
N THR A 94 11.35 10.92 3.26
CA THR A 94 10.55 9.79 2.73
C THR A 94 11.44 8.54 2.65
N MET A 95 10.89 7.41 3.11
CA MET A 95 11.65 6.15 3.25
C MET A 95 10.78 4.96 2.77
N PRO A 96 11.40 3.83 2.28
CA PRO A 96 10.64 2.66 1.78
C PRO A 96 9.86 1.94 2.91
N LEU A 97 8.54 1.86 2.70
CA LEU A 97 7.60 1.16 3.57
C LEU A 97 7.29 -0.19 2.87
N HIS A 98 7.51 -1.30 3.60
CA HIS A 98 7.41 -2.64 3.01
C HIS A 98 5.93 -3.07 2.92
N MET A 99 5.41 -3.15 1.69
CA MET A 99 3.98 -3.35 1.40
C MET A 99 3.75 -4.72 0.75
N THR A 100 3.02 -5.57 1.46
CA THR A 100 2.92 -7.00 1.21
C THR A 100 1.61 -7.33 0.51
N PHE A 101 1.69 -8.15 -0.54
CA PHE A 101 0.56 -8.51 -1.40
C PHE A 101 0.06 -9.90 -1.00
N TRP A 102 -1.21 -9.97 -0.55
CA TRP A 102 -1.83 -11.24 -0.08
C TRP A 102 -3.05 -11.55 -0.95
N GLY A 103 -2.86 -12.45 -1.93
CA GLY A 103 -3.90 -12.84 -2.86
C GLY A 103 -3.65 -14.21 -3.43
N LYS A 104 -4.68 -14.82 -4.02
CA LYS A 104 -4.59 -16.15 -4.66
C LYS A 104 -3.49 -16.18 -5.76
N GLU A 105 -2.84 -17.34 -5.90
CA GLU A 105 -1.66 -17.54 -6.78
C GLU A 105 -1.92 -17.22 -8.27
N GLU A 106 -3.19 -17.17 -8.70
CA GLU A 106 -3.54 -16.81 -10.09
C GLU A 106 -3.50 -15.28 -10.31
N ASN A 107 -3.83 -14.50 -9.25
CA ASN A 107 -3.97 -13.04 -9.37
C ASN A 107 -2.62 -12.31 -9.39
N ARG A 108 -1.50 -13.04 -9.17
CA ARG A 108 -0.14 -12.46 -9.27
C ARG A 108 0.09 -11.88 -10.68
N LYS A 109 -0.62 -12.46 -11.67
CA LYS A 109 -0.62 -12.00 -13.06
C LYS A 109 -1.17 -10.56 -13.11
N ALA A 110 -2.38 -10.39 -12.53
CA ALA A 110 -3.11 -9.11 -12.53
C ALA A 110 -2.45 -8.06 -11.61
N VAL A 111 -1.82 -8.52 -10.53
CA VAL A 111 -1.12 -7.67 -9.55
C VAL A 111 0.17 -7.10 -10.19
N SER A 112 1.03 -8.00 -10.69
CA SER A 112 2.29 -7.65 -11.35
C SER A 112 2.05 -6.88 -12.65
N ASP A 113 0.85 -7.04 -13.24
CA ASP A 113 0.41 -6.26 -14.42
C ASP A 113 0.41 -4.76 -14.09
N GLN A 114 -0.14 -4.43 -12.90
CA GLN A 114 -0.28 -3.04 -12.43
C GLN A 114 1.03 -2.50 -11.88
N LEU A 115 1.86 -3.40 -11.33
CA LEU A 115 3.21 -3.06 -10.86
C LEU A 115 4.07 -2.61 -12.07
N LYS A 116 4.24 -3.53 -13.03
CA LYS A 116 5.02 -3.34 -14.27
C LYS A 116 4.42 -2.23 -15.16
N LYS A 117 3.12 -1.92 -14.95
CA LYS A 117 2.44 -0.79 -15.62
C LYS A 117 3.20 0.52 -15.39
N HIS A 118 3.60 0.73 -14.13
CA HIS A 118 4.30 1.95 -13.70
C HIS A 118 5.82 1.69 -13.59
N GLY A 119 6.22 0.41 -13.54
CA GLY A 119 7.63 0.01 -13.43
C GLY A 119 8.02 -0.43 -12.02
N PHE A 120 7.01 -0.73 -11.18
CA PHE A 120 7.24 -1.35 -9.87
C PHE A 120 7.47 -2.86 -10.03
N LYS A 121 8.33 -3.40 -9.16
CA LYS A 121 8.58 -4.84 -9.06
C LYS A 121 9.47 -5.08 -7.84
N LEU A 122 9.15 -6.14 -7.11
CA LEU A 122 9.94 -6.60 -5.95
C LEU A 122 11.02 -7.59 -6.43
N GLY A 1 -13.74 -17.50 5.31
CA GLY A 1 -13.85 -18.64 6.24
C GLY A 1 -12.48 -19.20 6.62
N SER A 2 -12.41 -20.52 6.87
CA SER A 2 -11.19 -21.22 7.32
C SER A 2 -10.11 -21.25 6.21
N ASP A 3 -10.52 -21.62 5.00
CA ASP A 3 -9.63 -21.76 3.82
C ASP A 3 -9.21 -20.40 3.25
N GLU A 4 -9.90 -19.33 3.66
CA GLU A 4 -9.72 -17.96 3.10
C GLU A 4 -8.30 -17.41 3.35
N GLU A 5 -7.82 -17.58 4.58
CA GLU A 5 -6.46 -17.18 4.99
C GLU A 5 -5.38 -18.07 4.33
N VAL A 6 -5.74 -19.33 4.05
CA VAL A 6 -4.84 -20.33 3.44
C VAL A 6 -4.80 -20.16 1.90
N ASP A 7 -5.86 -19.53 1.37
CA ASP A 7 -6.03 -19.21 -0.05
C ASP A 7 -5.08 -18.06 -0.45
N SER A 8 -5.09 -17.01 0.38
CA SER A 8 -4.34 -15.78 0.12
C SER A 8 -2.85 -15.93 0.46
N VAL A 9 -1.99 -15.87 -0.56
CA VAL A 9 -0.54 -16.12 -0.46
C VAL A 9 0.26 -14.82 -0.59
N LEU A 10 1.48 -14.83 -0.03
CA LEU A 10 2.43 -13.71 -0.15
C LEU A 10 3.13 -13.77 -1.52
N PHE A 11 2.78 -12.80 -2.39
CA PHE A 11 3.39 -12.67 -3.74
C PHE A 11 4.81 -12.11 -3.65
N GLY A 12 5.01 -11.19 -2.70
CA GLY A 12 6.30 -10.52 -2.54
C GLY A 12 6.19 -9.23 -1.78
N SER A 13 7.33 -8.53 -1.69
CA SER A 13 7.44 -7.25 -0.98
C SER A 13 7.80 -6.11 -1.95
N LEU A 14 6.97 -5.06 -2.02
CA LEU A 14 7.28 -3.85 -2.82
C LEU A 14 7.82 -2.75 -1.91
N ARG A 15 8.87 -2.05 -2.35
CA ARG A 15 9.38 -0.88 -1.64
C ARG A 15 8.67 0.38 -2.18
N GLY A 16 7.47 0.66 -1.62
CA GLY A 16 6.69 1.82 -2.02
C GLY A 16 7.26 3.11 -1.46
N HIS A 17 7.04 4.26 -2.11
CA HIS A 17 7.57 5.57 -1.64
C HIS A 17 6.39 6.51 -1.30
N VAL A 18 6.25 6.79 0.01
CA VAL A 18 5.16 7.63 0.55
C VAL A 18 5.65 9.09 0.69
N VAL A 19 4.73 10.07 0.71
CA VAL A 19 5.07 11.51 0.77
C VAL A 19 5.53 11.97 2.19
N GLY A 20 6.21 13.14 2.23
CA GLY A 20 6.71 13.76 3.48
C GLY A 20 5.63 14.51 4.25
N LEU A 21 4.52 14.82 3.55
CA LEU A 21 3.35 15.54 4.12
C LEU A 21 2.75 14.76 5.31
N ARG A 22 3.09 13.44 5.40
CA ARG A 22 2.72 12.56 6.52
C ARG A 22 3.04 13.16 7.90
N TYR A 23 4.13 13.94 7.98
CA TYR A 23 4.61 14.54 9.25
C TYR A 23 3.53 15.43 9.87
N TYR A 24 2.89 16.25 9.01
CA TYR A 24 1.76 17.09 9.41
C TYR A 24 0.50 16.22 9.66
N THR A 25 0.35 15.14 8.86
CA THR A 25 -0.83 14.27 8.91
C THR A 25 -0.82 13.34 10.15
N GLY A 26 0.37 13.18 10.81
CA GLY A 26 0.45 12.36 12.02
C GLY A 26 1.23 11.06 11.85
N VAL A 27 2.48 11.15 11.35
CA VAL A 27 3.44 10.00 11.25
C VAL A 27 3.44 9.06 12.47
N VAL A 28 4.01 7.87 12.27
CA VAL A 28 4.03 6.79 13.27
C VAL A 28 5.47 6.50 13.75
N ASN A 29 5.61 5.74 14.84
CA ASN A 29 6.89 5.55 15.55
C ASN A 29 7.88 4.69 14.72
N ASN A 30 7.69 3.36 14.74
CA ASN A 30 8.55 2.38 14.02
C ASN A 30 7.99 0.97 14.14
N ASN A 31 8.32 0.11 13.15
CA ASN A 31 7.82 -1.29 13.01
C ASN A 31 6.27 -1.34 13.06
N GLU A 32 5.63 -0.24 12.63
CA GLU A 32 4.18 -0.10 12.63
C GLU A 32 3.58 -0.67 11.33
N MET A 33 2.41 -1.29 11.46
CA MET A 33 1.67 -1.83 10.33
C MET A 33 0.55 -0.85 9.93
N VAL A 34 0.53 -0.50 8.67
CA VAL A 34 -0.46 0.38 8.08
C VAL A 34 -1.25 -0.39 7.01
N ALA A 35 -2.41 0.15 6.62
CA ALA A 35 -3.35 -0.50 5.70
C ALA A 35 -3.62 0.46 4.55
N LEU A 36 -3.47 -0.04 3.31
CA LEU A 36 -3.73 0.76 2.11
C LEU A 36 -5.24 0.79 1.86
N GLN A 37 -5.83 1.97 2.01
CA GLN A 37 -7.26 2.23 1.77
C GLN A 37 -7.37 3.37 0.75
N ARG A 38 -7.92 3.08 -0.45
CA ARG A 38 -8.10 4.10 -1.50
C ARG A 38 -8.96 5.27 -0.99
N ASP A 39 -8.47 6.48 -1.28
CA ASP A 39 -8.87 7.70 -0.59
C ASP A 39 -10.35 8.05 -0.86
N PRO A 40 -11.23 8.11 0.19
CA PRO A 40 -12.66 8.50 0.02
C PRO A 40 -12.82 10.01 -0.25
N ASN A 41 -11.78 10.79 0.09
CA ASN A 41 -11.73 12.26 -0.10
C ASN A 41 -10.72 12.62 -1.19
N ASN A 42 -10.59 11.71 -2.18
CA ASN A 42 -9.66 11.85 -3.31
C ASN A 42 -9.87 13.20 -4.07
N PRO A 43 -8.79 14.02 -4.28
CA PRO A 43 -8.92 15.35 -4.94
C PRO A 43 -9.02 15.23 -6.47
N TYR A 44 -8.13 14.45 -7.10
CA TYR A 44 -8.01 14.36 -8.56
C TYR A 44 -8.74 13.11 -9.09
N ASP A 45 -8.42 11.95 -8.48
CA ASP A 45 -9.03 10.66 -8.86
C ASP A 45 -8.89 9.64 -7.72
N LYS A 46 -9.79 8.64 -7.73
CA LYS A 46 -9.88 7.56 -6.73
C LYS A 46 -8.65 6.61 -6.72
N ASN A 47 -7.74 6.79 -7.68
CA ASN A 47 -6.47 6.02 -7.74
C ASN A 47 -5.57 6.33 -6.54
N ALA A 48 -5.67 7.58 -6.03
CA ALA A 48 -4.95 8.04 -4.83
C ALA A 48 -5.39 7.20 -3.63
N ILE A 49 -4.42 6.60 -2.92
CA ILE A 49 -4.67 5.71 -1.78
C ILE A 49 -4.15 6.36 -0.49
N LYS A 50 -5.04 6.42 0.51
CA LYS A 50 -4.70 6.86 1.87
C LYS A 50 -3.99 5.72 2.63
N VAL A 51 -3.14 6.10 3.57
CA VAL A 51 -2.41 5.19 4.47
C VAL A 51 -2.98 5.36 5.88
N ASN A 52 -3.52 4.27 6.47
CA ASN A 52 -4.13 4.29 7.82
C ASN A 52 -3.36 3.34 8.75
N ASN A 53 -2.90 3.83 9.91
CA ASN A 53 -2.05 3.04 10.86
C ASN A 53 -2.86 1.92 11.58
N VAL A 54 -2.19 1.26 12.55
CA VAL A 54 -2.80 0.21 13.41
C VAL A 54 -4.07 0.72 14.16
N ASN A 55 -4.08 2.03 14.49
CA ASN A 55 -5.22 2.69 15.17
C ASN A 55 -6.40 2.90 14.20
N GLY A 56 -6.09 3.12 12.91
CA GLY A 56 -7.09 3.46 11.89
C GLY A 56 -7.04 4.94 11.50
N ASN A 57 -6.16 5.69 12.18
CA ASN A 57 -5.90 7.11 11.91
C ASN A 57 -5.22 7.29 10.55
N GLN A 58 -5.68 8.29 9.78
CA GLN A 58 -5.03 8.71 8.53
C GLN A 58 -3.65 9.33 8.85
N VAL A 59 -2.60 8.69 8.34
CA VAL A 59 -1.19 9.10 8.59
C VAL A 59 -0.53 9.66 7.32
N GLY A 60 -1.27 9.65 6.17
CA GLY A 60 -0.79 10.31 4.93
C GLY A 60 -1.33 9.69 3.64
N HIS A 61 -0.87 10.23 2.49
CA HIS A 61 -1.19 9.70 1.14
C HIS A 61 0.09 9.04 0.58
N LEU A 62 -0.04 8.01 -0.29
CA LEU A 62 1.14 7.32 -0.85
C LEU A 62 1.89 8.17 -1.88
N LYS A 63 1.15 8.63 -2.90
CA LYS A 63 1.64 9.16 -4.21
C LYS A 63 0.60 8.77 -5.26
N LYS A 64 0.35 9.64 -6.25
CA LYS A 64 -0.62 9.36 -7.33
C LYS A 64 -0.12 8.18 -8.21
N GLU A 65 1.20 8.19 -8.49
CA GLU A 65 1.87 7.17 -9.32
C GLU A 65 1.87 5.79 -8.64
N LEU A 66 2.34 5.76 -7.38
CA LEU A 66 2.43 4.53 -6.56
C LEU A 66 1.05 3.91 -6.37
N ALA A 67 0.15 4.72 -5.81
CA ALA A 67 -1.21 4.33 -5.50
C ALA A 67 -2.02 4.00 -6.76
N GLY A 68 -1.67 4.64 -7.89
CA GLY A 68 -2.33 4.42 -9.18
C GLY A 68 -2.21 2.98 -9.67
N ALA A 69 -1.01 2.42 -9.52
CA ALA A 69 -0.73 1.00 -9.83
C ALA A 69 -1.51 0.09 -8.87
N LEU A 70 -1.41 0.40 -7.57
CA LEU A 70 -1.98 -0.41 -6.47
C LEU A 70 -3.53 -0.29 -6.42
N ALA A 71 -4.08 0.75 -7.07
CA ALA A 71 -5.54 1.06 -7.08
C ALA A 71 -6.34 -0.02 -7.83
N TYR A 72 -5.74 -0.59 -8.89
CA TYR A 72 -6.36 -1.65 -9.69
C TYR A 72 -6.34 -2.97 -8.90
N ILE A 73 -5.26 -3.18 -8.13
CA ILE A 73 -5.13 -4.33 -7.19
C ILE A 73 -6.19 -4.21 -6.07
N MET A 74 -6.43 -2.96 -5.65
CA MET A 74 -7.39 -2.59 -4.60
C MET A 74 -8.85 -2.81 -5.05
N ASP A 75 -9.12 -2.38 -6.29
CA ASP A 75 -10.47 -2.36 -6.88
C ASP A 75 -10.92 -3.78 -7.27
N ASN A 76 -10.04 -4.50 -7.97
CA ASN A 76 -10.36 -5.82 -8.56
C ASN A 76 -10.00 -6.97 -7.59
N LYS A 77 -9.60 -6.60 -6.35
CA LYS A 77 -9.37 -7.56 -5.23
C LYS A 77 -8.28 -8.59 -5.58
N LEU A 78 -7.27 -8.12 -6.35
CA LEU A 78 -6.16 -8.95 -6.84
C LEU A 78 -5.30 -9.45 -5.66
N ALA A 79 -5.05 -8.54 -4.70
CA ALA A 79 -4.31 -8.83 -3.48
C ALA A 79 -4.56 -7.74 -2.43
N GLN A 80 -4.67 -8.16 -1.17
CA GLN A 80 -4.74 -7.26 -0.01
C GLN A 80 -3.30 -6.84 0.34
N ILE A 81 -2.96 -5.57 0.04
CA ILE A 81 -1.61 -5.06 0.19
C ILE A 81 -1.47 -4.41 1.58
N GLU A 82 -0.58 -4.98 2.40
CA GLU A 82 -0.23 -4.40 3.69
C GLU A 82 0.87 -3.35 3.48
N GLY A 83 1.10 -2.54 4.51
CA GLY A 83 2.22 -1.64 4.56
C GLY A 83 2.93 -1.79 5.89
N VAL A 84 4.26 -1.67 5.89
CA VAL A 84 5.09 -1.79 7.11
C VAL A 84 6.18 -0.72 7.05
N VAL A 85 6.33 0.02 8.15
CA VAL A 85 7.33 1.09 8.28
C VAL A 85 8.30 0.71 9.43
N PRO A 86 9.37 -0.10 9.13
CA PRO A 86 10.26 -0.67 10.17
C PRO A 86 11.28 0.35 10.73
N PHE A 87 11.83 1.21 9.85
CA PHE A 87 12.81 2.25 10.23
C PHE A 87 12.11 3.37 11.02
N GLY A 88 10.81 3.59 10.72
CA GLY A 88 10.05 4.70 11.29
C GLY A 88 10.52 6.08 10.80
N ALA A 89 11.29 6.07 9.70
CA ALA A 89 11.97 7.27 9.16
C ALA A 89 11.03 8.18 8.35
N ASN A 90 9.69 7.91 8.41
CA ASN A 90 8.64 8.78 7.82
C ASN A 90 8.56 10.13 8.53
N ASN A 91 9.07 10.16 9.77
CA ASN A 91 9.12 11.35 10.62
C ASN A 91 10.26 12.29 10.14
N ALA A 92 11.44 11.70 9.88
CA ALA A 92 12.64 12.45 9.51
C ALA A 92 12.64 12.84 8.01
N PHE A 93 12.35 11.85 7.16
CA PHE A 93 12.44 11.98 5.68
C PHE A 93 11.17 11.40 5.02
N THR A 94 11.25 11.19 3.69
CA THR A 94 10.32 10.33 2.94
C THR A 94 11.02 8.97 2.83
N MET A 95 10.41 7.92 3.40
CA MET A 95 11.04 6.58 3.49
C MET A 95 10.25 5.54 2.67
N PRO A 96 10.90 4.39 2.25
CA PRO A 96 10.21 3.28 1.60
C PRO A 96 9.30 2.48 2.58
N LEU A 97 8.02 2.37 2.21
CA LEU A 97 7.03 1.56 2.91
C LEU A 97 7.11 0.12 2.38
N HIS A 98 7.45 -0.81 3.27
CA HIS A 98 7.56 -2.24 2.96
C HIS A 98 6.14 -2.84 2.84
N MET A 99 5.74 -3.14 1.60
CA MET A 99 4.39 -3.58 1.27
C MET A 99 4.38 -5.07 0.97
N THR A 100 3.38 -5.79 1.47
CA THR A 100 3.30 -7.26 1.31
C THR A 100 1.94 -7.62 0.70
N PHE A 101 1.98 -8.20 -0.50
CA PHE A 101 0.78 -8.56 -1.29
C PHE A 101 0.28 -9.93 -0.85
N TRP A 102 -0.96 -9.99 -0.33
CA TRP A 102 -1.58 -11.24 0.16
C TRP A 102 -2.90 -11.46 -0.59
N GLY A 103 -2.85 -12.37 -1.57
CA GLY A 103 -3.99 -12.70 -2.40
C GLY A 103 -3.85 -14.07 -3.03
N LYS A 104 -4.97 -14.62 -3.48
CA LYS A 104 -5.05 -15.89 -4.23
C LYS A 104 -4.10 -15.92 -5.46
N GLU A 105 -3.43 -17.06 -5.66
CA GLU A 105 -2.41 -17.25 -6.72
C GLU A 105 -2.97 -17.00 -8.14
N GLU A 106 -4.30 -17.10 -8.32
CA GLU A 106 -4.96 -16.90 -9.62
C GLU A 106 -4.83 -15.44 -10.12
N ASN A 107 -4.51 -14.51 -9.22
CA ASN A 107 -4.41 -13.07 -9.54
C ASN A 107 -2.95 -12.59 -9.66
N ARG A 108 -1.99 -13.53 -9.48
CA ARG A 108 -0.56 -13.18 -9.30
C ARG A 108 0.01 -12.31 -10.44
N LYS A 109 -0.31 -12.67 -11.69
CA LYS A 109 0.23 -11.97 -12.89
C LYS A 109 -0.48 -10.62 -13.12
N ALA A 110 -1.72 -10.51 -12.62
CA ALA A 110 -2.48 -9.25 -12.68
C ALA A 110 -1.95 -8.23 -11.65
N VAL A 111 -1.51 -8.76 -10.48
CA VAL A 111 -0.88 -7.96 -9.41
C VAL A 111 0.45 -7.36 -9.90
N SER A 112 1.30 -8.23 -10.47
CA SER A 112 2.62 -7.84 -10.99
C SER A 112 2.50 -6.90 -12.19
N ASP A 113 1.42 -7.09 -13.00
CA ASP A 113 1.15 -6.25 -14.19
C ASP A 113 1.13 -4.75 -13.84
N GLN A 114 0.54 -4.45 -12.67
CA GLN A 114 0.34 -3.07 -12.19
C GLN A 114 1.69 -2.44 -11.80
N LEU A 115 2.57 -3.27 -11.22
CA LEU A 115 3.91 -2.86 -10.81
C LEU A 115 4.78 -2.58 -12.06
N LYS A 116 4.87 -3.60 -12.94
CA LYS A 116 5.58 -3.55 -14.23
C LYS A 116 5.11 -2.37 -15.12
N LYS A 117 3.81 -2.04 -14.99
CA LYS A 117 3.13 -1.00 -15.79
C LYS A 117 3.84 0.37 -15.66
N HIS A 118 4.19 0.71 -14.41
CA HIS A 118 4.93 1.96 -14.10
C HIS A 118 6.44 1.67 -13.93
N GLY A 119 6.79 0.38 -13.77
CA GLY A 119 8.18 -0.05 -13.60
C GLY A 119 8.58 -0.31 -12.14
N PHE A 120 7.58 -0.31 -11.24
CA PHE A 120 7.77 -0.63 -9.80
C PHE A 120 8.23 -2.09 -9.64
N LYS A 121 9.26 -2.29 -8.81
CA LYS A 121 9.80 -3.61 -8.46
C LYS A 121 10.72 -3.45 -7.25
N LEU A 122 10.85 -4.52 -6.45
CA LEU A 122 11.74 -4.54 -5.28
C LEU A 122 13.24 -4.59 -5.72
N GLY A 1 -15.36 -17.54 1.15
CA GLY A 1 -15.46 -17.44 2.63
C GLY A 1 -14.11 -17.16 3.28
N SER A 2 -13.97 -17.54 4.56
CA SER A 2 -12.75 -17.32 5.36
C SER A 2 -11.55 -18.19 4.87
N ASP A 3 -11.85 -19.23 4.06
CA ASP A 3 -10.81 -20.08 3.44
C ASP A 3 -9.98 -19.31 2.39
N GLU A 4 -10.55 -18.19 1.87
CA GLU A 4 -9.95 -17.39 0.79
C GLU A 4 -8.58 -16.79 1.20
N GLU A 5 -8.52 -16.26 2.43
CA GLU A 5 -7.29 -15.64 2.99
C GLU A 5 -6.28 -16.71 3.43
N VAL A 6 -6.78 -17.92 3.75
CA VAL A 6 -5.94 -19.10 4.04
C VAL A 6 -5.32 -19.63 2.72
N ASP A 7 -6.06 -19.43 1.62
CA ASP A 7 -5.66 -19.81 0.25
C ASP A 7 -4.64 -18.82 -0.33
N SER A 8 -4.70 -17.56 0.15
CA SER A 8 -3.83 -16.46 -0.31
C SER A 8 -2.34 -16.74 -0.04
N VAL A 9 -1.47 -16.21 -0.92
CA VAL A 9 -0.01 -16.42 -0.90
C VAL A 9 0.72 -15.07 -1.06
N LEU A 10 2.01 -15.04 -0.71
CA LEU A 10 2.85 -13.84 -0.83
C LEU A 10 3.45 -13.76 -2.25
N PHE A 11 3.09 -12.69 -2.99
CA PHE A 11 3.65 -12.41 -4.33
C PHE A 11 5.00 -11.70 -4.21
N GLY A 12 5.12 -10.87 -3.18
CA GLY A 12 6.34 -10.13 -2.93
C GLY A 12 6.09 -8.87 -2.13
N SER A 13 7.09 -8.00 -2.09
CA SER A 13 7.04 -6.73 -1.36
C SER A 13 7.11 -5.54 -2.32
N LEU A 14 6.85 -4.33 -1.80
CA LEU A 14 6.92 -3.08 -2.57
C LEU A 14 7.36 -1.94 -1.64
N ARG A 15 8.24 -1.08 -2.16
CA ARG A 15 8.69 0.13 -1.46
C ARG A 15 7.60 1.23 -1.53
N GLY A 16 6.77 1.26 -0.48
CA GLY A 16 5.67 2.20 -0.36
C GLY A 16 6.12 3.60 0.04
N HIS A 17 6.60 4.36 -0.95
CA HIS A 17 7.08 5.74 -0.74
C HIS A 17 5.89 6.69 -0.47
N VAL A 18 5.85 7.22 0.75
CA VAL A 18 4.82 8.16 1.19
C VAL A 18 5.44 9.57 1.30
N VAL A 19 4.70 10.58 0.80
CA VAL A 19 5.19 11.98 0.61
C VAL A 19 5.27 12.73 1.96
N GLY A 20 6.19 13.71 2.06
CA GLY A 20 6.52 14.42 3.31
C GLY A 20 5.33 15.11 4.03
N LEU A 21 4.25 15.39 3.29
CA LEU A 21 3.00 15.98 3.83
C LEU A 21 2.34 15.06 4.89
N ARG A 22 2.78 13.79 4.90
CA ARG A 22 2.39 12.74 5.88
C ARG A 22 2.54 13.21 7.36
N TYR A 23 3.46 14.16 7.62
CA TYR A 23 3.70 14.71 8.97
C TYR A 23 2.44 15.44 9.47
N TYR A 24 1.89 16.31 8.61
CA TYR A 24 0.63 17.03 8.89
C TYR A 24 -0.57 16.04 8.88
N THR A 25 -0.44 14.95 8.10
CA THR A 25 -1.50 13.93 7.97
C THR A 25 -1.56 13.03 9.24
N GLY A 26 -0.42 12.93 9.98
CA GLY A 26 -0.38 12.11 11.21
C GLY A 26 0.58 10.92 11.16
N VAL A 27 1.87 11.18 10.83
CA VAL A 27 2.96 10.17 10.87
C VAL A 27 2.97 9.28 12.13
N VAL A 28 3.74 8.19 12.02
CA VAL A 28 3.94 7.20 13.08
C VAL A 28 5.42 7.21 13.52
N ASN A 29 5.76 6.36 14.52
CA ASN A 29 7.13 6.26 15.05
C ASN A 29 7.88 5.10 14.34
N ASN A 30 7.66 3.87 14.81
CA ASN A 30 8.30 2.65 14.26
C ASN A 30 7.47 1.41 14.63
N ASN A 31 7.76 0.28 13.95
CA ASN A 31 7.08 -1.04 14.17
C ASN A 31 5.58 -1.00 13.81
N GLU A 32 5.14 0.13 13.22
CA GLU A 32 3.73 0.39 12.96
C GLU A 32 3.30 -0.24 11.65
N MET A 33 2.27 -1.07 11.74
CA MET A 33 1.66 -1.74 10.59
C MET A 33 0.58 -0.80 10.05
N VAL A 34 0.63 -0.58 8.74
CA VAL A 34 -0.24 0.38 8.06
C VAL A 34 -1.01 -0.30 6.90
N ALA A 35 -2.34 -0.15 6.90
CA ALA A 35 -3.23 -0.68 5.88
C ALA A 35 -3.50 0.39 4.80
N LEU A 36 -3.47 -0.03 3.53
CA LEU A 36 -3.68 0.85 2.37
C LEU A 36 -5.19 0.92 2.07
N GLN A 37 -5.67 2.12 1.68
CA GLN A 37 -7.05 2.30 1.21
C GLN A 37 -7.12 3.52 0.29
N ARG A 38 -7.81 3.36 -0.87
CA ARG A 38 -8.12 4.48 -1.79
C ARG A 38 -8.97 5.53 -1.04
N ASP A 39 -8.59 6.81 -1.14
CA ASP A 39 -9.27 7.89 -0.40
C ASP A 39 -10.51 8.36 -1.22
N PRO A 40 -11.74 8.34 -0.62
CA PRO A 40 -13.02 8.65 -1.35
C PRO A 40 -13.05 10.06 -1.96
N ASN A 41 -12.50 11.03 -1.21
CA ASN A 41 -12.57 12.47 -1.55
C ASN A 41 -11.15 13.03 -1.75
N ASN A 42 -10.28 12.18 -2.32
CA ASN A 42 -8.84 12.46 -2.49
C ASN A 42 -8.59 13.69 -3.40
N PRO A 43 -7.77 14.70 -2.94
CA PRO A 43 -7.51 15.94 -3.72
C PRO A 43 -6.64 15.70 -4.99
N TYR A 44 -5.85 14.60 -5.00
CA TYR A 44 -4.96 14.27 -6.12
C TYR A 44 -5.77 13.62 -7.26
N ASP A 45 -6.54 12.56 -6.89
CA ASP A 45 -7.37 11.75 -7.82
C ASP A 45 -8.06 10.61 -7.05
N LYS A 46 -9.18 10.10 -7.61
CA LYS A 46 -10.00 9.01 -7.03
C LYS A 46 -9.21 7.70 -6.76
N ASN A 47 -8.22 7.41 -7.62
CA ASN A 47 -7.43 6.16 -7.56
C ASN A 47 -6.30 6.24 -6.50
N ALA A 48 -6.03 7.46 -6.01
CA ALA A 48 -4.92 7.73 -5.08
C ALA A 48 -5.22 7.15 -3.68
N ILE A 49 -4.26 6.38 -3.17
CA ILE A 49 -4.38 5.66 -1.90
C ILE A 49 -3.83 6.49 -0.74
N LYS A 50 -4.69 6.68 0.26
CA LYS A 50 -4.33 7.24 1.57
C LYS A 50 -4.10 6.06 2.52
N VAL A 51 -2.93 6.03 3.17
CA VAL A 51 -2.54 4.95 4.07
C VAL A 51 -2.92 5.31 5.52
N ASN A 52 -3.34 4.29 6.28
CA ASN A 52 -3.73 4.41 7.70
C ASN A 52 -2.95 3.36 8.49
N ASN A 53 -2.60 3.63 9.76
CA ASN A 53 -2.04 2.59 10.66
C ASN A 53 -3.17 1.71 11.21
N VAL A 54 -2.82 0.58 11.87
CA VAL A 54 -3.78 -0.47 12.32
C VAL A 54 -4.75 0.02 13.44
N ASN A 55 -4.47 1.20 14.02
CA ASN A 55 -5.38 1.88 14.97
C ASN A 55 -6.60 2.46 14.23
N GLY A 56 -6.42 2.70 12.92
CA GLY A 56 -7.43 3.33 12.07
C GLY A 56 -7.25 4.84 12.02
N ASN A 57 -5.98 5.27 11.93
CA ASN A 57 -5.60 6.69 11.85
C ASN A 57 -4.79 6.95 10.58
N GLN A 58 -5.15 8.01 9.84
CA GLN A 58 -4.45 8.42 8.62
C GLN A 58 -2.98 8.82 8.92
N VAL A 59 -2.03 8.28 8.14
CA VAL A 59 -0.58 8.51 8.33
C VAL A 59 0.03 9.31 7.17
N GLY A 60 -0.50 9.12 5.94
CA GLY A 60 0.05 9.79 4.76
C GLY A 60 -0.62 9.38 3.46
N HIS A 61 -0.02 9.85 2.34
CA HIS A 61 -0.56 9.65 0.97
C HIS A 61 0.56 9.07 0.05
N LEU A 62 0.18 8.13 -0.82
CA LEU A 62 1.11 7.51 -1.80
C LEU A 62 1.08 8.25 -3.15
N LYS A 63 0.26 9.33 -3.23
CA LYS A 63 -0.12 10.01 -4.49
C LYS A 63 -1.02 9.09 -5.34
N LYS A 64 -1.40 9.56 -6.54
CA LYS A 64 -2.09 8.73 -7.51
C LYS A 64 -1.11 7.79 -8.19
N GLU A 65 0.09 8.31 -8.49
CA GLU A 65 1.10 7.61 -9.31
C GLU A 65 1.38 6.18 -8.78
N LEU A 66 1.92 6.06 -7.54
CA LEU A 66 2.24 4.74 -6.93
C LEU A 66 0.97 3.88 -6.79
N ALA A 67 -0.12 4.56 -6.41
CA ALA A 67 -1.45 3.96 -6.23
C ALA A 67 -2.07 3.51 -7.56
N GLY A 68 -1.61 4.08 -8.69
CA GLY A 68 -2.18 3.82 -10.01
C GLY A 68 -1.92 2.40 -10.51
N ALA A 69 -0.96 1.72 -9.88
CA ALA A 69 -0.79 0.27 -10.02
C ALA A 69 -1.73 -0.44 -9.05
N LEU A 70 -1.66 -0.02 -7.78
CA LEU A 70 -2.29 -0.68 -6.63
C LEU A 70 -3.83 -0.55 -6.64
N ALA A 71 -4.35 0.41 -7.42
CA ALA A 71 -5.79 0.77 -7.45
C ALA A 71 -6.66 -0.38 -7.99
N TYR A 72 -6.15 -1.09 -9.00
CA TYR A 72 -6.85 -2.24 -9.61
C TYR A 72 -6.74 -3.46 -8.68
N ILE A 73 -5.61 -3.57 -7.97
CA ILE A 73 -5.39 -4.64 -6.96
C ILE A 73 -6.29 -4.41 -5.72
N MET A 74 -6.56 -3.12 -5.44
CA MET A 74 -7.36 -2.64 -4.28
C MET A 74 -8.87 -2.79 -4.58
N ASP A 75 -9.25 -2.40 -5.81
CA ASP A 75 -10.65 -2.40 -6.26
C ASP A 75 -11.16 -3.82 -6.48
N ASN A 76 -10.37 -4.60 -7.25
CA ASN A 76 -10.73 -5.97 -7.65
C ASN A 76 -10.25 -7.01 -6.62
N LYS A 77 -9.60 -6.51 -5.53
CA LYS A 77 -9.21 -7.31 -4.34
C LYS A 77 -8.28 -8.48 -4.71
N LEU A 78 -7.44 -8.25 -5.75
CA LEU A 78 -6.53 -9.28 -6.31
C LEU A 78 -5.55 -9.81 -5.26
N ALA A 79 -5.07 -8.89 -4.42
CA ALA A 79 -4.17 -9.21 -3.30
C ALA A 79 -4.32 -8.15 -2.21
N GLN A 80 -4.46 -8.62 -0.96
CA GLN A 80 -4.52 -7.79 0.23
C GLN A 80 -3.12 -7.16 0.48
N ILE A 81 -3.01 -5.86 0.18
CA ILE A 81 -1.75 -5.12 0.30
C ILE A 81 -1.65 -4.53 1.71
N GLU A 82 -0.76 -5.09 2.53
CA GLU A 82 -0.46 -4.58 3.88
C GLU A 82 0.96 -3.99 3.88
N GLY A 83 1.17 -2.94 4.67
CA GLY A 83 2.47 -2.28 4.81
C GLY A 83 2.91 -2.25 6.26
N VAL A 84 4.22 -2.02 6.48
CA VAL A 84 4.82 -1.87 7.82
C VAL A 84 6.01 -0.90 7.69
N VAL A 85 6.20 -0.02 8.69
CA VAL A 85 7.40 0.82 8.81
C VAL A 85 8.12 0.49 10.15
N PRO A 86 9.03 -0.53 10.16
CA PRO A 86 9.85 -0.89 11.33
C PRO A 86 11.18 -0.11 11.39
N PHE A 87 11.42 0.78 10.40
CA PHE A 87 12.70 1.48 10.24
C PHE A 87 12.74 2.79 11.05
N GLY A 88 11.56 3.42 11.21
CA GLY A 88 11.41 4.65 12.00
C GLY A 88 11.94 5.93 11.33
N ALA A 89 12.60 5.80 10.17
CA ALA A 89 13.26 6.96 9.48
C ALA A 89 12.25 7.84 8.70
N ASN A 90 10.95 7.58 8.91
CA ASN A 90 9.83 8.25 8.21
C ASN A 90 9.64 9.70 8.73
N ASN A 91 10.25 10.00 9.89
CA ASN A 91 10.14 11.29 10.56
C ASN A 91 11.06 12.34 9.88
N ALA A 92 12.37 12.01 9.77
CA ALA A 92 13.41 12.95 9.32
C ALA A 92 13.43 13.08 7.77
N PHE A 93 13.71 11.95 7.11
CA PHE A 93 13.80 11.87 5.64
C PHE A 93 12.56 11.16 5.08
N THR A 94 12.51 10.99 3.75
CA THR A 94 11.39 10.35 3.07
C THR A 94 11.69 8.86 2.94
N MET A 95 10.95 8.06 3.73
CA MET A 95 11.25 6.65 3.94
C MET A 95 10.15 5.79 3.30
N PRO A 96 10.49 4.89 2.33
CA PRO A 96 9.53 3.91 1.79
C PRO A 96 9.33 2.76 2.79
N LEU A 97 8.07 2.51 3.15
CA LEU A 97 7.71 1.49 4.13
C LEU A 97 7.48 0.14 3.41
N HIS A 98 7.83 -0.96 4.09
CA HIS A 98 7.78 -2.31 3.51
C HIS A 98 6.32 -2.79 3.36
N MET A 99 5.83 -2.83 2.11
CA MET A 99 4.50 -3.37 1.77
C MET A 99 4.64 -4.82 1.28
N THR A 100 3.51 -5.53 1.18
CA THR A 100 3.46 -6.96 0.78
C THR A 100 2.08 -7.28 0.17
N PHE A 101 2.07 -8.20 -0.81
CA PHE A 101 0.86 -8.58 -1.56
C PHE A 101 0.44 -10.01 -1.16
N TRP A 102 -0.79 -10.16 -0.63
CA TRP A 102 -1.31 -11.44 -0.13
C TRP A 102 -2.62 -11.79 -0.85
N GLY A 103 -2.52 -12.64 -1.86
CA GLY A 103 -3.66 -13.02 -2.68
C GLY A 103 -3.46 -14.38 -3.30
N LYS A 104 -4.54 -15.00 -3.77
CA LYS A 104 -4.51 -16.33 -4.41
C LYS A 104 -3.52 -16.38 -5.60
N GLU A 105 -2.84 -17.54 -5.74
CA GLU A 105 -1.73 -17.74 -6.70
C GLU A 105 -2.05 -17.26 -8.13
N GLU A 106 -3.30 -17.47 -8.56
CA GLU A 106 -3.74 -17.18 -9.95
C GLU A 106 -3.71 -15.66 -10.25
N ASN A 107 -3.91 -14.82 -9.22
CA ASN A 107 -3.93 -13.34 -9.37
C ASN A 107 -2.52 -12.75 -9.48
N ARG A 108 -1.45 -13.59 -9.51
CA ARG A 108 -0.05 -13.12 -9.62
C ARG A 108 0.18 -12.35 -10.93
N LYS A 109 -0.42 -12.86 -12.04
CA LYS A 109 -0.29 -12.25 -13.38
C LYS A 109 -1.03 -10.90 -13.46
N ALA A 110 -2.04 -10.75 -12.60
CA ALA A 110 -2.88 -9.55 -12.53
C ALA A 110 -2.18 -8.44 -11.71
N VAL A 111 -1.63 -8.83 -10.55
CA VAL A 111 -0.91 -7.94 -9.63
C VAL A 111 0.40 -7.43 -10.28
N SER A 112 1.16 -8.36 -10.89
CA SER A 112 2.44 -8.04 -11.56
C SER A 112 2.21 -7.14 -12.79
N ASP A 113 1.05 -7.32 -13.46
CA ASP A 113 0.64 -6.49 -14.61
C ASP A 113 0.60 -5.00 -14.21
N GLN A 114 -0.05 -4.75 -13.06
CA GLN A 114 -0.28 -3.38 -12.55
C GLN A 114 1.04 -2.67 -12.24
N LEU A 115 1.96 -3.41 -11.60
CA LEU A 115 3.28 -2.89 -11.20
C LEU A 115 4.16 -2.62 -12.44
N LYS A 116 4.29 -3.64 -13.30
CA LYS A 116 5.12 -3.55 -14.54
C LYS A 116 4.55 -2.53 -15.56
N LYS A 117 3.24 -2.24 -15.44
CA LYS A 117 2.53 -1.28 -16.30
C LYS A 117 3.25 0.09 -16.32
N HIS A 118 3.61 0.56 -15.13
CA HIS A 118 4.35 1.82 -14.92
C HIS A 118 5.81 1.55 -14.50
N GLY A 119 6.11 0.30 -14.15
CA GLY A 119 7.46 -0.11 -13.73
C GLY A 119 7.76 0.14 -12.25
N PHE A 120 6.71 0.06 -11.40
CA PHE A 120 6.88 0.09 -9.93
C PHE A 120 7.37 -1.27 -9.47
N LYS A 121 8.49 -1.29 -8.73
CA LYS A 121 9.13 -2.51 -8.24
C LYS A 121 10.25 -2.11 -7.28
N LEU A 122 10.51 -2.95 -6.26
CA LEU A 122 11.55 -2.68 -5.26
C LEU A 122 12.95 -2.66 -5.92
N GLY A 1 -14.92 -14.23 1.79
CA GLY A 1 -14.99 -15.61 2.31
C GLY A 1 -13.66 -16.07 2.90
N SER A 2 -13.74 -17.03 3.84
CA SER A 2 -12.57 -17.58 4.55
C SER A 2 -11.79 -18.58 3.68
N ASP A 3 -12.25 -18.82 2.45
CA ASP A 3 -11.53 -19.68 1.48
C ASP A 3 -10.38 -18.90 0.82
N GLU A 4 -10.66 -17.64 0.43
CA GLU A 4 -9.71 -16.81 -0.33
C GLU A 4 -8.49 -16.41 0.51
N GLU A 5 -8.69 -16.24 1.83
CA GLU A 5 -7.59 -15.88 2.77
C GLU A 5 -6.61 -17.07 2.97
N VAL A 6 -7.15 -18.29 2.91
CA VAL A 6 -6.38 -19.55 3.00
C VAL A 6 -5.65 -19.80 1.66
N ASP A 7 -6.28 -19.37 0.58
CA ASP A 7 -5.73 -19.46 -0.78
C ASP A 7 -4.77 -18.28 -1.08
N SER A 8 -4.77 -17.25 -0.19
CA SER A 8 -3.84 -16.11 -0.30
C SER A 8 -2.39 -16.57 -0.13
N VAL A 9 -1.53 -16.09 -1.03
CA VAL A 9 -0.10 -16.40 -1.08
C VAL A 9 0.69 -15.09 -1.16
N LEU A 10 1.99 -15.17 -0.87
CA LEU A 10 2.89 -14.02 -0.97
C LEU A 10 3.43 -13.92 -2.40
N PHE A 11 3.11 -12.80 -3.07
CA PHE A 11 3.65 -12.51 -4.41
C PHE A 11 5.05 -11.89 -4.29
N GLY A 12 5.25 -11.14 -3.18
CA GLY A 12 6.52 -10.49 -2.90
C GLY A 12 6.32 -9.21 -2.09
N SER A 13 7.25 -8.26 -2.25
CA SER A 13 7.24 -7.00 -1.49
C SER A 13 7.43 -5.79 -2.43
N LEU A 14 7.44 -4.57 -1.86
CA LEU A 14 7.59 -3.31 -2.63
C LEU A 14 8.06 -2.17 -1.71
N ARG A 15 8.74 -1.18 -2.28
CA ARG A 15 9.17 0.05 -1.58
C ARG A 15 8.23 1.21 -1.98
N GLY A 16 7.20 1.43 -1.14
CA GLY A 16 6.23 2.50 -1.37
C GLY A 16 6.71 3.80 -0.76
N HIS A 17 6.87 4.86 -1.55
CA HIS A 17 7.37 6.16 -1.05
C HIS A 17 6.18 7.05 -0.67
N VAL A 18 5.89 7.11 0.64
CA VAL A 18 4.85 7.98 1.21
C VAL A 18 5.42 9.40 1.40
N VAL A 19 4.54 10.40 1.21
CA VAL A 19 4.89 11.83 1.33
C VAL A 19 5.26 12.20 2.79
N GLY A 20 6.04 13.28 2.93
CA GLY A 20 6.52 13.76 4.24
C GLY A 20 5.42 14.42 5.06
N LEU A 21 4.36 14.93 4.37
CA LEU A 21 3.14 15.56 4.96
C LEU A 21 2.50 14.67 6.05
N ARG A 22 2.86 13.38 6.02
CA ARG A 22 2.48 12.36 7.00
C ARG A 22 2.67 12.82 8.47
N TYR A 23 3.70 13.68 8.73
CA TYR A 23 4.00 14.20 10.11
C TYR A 23 2.82 15.04 10.64
N TYR A 24 2.26 15.85 9.75
CA TYR A 24 1.12 16.74 10.02
C TYR A 24 -0.17 15.89 10.23
N THR A 25 -0.20 14.72 9.59
CA THR A 25 -1.41 13.88 9.50
C THR A 25 -1.38 12.70 10.52
N GLY A 26 -0.25 12.54 11.25
CA GLY A 26 -0.19 11.56 12.36
C GLY A 26 0.79 10.40 12.14
N VAL A 27 2.07 10.71 11.82
CA VAL A 27 3.17 9.70 11.69
C VAL A 27 3.19 8.64 12.82
N VAL A 28 3.80 7.50 12.48
CA VAL A 28 3.92 6.34 13.36
C VAL A 28 5.41 6.07 13.68
N ASN A 29 5.65 5.08 14.55
CA ASN A 29 7.00 4.68 15.00
C ASN A 29 7.68 3.75 13.97
N ASN A 30 8.87 3.24 14.34
CA ASN A 30 9.57 2.21 13.57
C ASN A 30 8.87 0.84 13.75
N ASN A 31 8.98 -0.01 12.71
CA ASN A 31 8.39 -1.38 12.66
C ASN A 31 6.84 -1.39 12.60
N GLU A 32 6.19 -0.20 12.61
CA GLU A 32 4.73 -0.10 12.72
C GLU A 32 4.02 -0.51 11.44
N MET A 33 3.05 -1.42 11.58
CA MET A 33 2.23 -1.89 10.46
C MET A 33 1.13 -0.86 10.16
N VAL A 34 0.78 -0.79 8.88
CA VAL A 34 -0.21 0.14 8.35
C VAL A 34 -1.00 -0.56 7.23
N ALA A 35 -2.28 -0.20 7.10
CA ALA A 35 -3.18 -0.69 6.06
C ALA A 35 -3.24 0.32 4.90
N LEU A 36 -3.59 -0.14 3.70
CA LEU A 36 -3.95 0.74 2.59
C LEU A 36 -5.46 1.03 2.62
N GLN A 37 -5.83 2.10 1.93
CA GLN A 37 -7.21 2.60 1.84
C GLN A 37 -7.32 3.43 0.57
N ARG A 38 -8.48 3.39 -0.10
CA ARG A 38 -8.76 4.34 -1.20
C ARG A 38 -9.22 5.66 -0.56
N ASP A 39 -8.52 6.76 -0.88
CA ASP A 39 -8.82 8.11 -0.35
C ASP A 39 -10.27 8.51 -0.77
N PRO A 40 -11.25 8.55 0.20
CA PRO A 40 -12.69 8.75 -0.12
C PRO A 40 -12.99 10.16 -0.69
N ASN A 41 -12.03 11.08 -0.52
CA ASN A 41 -12.05 12.39 -1.16
C ASN A 41 -10.75 12.53 -1.96
N ASN A 42 -10.80 12.12 -3.25
CA ASN A 42 -9.62 12.12 -4.13
C ASN A 42 -9.10 13.56 -4.36
N PRO A 43 -7.84 13.89 -3.90
CA PRO A 43 -7.27 15.27 -4.01
C PRO A 43 -7.17 15.76 -5.46
N TYR A 44 -6.54 14.92 -6.31
CA TYR A 44 -6.34 15.22 -7.73
C TYR A 44 -6.89 14.06 -8.58
N ASP A 45 -6.53 12.83 -8.20
CA ASP A 45 -6.80 11.61 -8.99
C ASP A 45 -7.62 10.62 -8.17
N LYS A 46 -8.61 10.00 -8.83
CA LYS A 46 -9.56 9.05 -8.22
C LYS A 46 -8.86 7.83 -7.57
N ASN A 47 -7.67 7.48 -8.09
CA ASN A 47 -6.93 6.26 -7.69
C ASN A 47 -6.07 6.48 -6.42
N ALA A 48 -6.06 7.72 -5.87
CA ALA A 48 -5.23 8.11 -4.73
C ALA A 48 -5.41 7.15 -3.54
N ILE A 49 -4.35 6.36 -3.24
CA ILE A 49 -4.38 5.37 -2.16
C ILE A 49 -3.76 5.96 -0.90
N LYS A 50 -4.63 6.22 0.08
CA LYS A 50 -4.28 6.76 1.39
C LYS A 50 -3.95 5.63 2.36
N VAL A 51 -2.95 5.85 3.20
CA VAL A 51 -2.51 4.88 4.20
C VAL A 51 -3.09 5.23 5.57
N ASN A 52 -3.43 4.20 6.34
CA ASN A 52 -3.92 4.31 7.73
C ASN A 52 -3.09 3.33 8.59
N ASN A 53 -2.90 3.62 9.89
CA ASN A 53 -2.07 2.76 10.78
C ASN A 53 -2.93 1.68 11.46
N VAL A 54 -2.30 0.86 12.36
CA VAL A 54 -2.99 -0.19 13.15
C VAL A 54 -4.15 0.39 14.02
N ASN A 55 -4.01 1.65 14.44
CA ASN A 55 -5.03 2.33 15.29
C ASN A 55 -6.19 2.89 14.44
N GLY A 56 -5.96 3.04 13.12
CA GLY A 56 -6.98 3.50 12.17
C GLY A 56 -6.83 4.97 11.76
N ASN A 57 -5.78 5.62 12.29
CA ASN A 57 -5.41 7.00 11.94
C ASN A 57 -4.97 7.03 10.46
N GLN A 58 -5.73 7.74 9.62
CA GLN A 58 -5.31 8.10 8.26
C GLN A 58 -4.01 8.94 8.35
N VAL A 59 -2.88 8.32 8.02
CA VAL A 59 -1.54 8.94 8.14
C VAL A 59 -1.17 9.71 6.85
N GLY A 60 -1.86 9.41 5.74
CA GLY A 60 -1.65 10.13 4.46
C GLY A 60 -1.35 9.19 3.30
N HIS A 61 -1.59 9.67 2.06
CA HIS A 61 -1.43 8.88 0.83
C HIS A 61 0.02 8.82 0.36
N LEU A 62 0.34 7.74 -0.39
CA LEU A 62 1.70 7.48 -0.90
C LEU A 62 2.08 8.48 -2.00
N LYS A 63 1.17 8.58 -3.00
CA LYS A 63 1.39 9.23 -4.31
C LYS A 63 0.39 8.62 -5.30
N LYS A 64 -0.14 9.41 -6.26
CA LYS A 64 -1.13 8.89 -7.24
C LYS A 64 -0.43 8.03 -8.32
N GLU A 65 0.87 8.26 -8.54
CA GLU A 65 1.69 7.45 -9.49
C GLU A 65 1.98 6.06 -8.90
N LEU A 66 2.33 6.03 -7.59
CA LEU A 66 2.49 4.77 -6.82
C LEU A 66 1.14 4.01 -6.84
N ALA A 67 0.08 4.78 -6.54
CA ALA A 67 -1.30 4.32 -6.53
C ALA A 67 -1.76 3.86 -7.93
N GLY A 68 -1.12 4.38 -9.00
CA GLY A 68 -1.43 4.01 -10.40
C GLY A 68 -1.40 2.51 -10.66
N ALA A 69 -0.44 1.83 -10.02
CA ALA A 69 -0.31 0.37 -10.10
C ALA A 69 -1.29 -0.31 -9.12
N LEU A 70 -1.18 0.08 -7.84
CA LEU A 70 -1.89 -0.59 -6.73
C LEU A 70 -3.43 -0.37 -6.80
N ALA A 71 -3.86 0.64 -7.59
CA ALA A 71 -5.28 1.04 -7.76
C ALA A 71 -6.14 -0.12 -8.22
N TYR A 72 -5.73 -0.75 -9.33
CA TYR A 72 -6.49 -1.84 -9.98
C TYR A 72 -6.53 -3.09 -9.08
N ILE A 73 -5.47 -3.26 -8.25
CA ILE A 73 -5.38 -4.37 -7.29
C ILE A 73 -6.42 -4.18 -6.16
N MET A 74 -6.59 -2.92 -5.72
CA MET A 74 -7.58 -2.54 -4.69
C MET A 74 -9.00 -2.41 -5.30
N ASP A 75 -9.07 -2.07 -6.59
CA ASP A 75 -10.33 -1.77 -7.28
C ASP A 75 -11.10 -3.05 -7.59
N ASN A 76 -10.36 -4.01 -8.16
CA ASN A 76 -10.90 -5.32 -8.55
C ASN A 76 -10.66 -6.37 -7.45
N LYS A 77 -10.11 -5.89 -6.29
CA LYS A 77 -9.92 -6.70 -5.06
C LYS A 77 -9.05 -7.95 -5.35
N LEU A 78 -8.05 -7.73 -6.22
CA LEU A 78 -7.11 -8.77 -6.68
C LEU A 78 -6.30 -9.36 -5.51
N ALA A 79 -5.67 -8.48 -4.73
CA ALA A 79 -4.80 -8.86 -3.59
C ALA A 79 -4.89 -7.84 -2.45
N GLN A 80 -4.47 -8.27 -1.26
CA GLN A 80 -4.44 -7.44 -0.06
C GLN A 80 -3.00 -6.97 0.17
N ILE A 81 -2.75 -5.68 -0.08
CA ILE A 81 -1.44 -5.07 0.07
C ILE A 81 -1.36 -4.40 1.44
N GLU A 82 -0.52 -4.95 2.32
CA GLU A 82 -0.22 -4.35 3.63
C GLU A 82 1.03 -3.47 3.52
N GLY A 83 1.34 -2.76 4.60
CA GLY A 83 2.53 -1.93 4.70
C GLY A 83 3.15 -2.03 6.07
N VAL A 84 4.46 -1.77 6.14
CA VAL A 84 5.25 -1.76 7.38
C VAL A 84 6.25 -0.62 7.27
N VAL A 85 6.33 0.24 8.28
CA VAL A 85 7.23 1.41 8.33
C VAL A 85 8.46 1.04 9.17
N PRO A 86 9.54 0.42 8.56
CA PRO A 86 10.62 -0.26 9.31
C PRO A 86 11.61 0.75 9.95
N PHE A 87 12.11 1.67 9.11
CA PHE A 87 13.16 2.64 9.49
C PHE A 87 12.60 3.71 10.45
N GLY A 88 11.27 3.97 10.35
CA GLY A 88 10.59 4.99 11.17
C GLY A 88 11.01 6.41 10.82
N ALA A 89 11.60 6.60 9.62
CA ALA A 89 12.11 7.91 9.15
C ALA A 89 10.98 8.80 8.59
N ASN A 90 9.74 8.30 8.65
CA ASN A 90 8.52 8.95 8.12
C ASN A 90 8.24 10.35 8.67
N ASN A 91 8.74 10.62 9.88
CA ASN A 91 8.54 11.90 10.58
C ASN A 91 9.62 12.94 10.18
N ALA A 92 10.86 12.46 10.01
CA ALA A 92 12.03 13.33 9.73
C ALA A 92 12.26 13.52 8.22
N PHE A 93 11.72 12.60 7.40
CA PHE A 93 12.06 12.47 5.98
C PHE A 93 10.93 11.71 5.23
N THR A 94 11.04 11.65 3.90
CA THR A 94 10.13 10.86 3.05
C THR A 94 10.80 9.48 2.83
N MET A 95 10.24 8.44 3.44
CA MET A 95 10.87 7.09 3.48
C MET A 95 10.04 6.07 2.69
N PRO A 96 10.69 4.97 2.20
CA PRO A 96 9.96 3.81 1.65
C PRO A 96 9.51 2.85 2.77
N LEU A 97 8.22 2.51 2.79
CA LEU A 97 7.69 1.49 3.71
C LEU A 97 7.70 0.13 3.01
N HIS A 98 8.01 -0.94 3.78
CA HIS A 98 7.95 -2.32 3.28
C HIS A 98 6.49 -2.71 3.06
N MET A 99 6.12 -2.81 1.78
CA MET A 99 4.79 -3.26 1.37
C MET A 99 4.88 -4.75 1.07
N THR A 100 3.80 -5.49 1.27
CA THR A 100 3.78 -6.95 1.06
C THR A 100 2.45 -7.36 0.44
N PHE A 101 2.51 -8.15 -0.64
CA PHE A 101 1.34 -8.57 -1.42
C PHE A 101 0.88 -9.96 -0.96
N TRP A 102 -0.32 -10.01 -0.37
CA TRP A 102 -0.95 -11.25 0.12
C TRP A 102 -2.31 -11.38 -0.55
N GLY A 103 -2.39 -12.21 -1.59
CA GLY A 103 -3.59 -12.33 -2.39
C GLY A 103 -3.74 -13.71 -2.94
N LYS A 104 -4.96 -14.05 -3.34
CA LYS A 104 -5.32 -15.41 -3.79
C LYS A 104 -4.40 -15.92 -4.94
N GLU A 105 -4.12 -17.24 -4.89
CA GLU A 105 -3.16 -17.93 -5.79
C GLU A 105 -3.42 -17.60 -7.27
N GLU A 106 -4.70 -17.67 -7.66
CA GLU A 106 -5.15 -17.49 -9.06
C GLU A 106 -4.76 -16.10 -9.64
N ASN A 107 -4.46 -15.14 -8.76
CA ASN A 107 -4.34 -13.73 -9.14
C ASN A 107 -2.89 -13.27 -9.34
N ARG A 108 -1.91 -14.19 -9.15
CA ARG A 108 -0.47 -13.85 -9.12
C ARG A 108 0.01 -13.04 -10.35
N LYS A 109 -0.53 -13.33 -11.55
CA LYS A 109 -0.13 -12.66 -12.81
C LYS A 109 -0.84 -11.30 -12.97
N ALA A 110 -2.07 -11.19 -12.42
CA ALA A 110 -2.92 -9.98 -12.57
C ALA A 110 -2.42 -8.83 -11.67
N VAL A 111 -2.08 -9.18 -10.42
CA VAL A 111 -1.42 -8.26 -9.46
C VAL A 111 -0.03 -7.83 -9.98
N SER A 112 0.71 -8.82 -10.54
CA SER A 112 2.06 -8.58 -11.11
C SER A 112 1.98 -7.66 -12.33
N ASP A 113 0.89 -7.78 -13.11
CA ASP A 113 0.65 -6.95 -14.33
C ASP A 113 0.66 -5.45 -13.99
N GLN A 114 0.05 -5.12 -12.85
CA GLN A 114 -0.10 -3.74 -12.38
C GLN A 114 1.25 -3.16 -11.98
N LEU A 115 2.11 -4.01 -11.40
CA LEU A 115 3.47 -3.65 -11.02
C LEU A 115 4.33 -3.43 -12.28
N LYS A 116 4.19 -4.34 -13.26
CA LYS A 116 4.90 -4.31 -14.57
C LYS A 116 4.60 -3.02 -15.36
N LYS A 117 3.41 -2.45 -15.11
CA LYS A 117 2.92 -1.21 -15.76
C LYS A 117 3.92 -0.05 -15.60
N HIS A 118 4.32 0.22 -14.35
CA HIS A 118 5.31 1.27 -14.01
C HIS A 118 6.73 0.67 -13.94
N GLY A 119 6.80 -0.64 -13.70
CA GLY A 119 8.05 -1.35 -13.45
C GLY A 119 8.35 -1.51 -11.97
N PHE A 120 7.30 -1.47 -11.13
CA PHE A 120 7.41 -1.72 -9.67
C PHE A 120 7.74 -3.20 -9.40
N LYS A 121 8.55 -3.42 -8.37
CA LYS A 121 9.09 -4.74 -7.99
C LYS A 121 9.90 -4.56 -6.70
N LEU A 122 10.00 -5.64 -5.88
CA LEU A 122 10.77 -5.62 -4.61
C LEU A 122 12.22 -5.11 -4.77
N GLY A 1 -15.99 -20.47 -0.32
CA GLY A 1 -16.15 -19.21 0.42
C GLY A 1 -14.98 -18.93 1.35
N SER A 2 -14.98 -19.59 2.54
CA SER A 2 -13.91 -19.47 3.53
C SER A 2 -12.60 -20.15 3.05
N ASP A 3 -12.67 -20.86 1.91
CA ASP A 3 -11.50 -21.44 1.22
C ASP A 3 -10.44 -20.37 0.89
N GLU A 4 -10.93 -19.14 0.64
CA GLU A 4 -10.10 -17.99 0.22
C GLU A 4 -9.00 -17.62 1.23
N GLU A 5 -9.17 -17.95 2.52
CA GLU A 5 -8.13 -17.68 3.55
C GLU A 5 -6.89 -18.59 3.35
N VAL A 6 -7.15 -19.82 2.85
CA VAL A 6 -6.11 -20.81 2.53
C VAL A 6 -5.58 -20.57 1.09
N ASP A 7 -6.47 -20.02 0.25
CA ASP A 7 -6.20 -19.76 -1.18
C ASP A 7 -5.37 -18.46 -1.35
N SER A 8 -5.48 -17.54 -0.35
CA SER A 8 -4.68 -16.31 -0.30
C SER A 8 -3.27 -16.63 0.21
N VAL A 9 -2.28 -16.27 -0.61
CA VAL A 9 -0.87 -16.61 -0.41
C VAL A 9 -0.02 -15.33 -0.40
N LEU A 10 1.28 -15.49 -0.14
CA LEU A 10 2.26 -14.40 -0.24
C LEU A 10 2.80 -14.34 -1.68
N PHE A 11 2.63 -13.18 -2.33
CA PHE A 11 3.19 -12.91 -3.67
C PHE A 11 4.64 -12.40 -3.53
N GLY A 12 4.85 -11.54 -2.53
CA GLY A 12 6.13 -10.88 -2.32
C GLY A 12 5.97 -9.54 -1.63
N SER A 13 6.91 -8.63 -1.89
CA SER A 13 6.99 -7.32 -1.25
C SER A 13 6.96 -6.18 -2.30
N LEU A 14 7.04 -4.92 -1.80
CA LEU A 14 7.18 -3.72 -2.64
C LEU A 14 7.81 -2.60 -1.82
N ARG A 15 8.45 -1.66 -2.53
CA ARG A 15 9.07 -0.46 -1.93
C ARG A 15 8.05 0.69 -1.99
N GLY A 16 7.24 0.83 -0.93
CA GLY A 16 6.20 1.86 -0.87
C GLY A 16 6.77 3.21 -0.46
N HIS A 17 7.22 4.01 -1.44
CA HIS A 17 7.75 5.35 -1.19
C HIS A 17 6.63 6.31 -0.76
N VAL A 18 6.45 6.44 0.57
CA VAL A 18 5.46 7.35 1.17
C VAL A 18 6.15 8.69 1.54
N VAL A 19 5.41 9.80 1.36
CA VAL A 19 5.92 11.15 1.65
C VAL A 19 5.95 11.43 3.18
N GLY A 20 6.99 12.16 3.63
CA GLY A 20 7.10 12.62 5.02
C GLY A 20 6.27 13.87 5.30
N LEU A 21 5.91 14.59 4.23
CA LEU A 21 5.15 15.86 4.29
C LEU A 21 3.76 15.69 4.97
N ARG A 22 3.26 14.44 4.96
CA ARG A 22 1.94 14.07 5.53
C ARG A 22 1.96 14.02 7.09
N TYR A 23 3.14 14.33 7.72
CA TYR A 23 3.38 14.27 9.19
C TYR A 23 2.21 14.85 10.04
N TYR A 24 1.63 15.96 9.57
CA TYR A 24 0.55 16.70 10.27
C TYR A 24 -0.68 15.83 10.58
N THR A 25 -0.88 14.76 9.79
CA THR A 25 -2.02 13.82 9.93
C THR A 25 -1.83 12.87 11.16
N GLY A 26 -0.63 12.91 11.80
CA GLY A 26 -0.38 12.13 13.02
C GLY A 26 0.22 10.77 12.70
N VAL A 27 1.28 10.79 11.88
CA VAL A 27 1.93 9.56 11.37
C VAL A 27 2.56 8.67 12.47
N VAL A 28 2.97 7.47 12.04
CA VAL A 28 3.55 6.43 12.90
C VAL A 28 5.02 6.21 12.51
N ASN A 29 5.88 5.83 13.47
CA ASN A 29 7.35 5.84 13.27
C ASN A 29 7.93 4.46 12.88
N ASN A 30 8.44 3.69 13.85
CA ASN A 30 9.29 2.49 13.57
C ASN A 30 8.55 1.19 13.87
N ASN A 31 8.82 0.16 13.03
CA ASN A 31 8.25 -1.21 13.13
C ASN A 31 6.70 -1.21 13.04
N GLU A 32 6.11 -0.07 12.67
CA GLU A 32 4.66 0.11 12.67
C GLU A 32 4.04 -0.51 11.41
N MET A 33 2.99 -1.29 11.62
CA MET A 33 2.26 -1.97 10.55
C MET A 33 1.16 -1.03 10.04
N VAL A 34 1.28 -0.66 8.77
CA VAL A 34 0.32 0.21 8.08
C VAL A 34 -0.40 -0.58 6.97
N ALA A 35 -1.73 -0.41 6.90
CA ALA A 35 -2.57 -1.07 5.90
C ALA A 35 -3.05 -0.04 4.87
N LEU A 36 -2.88 -0.38 3.60
CA LEU A 36 -3.24 0.50 2.47
C LEU A 36 -4.74 0.37 2.19
N GLN A 37 -5.40 1.49 1.86
CA GLN A 37 -6.85 1.54 1.63
C GLN A 37 -7.20 2.68 0.63
N ARG A 38 -8.27 2.48 -0.17
CA ARG A 38 -8.69 3.42 -1.24
C ARG A 38 -9.01 4.83 -0.68
N ASP A 39 -8.69 5.88 -1.46
CA ASP A 39 -9.12 7.26 -1.16
C ASP A 39 -9.68 7.88 -2.46
N PRO A 40 -11.03 7.80 -2.68
CA PRO A 40 -11.66 8.27 -3.93
C PRO A 40 -11.77 9.81 -4.01
N ASN A 41 -11.78 10.47 -2.83
CA ASN A 41 -11.99 11.92 -2.73
C ASN A 41 -10.63 12.66 -2.70
N ASN A 42 -9.85 12.45 -3.77
CA ASN A 42 -8.68 13.28 -4.11
C ASN A 42 -9.02 14.13 -5.34
N PRO A 43 -8.53 15.40 -5.41
CA PRO A 43 -8.70 16.26 -6.62
C PRO A 43 -7.83 15.76 -7.78
N TYR A 44 -6.81 14.94 -7.45
CA TYR A 44 -5.87 14.38 -8.43
C TYR A 44 -6.51 13.20 -9.19
N ASP A 45 -7.03 12.22 -8.42
CA ASP A 45 -7.61 10.97 -8.97
C ASP A 45 -8.16 10.12 -7.82
N LYS A 46 -9.19 9.31 -8.13
CA LYS A 46 -9.80 8.35 -7.19
C LYS A 46 -8.82 7.19 -6.85
N ASN A 47 -7.81 7.02 -7.73
CA ASN A 47 -6.81 5.95 -7.64
C ASN A 47 -5.73 6.21 -6.56
N ALA A 48 -5.80 7.36 -5.88
CA ALA A 48 -4.90 7.67 -4.77
C ALA A 48 -5.28 6.82 -3.53
N ILE A 49 -4.25 6.30 -2.83
CA ILE A 49 -4.42 5.39 -1.69
C ILE A 49 -4.10 6.13 -0.38
N LYS A 50 -5.07 6.12 0.53
CA LYS A 50 -4.91 6.60 1.90
C LYS A 50 -4.36 5.46 2.77
N VAL A 51 -3.17 5.66 3.29
CA VAL A 51 -2.52 4.69 4.17
C VAL A 51 -2.99 4.93 5.61
N ASN A 52 -3.38 3.83 6.26
CA ASN A 52 -3.85 3.81 7.65
C ASN A 52 -2.90 2.91 8.46
N ASN A 53 -2.95 2.97 9.79
CA ASN A 53 -2.11 2.09 10.65
C ASN A 53 -2.95 0.87 11.13
N VAL A 54 -2.45 0.14 12.17
CA VAL A 54 -3.19 -0.99 12.79
C VAL A 54 -4.52 -0.54 13.42
N ASN A 55 -4.54 0.71 13.93
CA ASN A 55 -5.73 1.32 14.55
C ASN A 55 -6.76 1.75 13.49
N GLY A 56 -6.30 1.89 12.23
CA GLY A 56 -7.13 2.40 11.13
C GLY A 56 -7.05 3.92 11.03
N ASN A 57 -6.27 4.53 11.93
CA ASN A 57 -5.97 5.97 11.91
C ASN A 57 -5.15 6.30 10.66
N GLN A 58 -5.70 7.15 9.79
CA GLN A 58 -5.03 7.60 8.57
C GLN A 58 -3.74 8.38 8.93
N VAL A 59 -2.61 7.89 8.42
CA VAL A 59 -1.32 8.58 8.53
C VAL A 59 -1.11 9.56 7.36
N GLY A 60 -1.97 9.42 6.33
CA GLY A 60 -1.97 10.32 5.16
C GLY A 60 -2.06 9.54 3.85
N HIS A 61 -1.75 10.23 2.72
CA HIS A 61 -1.69 9.60 1.39
C HIS A 61 -0.30 8.95 1.18
N LEU A 62 -0.23 7.96 0.25
CA LEU A 62 1.02 7.22 -0.01
C LEU A 62 1.92 8.04 -0.94
N LYS A 63 1.34 8.42 -2.09
CA LYS A 63 2.05 8.91 -3.29
C LYS A 63 1.08 8.67 -4.46
N LYS A 64 0.80 9.70 -5.28
CA LYS A 64 -0.20 9.61 -6.38
C LYS A 64 0.19 8.51 -7.39
N GLU A 65 1.40 8.64 -7.97
CA GLU A 65 1.94 7.71 -9.00
C GLU A 65 1.94 6.24 -8.54
N LEU A 66 2.44 6.03 -7.31
CA LEU A 66 2.60 4.68 -6.74
C LEU A 66 1.23 4.06 -6.43
N ALA A 67 0.34 4.91 -5.91
CA ALA A 67 -1.04 4.55 -5.60
C ALA A 67 -1.78 4.17 -6.89
N GLY A 68 -1.44 4.82 -8.02
CA GLY A 68 -2.05 4.55 -9.33
C GLY A 68 -1.82 3.12 -9.82
N ALA A 69 -0.67 2.54 -9.45
CA ALA A 69 -0.34 1.13 -9.75
C ALA A 69 -1.21 0.21 -8.88
N LEU A 70 -1.05 0.38 -7.55
CA LEU A 70 -1.70 -0.45 -6.53
C LEU A 70 -3.24 -0.23 -6.48
N ALA A 71 -3.70 0.86 -7.11
CA ALA A 71 -5.12 1.27 -7.17
C ALA A 71 -6.04 0.17 -7.68
N TYR A 72 -5.63 -0.48 -8.77
CA TYR A 72 -6.42 -1.55 -9.41
C TYR A 72 -6.46 -2.79 -8.50
N ILE A 73 -5.36 -3.01 -7.76
CA ILE A 73 -5.25 -4.11 -6.77
C ILE A 73 -6.15 -3.81 -5.54
N MET A 74 -6.25 -2.52 -5.20
CA MET A 74 -7.00 -2.01 -4.03
C MET A 74 -8.51 -1.94 -4.32
N ASP A 75 -8.84 -1.52 -5.54
CA ASP A 75 -10.21 -1.21 -5.97
C ASP A 75 -10.94 -2.49 -6.38
N ASN A 76 -10.20 -3.40 -7.02
CA ASN A 76 -10.72 -4.72 -7.46
C ASN A 76 -10.35 -5.82 -6.46
N LYS A 77 -9.74 -5.42 -5.31
CA LYS A 77 -9.46 -6.30 -4.15
C LYS A 77 -8.67 -7.59 -4.54
N LEU A 78 -7.71 -7.41 -5.47
CA LEU A 78 -6.89 -8.50 -6.01
C LEU A 78 -5.98 -9.10 -4.93
N ALA A 79 -5.41 -8.22 -4.09
CA ALA A 79 -4.54 -8.60 -2.98
C ALA A 79 -4.63 -7.55 -1.86
N GLN A 80 -4.69 -8.04 -0.62
CA GLN A 80 -4.65 -7.22 0.59
C GLN A 80 -3.19 -6.78 0.83
N ILE A 81 -2.92 -5.50 0.58
CA ILE A 81 -1.57 -4.93 0.67
C ILE A 81 -1.37 -4.32 2.07
N GLU A 82 -0.52 -4.95 2.87
CA GLU A 82 -0.06 -4.41 4.16
C GLU A 82 1.32 -3.73 3.97
N GLY A 83 1.85 -3.18 5.05
CA GLY A 83 3.17 -2.55 5.05
C GLY A 83 3.74 -2.44 6.46
N VAL A 84 5.06 -2.27 6.54
CA VAL A 84 5.79 -2.07 7.82
C VAL A 84 6.91 -1.06 7.57
N VAL A 85 6.89 0.07 8.29
CA VAL A 85 7.96 1.09 8.23
C VAL A 85 8.98 0.85 9.37
N PRO A 86 10.16 0.21 9.06
CA PRO A 86 11.15 -0.20 10.09
C PRO A 86 11.99 0.98 10.64
N PHE A 87 12.44 1.85 9.72
CA PHE A 87 13.41 2.92 10.03
C PHE A 87 12.75 4.13 10.71
N GLY A 88 11.45 4.32 10.44
CA GLY A 88 10.69 5.45 10.99
C GLY A 88 11.02 6.80 10.37
N ALA A 89 11.66 6.76 9.17
CA ALA A 89 12.05 7.97 8.45
C ALA A 89 10.83 8.64 7.77
N ASN A 90 9.70 7.90 7.67
CA ASN A 90 8.46 8.35 6.97
C ASN A 90 7.77 9.54 7.68
N ASN A 91 8.22 9.88 8.89
CA ASN A 91 7.64 10.98 9.68
C ASN A 91 8.05 12.35 9.09
N ALA A 92 9.36 12.58 8.98
CA ALA A 92 9.91 13.84 8.45
C ALA A 92 10.31 13.71 6.97
N PHE A 93 10.94 12.57 6.65
CA PHE A 93 11.56 12.31 5.33
C PHE A 93 10.65 11.45 4.44
N THR A 94 10.93 11.49 3.12
CA THR A 94 10.19 10.71 2.12
C THR A 94 10.96 9.40 1.86
N MET A 95 10.42 8.27 2.32
CA MET A 95 11.14 6.98 2.32
C MET A 95 10.27 5.85 1.73
N PRO A 96 10.92 4.81 1.11
CA PRO A 96 10.25 3.54 0.81
C PRO A 96 10.26 2.58 2.03
N LEU A 97 9.07 2.04 2.38
CA LEU A 97 8.96 1.01 3.43
C LEU A 97 8.48 -0.31 2.81
N HIS A 98 8.79 -1.42 3.49
CA HIS A 98 8.50 -2.76 2.97
C HIS A 98 7.00 -3.06 3.10
N MET A 99 6.31 -3.06 1.95
CA MET A 99 4.91 -3.46 1.83
C MET A 99 4.84 -4.91 1.35
N THR A 100 3.70 -5.59 1.56
CA THR A 100 3.60 -7.04 1.35
C THR A 100 2.22 -7.37 0.72
N PHE A 101 2.23 -8.23 -0.31
CA PHE A 101 1.02 -8.62 -1.06
C PHE A 101 0.54 -10.00 -0.58
N TRP A 102 -0.70 -10.04 -0.07
CA TRP A 102 -1.35 -11.28 0.38
C TRP A 102 -2.70 -11.38 -0.33
N GLY A 103 -2.83 -12.33 -1.26
CA GLY A 103 -4.03 -12.49 -2.05
C GLY A 103 -4.05 -13.83 -2.76
N LYS A 104 -5.20 -14.19 -3.34
CA LYS A 104 -5.37 -15.49 -4.02
C LYS A 104 -4.46 -15.60 -5.27
N GLU A 105 -3.92 -16.81 -5.49
CA GLU A 105 -2.88 -17.09 -6.53
C GLU A 105 -3.30 -16.67 -7.95
N GLU A 106 -4.61 -16.73 -8.24
CA GLU A 106 -5.16 -16.41 -9.58
C GLU A 106 -4.99 -14.91 -9.94
N ASN A 107 -4.80 -14.06 -8.90
CA ASN A 107 -4.68 -12.61 -9.07
C ASN A 107 -3.23 -12.12 -9.11
N ARG A 108 -2.21 -13.01 -8.98
CA ARG A 108 -0.78 -12.58 -9.02
C ARG A 108 -0.41 -12.02 -10.40
N LYS A 109 -1.09 -12.54 -11.45
CA LYS A 109 -0.89 -12.08 -12.83
C LYS A 109 -1.46 -10.66 -13.04
N ALA A 110 -2.51 -10.33 -12.26
CA ALA A 110 -3.16 -9.02 -12.30
C ALA A 110 -2.37 -8.00 -11.47
N VAL A 111 -1.91 -8.44 -10.28
CA VAL A 111 -1.06 -7.65 -9.36
C VAL A 111 0.27 -7.26 -10.02
N SER A 112 0.90 -8.26 -10.67
CA SER A 112 2.17 -8.09 -11.39
C SER A 112 2.01 -7.09 -12.54
N ASP A 113 0.87 -7.17 -13.24
CA ASP A 113 0.53 -6.27 -14.38
C ASP A 113 0.58 -4.80 -13.95
N GLN A 114 0.06 -4.53 -12.75
CA GLN A 114 -0.06 -3.17 -12.20
C GLN A 114 1.31 -2.60 -11.79
N LEU A 115 2.18 -3.49 -11.28
CA LEU A 115 3.55 -3.13 -10.87
C LEU A 115 4.41 -2.79 -12.10
N LYS A 116 4.39 -3.71 -13.08
CA LYS A 116 5.14 -3.57 -14.36
C LYS A 116 4.67 -2.35 -15.17
N LYS A 117 3.37 -2.05 -15.04
CA LYS A 117 2.67 -0.94 -15.74
C LYS A 117 3.38 0.40 -15.49
N HIS A 118 3.73 0.63 -14.22
CA HIS A 118 4.44 1.84 -13.77
C HIS A 118 5.94 1.57 -13.61
N GLY A 119 6.34 0.29 -13.53
CA GLY A 119 7.75 -0.10 -13.36
C GLY A 119 8.21 -0.16 -11.91
N PHE A 120 7.29 -0.50 -10.98
CA PHE A 120 7.64 -0.77 -9.57
C PHE A 120 7.99 -2.25 -9.40
N LYS A 121 9.17 -2.51 -8.83
CA LYS A 121 9.67 -3.88 -8.57
C LYS A 121 10.18 -3.95 -7.11
N LEU A 122 10.08 -5.15 -6.52
CA LEU A 122 10.62 -5.44 -5.19
C LEU A 122 12.14 -5.66 -5.27
N GLY A 1 -16.30 -19.40 0.46
CA GLY A 1 -16.09 -19.15 1.90
C GLY A 1 -14.69 -18.64 2.18
N SER A 2 -13.92 -19.39 3.01
CA SER A 2 -12.57 -19.00 3.47
C SER A 2 -11.49 -19.29 2.40
N ASP A 3 -11.87 -20.00 1.33
CA ASP A 3 -10.95 -20.46 0.25
C ASP A 3 -10.20 -19.31 -0.44
N GLU A 4 -10.71 -18.06 -0.31
CA GLU A 4 -10.03 -16.86 -0.82
C GLU A 4 -8.65 -16.70 -0.17
N GLU A 5 -8.65 -16.56 1.17
CA GLU A 5 -7.42 -16.35 1.97
C GLU A 5 -6.66 -17.67 2.19
N VAL A 6 -7.33 -18.82 1.99
CA VAL A 6 -6.67 -20.15 1.96
C VAL A 6 -5.81 -20.29 0.69
N ASP A 7 -6.23 -19.62 -0.40
CA ASP A 7 -5.51 -19.61 -1.69
C ASP A 7 -4.62 -18.36 -1.83
N SER A 8 -4.78 -17.38 -0.89
CA SER A 8 -3.95 -16.16 -0.86
C SER A 8 -2.52 -16.49 -0.43
N VAL A 9 -1.58 -16.26 -1.34
CA VAL A 9 -0.15 -16.55 -1.17
C VAL A 9 0.67 -15.24 -1.21
N LEU A 10 1.93 -15.33 -0.77
CA LEU A 10 2.87 -14.19 -0.82
C LEU A 10 3.52 -14.11 -2.21
N PHE A 11 3.28 -12.99 -2.92
CA PHE A 11 3.91 -12.68 -4.21
C PHE A 11 5.29 -12.03 -4.01
N GLY A 12 5.46 -11.38 -2.84
CA GLY A 12 6.70 -10.74 -2.45
C GLY A 12 6.45 -9.44 -1.71
N SER A 13 7.45 -8.56 -1.70
CA SER A 13 7.37 -7.27 -1.01
C SER A 13 7.37 -6.11 -2.02
N LEU A 14 7.28 -4.87 -1.52
CA LEU A 14 7.40 -3.65 -2.35
C LEU A 14 7.91 -2.49 -1.50
N ARG A 15 8.67 -1.60 -2.14
CA ARG A 15 9.14 -0.36 -1.54
C ARG A 15 8.06 0.73 -1.65
N GLY A 16 7.15 0.76 -0.65
CA GLY A 16 6.03 1.70 -0.62
C GLY A 16 6.47 3.11 -0.25
N HIS A 17 6.74 3.93 -1.28
CA HIS A 17 7.25 5.31 -1.11
C HIS A 17 6.18 6.22 -0.47
N VAL A 18 6.44 6.65 0.77
CA VAL A 18 5.61 7.65 1.48
C VAL A 18 6.42 8.94 1.68
N VAL A 19 5.75 10.09 1.62
CA VAL A 19 6.40 11.42 1.72
C VAL A 19 6.35 11.98 3.17
N GLY A 20 7.33 12.84 3.52
CA GLY A 20 7.51 13.35 4.89
C GLY A 20 6.57 14.49 5.28
N LEU A 21 6.00 15.19 4.27
CA LEU A 21 5.05 16.33 4.49
C LEU A 21 3.77 15.87 5.22
N ARG A 22 3.55 14.55 5.22
CA ARG A 22 2.45 13.87 5.89
C ARG A 22 2.57 13.88 7.44
N TYR A 23 3.67 14.45 7.98
CA TYR A 23 3.93 14.48 9.45
C TYR A 23 2.74 15.04 10.26
N TYR A 24 2.14 16.12 9.73
CA TYR A 24 1.05 16.85 10.40
C TYR A 24 -0.32 16.18 10.13
N THR A 25 -0.34 15.15 9.25
CA THR A 25 -1.52 14.32 8.98
C THR A 25 -1.76 13.36 10.17
N GLY A 26 -0.67 13.01 10.89
CA GLY A 26 -0.75 12.10 12.03
C GLY A 26 0.03 10.81 11.80
N VAL A 27 1.30 10.96 11.38
CA VAL A 27 2.23 9.83 11.14
C VAL A 27 2.49 8.97 12.40
N VAL A 28 3.16 7.82 12.18
CA VAL A 28 3.46 6.82 13.21
C VAL A 28 4.97 6.69 13.46
N ASN A 29 5.31 5.81 14.41
CA ASN A 29 6.69 5.52 14.83
C ASN A 29 7.32 4.44 13.92
N ASN A 30 8.46 3.88 14.36
CA ASN A 30 9.11 2.73 13.70
C ASN A 30 8.44 1.41 14.14
N ASN A 31 8.63 0.36 13.32
CA ASN A 31 8.08 -1.00 13.54
C ASN A 31 6.54 -1.04 13.52
N GLU A 32 5.90 0.07 13.13
CA GLU A 32 4.43 0.19 13.11
C GLU A 32 3.85 -0.38 11.82
N MET A 33 2.67 -1.01 11.93
CA MET A 33 1.96 -1.58 10.78
C MET A 33 0.98 -0.55 10.22
N VAL A 34 1.01 -0.39 8.90
CA VAL A 34 0.15 0.55 8.17
C VAL A 34 -0.72 -0.21 7.15
N ALA A 35 -1.89 0.35 6.84
CA ALA A 35 -2.89 -0.27 5.94
C ALA A 35 -3.16 0.63 4.74
N LEU A 36 -3.65 0.01 3.64
CA LEU A 36 -3.94 0.71 2.39
C LEU A 36 -5.45 0.98 2.28
N GLN A 37 -5.78 2.22 1.88
CA GLN A 37 -7.16 2.72 1.80
C GLN A 37 -7.28 3.56 0.51
N ARG A 38 -8.03 3.10 -0.50
CA ARG A 38 -8.30 3.92 -1.71
C ARG A 38 -9.34 4.99 -1.35
N ASP A 39 -9.03 6.26 -1.63
CA ASP A 39 -9.84 7.40 -1.14
C ASP A 39 -10.45 8.19 -2.31
N PRO A 40 -11.74 7.92 -2.71
CA PRO A 40 -12.45 8.67 -3.77
C PRO A 40 -12.63 10.17 -3.43
N ASN A 41 -12.64 10.47 -2.12
CA ASN A 41 -12.83 11.83 -1.59
C ASN A 41 -11.61 12.73 -1.84
N ASN A 42 -10.42 12.10 -1.96
CA ASN A 42 -9.13 12.80 -2.12
C ASN A 42 -9.14 13.73 -3.37
N PRO A 43 -8.98 15.08 -3.20
CA PRO A 43 -9.00 16.05 -4.33
C PRO A 43 -7.71 16.01 -5.17
N TYR A 44 -6.68 15.36 -4.62
CA TYR A 44 -5.41 15.10 -5.29
C TYR A 44 -5.60 13.99 -6.36
N ASP A 45 -6.23 12.87 -5.95
CA ASP A 45 -6.50 11.71 -6.84
C ASP A 45 -7.39 10.70 -6.11
N LYS A 46 -8.38 10.13 -6.82
CA LYS A 46 -9.34 9.16 -6.25
C LYS A 46 -8.66 7.81 -5.93
N ASN A 47 -7.62 7.47 -6.71
CA ASN A 47 -6.88 6.21 -6.55
C ASN A 47 -5.80 6.36 -5.47
N ALA A 48 -5.52 7.63 -5.06
CA ALA A 48 -4.42 7.95 -4.12
C ALA A 48 -4.63 7.22 -2.81
N ILE A 49 -3.77 6.22 -2.59
CA ILE A 49 -3.90 5.30 -1.47
C ILE A 49 -3.53 6.01 -0.18
N LYS A 50 -4.56 6.34 0.57
CA LYS A 50 -4.46 6.80 1.95
C LYS A 50 -3.82 5.70 2.80
N VAL A 51 -2.60 5.96 3.25
CA VAL A 51 -1.88 5.09 4.16
C VAL A 51 -2.36 5.41 5.57
N ASN A 52 -3.07 4.45 6.17
CA ASN A 52 -3.57 4.51 7.55
C ASN A 52 -2.62 3.70 8.45
N ASN A 53 -2.83 3.73 9.76
CA ASN A 53 -2.11 2.87 10.71
C ASN A 53 -3.06 1.75 11.22
N VAL A 54 -2.66 1.01 12.27
CA VAL A 54 -3.50 -0.04 12.89
C VAL A 54 -4.83 0.51 13.47
N ASN A 55 -4.79 1.78 13.91
CA ASN A 55 -5.96 2.48 14.49
C ASN A 55 -6.98 2.85 13.39
N GLY A 56 -6.45 3.13 12.17
CA GLY A 56 -7.25 3.66 11.07
C GLY A 56 -7.00 5.15 10.83
N ASN A 57 -6.12 5.74 11.68
CA ASN A 57 -5.67 7.13 11.55
C ASN A 57 -4.84 7.27 10.26
N GLN A 58 -5.28 8.18 9.38
CA GLN A 58 -4.56 8.54 8.16
C GLN A 58 -3.18 9.13 8.52
N VAL A 59 -2.13 8.37 8.19
CA VAL A 59 -0.74 8.84 8.31
C VAL A 59 -0.29 9.48 6.97
N GLY A 60 -1.20 9.49 5.96
CA GLY A 60 -1.03 10.26 4.71
C GLY A 60 -1.48 9.49 3.46
N HIS A 61 -0.80 9.78 2.31
CA HIS A 61 -1.03 9.08 1.00
C HIS A 61 0.34 8.78 0.35
N LEU A 62 0.47 7.66 -0.38
CA LEU A 62 1.77 7.24 -0.98
C LEU A 62 2.26 8.26 -2.02
N LYS A 63 1.38 8.47 -3.02
CA LYS A 63 1.62 9.19 -4.32
C LYS A 63 0.31 8.99 -5.12
N LYS A 64 0.12 9.70 -6.25
CA LYS A 64 -0.88 9.26 -7.28
C LYS A 64 -0.25 8.17 -8.17
N GLU A 65 1.09 8.22 -8.28
CA GLU A 65 1.90 7.33 -9.11
C GLU A 65 1.91 5.89 -8.56
N LEU A 66 2.41 5.75 -7.30
CA LEU A 66 2.47 4.46 -6.56
C LEU A 66 1.04 3.87 -6.45
N ALA A 67 0.09 4.80 -6.18
CA ALA A 67 -1.33 4.49 -6.04
C ALA A 67 -1.90 3.87 -7.31
N GLY A 68 -1.53 4.44 -8.47
CA GLY A 68 -2.06 4.03 -9.79
C GLY A 68 -1.96 2.52 -10.04
N ALA A 69 -0.88 1.90 -9.55
CA ALA A 69 -0.66 0.45 -9.66
C ALA A 69 -1.49 -0.33 -8.63
N LEU A 70 -1.23 -0.08 -7.33
CA LEU A 70 -1.77 -0.89 -6.22
C LEU A 70 -3.29 -0.70 -6.02
N ALA A 71 -3.83 0.42 -6.56
CA ALA A 71 -5.27 0.76 -6.48
C ALA A 71 -6.12 -0.32 -7.15
N TYR A 72 -5.71 -0.71 -8.38
CA TYR A 72 -6.41 -1.70 -9.21
C TYR A 72 -6.36 -3.09 -8.53
N ILE A 73 -5.22 -3.39 -7.88
CA ILE A 73 -5.00 -4.67 -7.17
C ILE A 73 -5.95 -4.79 -5.96
N MET A 74 -6.09 -3.68 -5.25
CA MET A 74 -6.91 -3.59 -4.03
C MET A 74 -8.42 -3.48 -4.37
N ASP A 75 -8.72 -2.84 -5.51
CA ASP A 75 -10.11 -2.54 -5.95
C ASP A 75 -10.76 -3.76 -6.61
N ASN A 76 -10.03 -4.37 -7.55
CA ASN A 76 -10.49 -5.58 -8.29
C ASN A 76 -10.17 -6.86 -7.51
N LYS A 77 -9.67 -6.70 -6.26
CA LYS A 77 -9.49 -7.80 -5.28
C LYS A 77 -8.47 -8.85 -5.79
N LEU A 78 -7.48 -8.37 -6.55
CA LEU A 78 -6.41 -9.20 -7.12
C LEU A 78 -5.52 -9.73 -5.99
N ALA A 79 -5.17 -8.83 -5.05
CA ALA A 79 -4.40 -9.18 -3.84
C ALA A 79 -4.65 -8.16 -2.72
N GLN A 80 -4.56 -8.64 -1.48
CA GLN A 80 -4.48 -7.80 -0.29
C GLN A 80 -3.05 -7.25 -0.20
N ILE A 81 -2.93 -5.96 0.08
CA ILE A 81 -1.63 -5.30 0.25
C ILE A 81 -1.65 -4.54 1.59
N GLU A 82 -0.62 -4.77 2.39
CA GLU A 82 -0.39 -4.08 3.67
C GLU A 82 1.06 -3.61 3.71
N GLY A 83 1.37 -2.75 4.69
CA GLY A 83 2.72 -2.22 4.86
C GLY A 83 3.15 -2.21 6.30
N VAL A 84 4.44 -2.00 6.52
CA VAL A 84 5.08 -1.85 7.84
C VAL A 84 6.25 -0.88 7.66
N VAL A 85 6.36 0.12 8.53
CA VAL A 85 7.46 1.10 8.51
C VAL A 85 8.49 0.77 9.62
N PRO A 86 9.63 0.08 9.28
CA PRO A 86 10.69 -0.24 10.27
C PRO A 86 11.63 0.97 10.55
N PHE A 87 11.76 1.87 9.57
CA PHE A 87 12.71 3.00 9.62
C PHE A 87 12.22 4.11 10.57
N GLY A 88 10.88 4.27 10.67
CA GLY A 88 10.26 5.39 11.40
C GLY A 88 10.58 6.78 10.81
N ALA A 89 11.17 6.80 9.60
CA ALA A 89 11.61 8.04 8.93
C ALA A 89 10.48 8.66 8.08
N ASN A 90 9.28 8.06 8.18
CA ASN A 90 8.05 8.56 7.51
C ASN A 90 7.62 9.95 8.03
N ASN A 91 8.13 10.32 9.21
CA ASN A 91 7.83 11.60 9.86
C ASN A 91 8.47 12.77 9.10
N ALA A 92 9.81 12.77 9.00
CA ALA A 92 10.58 13.89 8.46
C ALA A 92 10.96 13.70 6.99
N PHE A 93 11.18 12.44 6.58
CA PHE A 93 11.81 12.10 5.29
C PHE A 93 10.83 11.39 4.33
N THR A 94 11.21 11.38 3.04
CA THR A 94 10.50 10.67 1.98
C THR A 94 11.24 9.34 1.77
N MET A 95 10.62 8.22 2.16
CA MET A 95 11.32 6.92 2.25
C MET A 95 10.33 5.76 1.98
N PRO A 96 10.86 4.56 1.58
CA PRO A 96 10.02 3.37 1.34
C PRO A 96 9.80 2.52 2.61
N LEU A 97 8.54 2.23 2.94
CA LEU A 97 8.19 1.25 3.97
C LEU A 97 7.96 -0.12 3.33
N HIS A 98 8.21 -1.18 4.10
CA HIS A 98 8.10 -2.57 3.63
C HIS A 98 6.61 -2.97 3.47
N MET A 99 6.18 -3.11 2.21
CA MET A 99 4.85 -3.65 1.86
C MET A 99 4.96 -5.13 1.47
N THR A 100 3.81 -5.82 1.41
CA THR A 100 3.71 -7.22 0.99
C THR A 100 2.42 -7.44 0.19
N PHE A 101 2.42 -8.48 -0.65
CA PHE A 101 1.27 -8.86 -1.48
C PHE A 101 0.82 -10.26 -1.06
N TRP A 102 -0.42 -10.37 -0.56
CA TRP A 102 -1.06 -11.64 -0.19
C TRP A 102 -2.38 -11.75 -0.95
N GLY A 103 -2.37 -12.52 -2.03
CA GLY A 103 -3.53 -12.66 -2.91
C GLY A 103 -3.57 -14.01 -3.58
N LYS A 104 -4.71 -14.33 -4.18
CA LYS A 104 -4.97 -15.68 -4.69
C LYS A 104 -4.15 -15.95 -5.99
N GLU A 105 -3.72 -17.22 -6.14
CA GLU A 105 -2.85 -17.67 -7.25
C GLU A 105 -3.45 -17.43 -8.65
N GLU A 106 -4.78 -17.46 -8.76
CA GLU A 106 -5.48 -17.29 -10.07
C GLU A 106 -5.55 -15.82 -10.52
N ASN A 107 -5.10 -14.89 -9.65
CA ASN A 107 -5.08 -13.44 -9.95
C ASN A 107 -3.64 -12.90 -9.91
N ARG A 108 -2.65 -13.81 -9.78
CA ARG A 108 -1.23 -13.44 -9.50
C ARG A 108 -0.61 -12.64 -10.66
N LYS A 109 -0.97 -12.99 -11.92
CA LYS A 109 -0.43 -12.32 -13.12
C LYS A 109 -1.03 -10.91 -13.27
N ALA A 110 -2.24 -10.72 -12.72
CA ALA A 110 -2.94 -9.43 -12.76
C ALA A 110 -2.35 -8.47 -11.72
N VAL A 111 -1.93 -9.02 -10.56
CA VAL A 111 -1.23 -8.26 -9.50
C VAL A 111 0.10 -7.70 -10.03
N SER A 112 0.89 -8.61 -10.65
CA SER A 112 2.17 -8.26 -11.26
C SER A 112 1.97 -7.32 -12.46
N ASP A 113 0.84 -7.49 -13.19
CA ASP A 113 0.51 -6.66 -14.38
C ASP A 113 0.47 -5.17 -14.03
N GLN A 114 -0.14 -4.85 -12.87
CA GLN A 114 -0.29 -3.44 -12.41
C GLN A 114 1.07 -2.86 -12.00
N LEU A 115 1.97 -3.73 -11.50
CA LEU A 115 3.35 -3.35 -11.16
C LEU A 115 4.14 -3.04 -12.44
N LYS A 116 4.11 -3.97 -13.42
CA LYS A 116 4.81 -3.83 -14.73
C LYS A 116 4.22 -2.67 -15.56
N LYS A 117 2.94 -2.34 -15.29
CA LYS A 117 2.17 -1.27 -15.98
C LYS A 117 2.92 0.07 -15.97
N HIS A 118 3.45 0.43 -14.80
CA HIS A 118 4.29 1.63 -14.63
C HIS A 118 5.78 1.24 -14.53
N GLY A 119 6.03 0.02 -14.02
CA GLY A 119 7.38 -0.48 -13.82
C GLY A 119 7.83 -0.47 -12.36
N PHE A 120 6.88 -0.61 -11.41
CA PHE A 120 7.19 -0.73 -9.97
C PHE A 120 7.65 -2.15 -9.63
N LYS A 121 8.79 -2.25 -8.92
CA LYS A 121 9.31 -3.52 -8.43
C LYS A 121 10.16 -3.25 -7.17
N LEU A 122 10.15 -4.21 -6.23
CA LEU A 122 10.96 -4.15 -5.00
C LEU A 122 12.48 -4.08 -5.34
N GLY A 1 -16.35 -16.73 1.59
CA GLY A 1 -16.31 -17.40 2.90
C GLY A 1 -14.91 -17.52 3.48
N SER A 2 -14.77 -18.37 4.52
CA SER A 2 -13.49 -18.63 5.20
C SER A 2 -12.47 -19.35 4.27
N ASP A 3 -12.99 -20.01 3.22
CA ASP A 3 -12.21 -20.77 2.22
C ASP A 3 -11.39 -19.84 1.29
N GLU A 4 -11.70 -18.53 1.31
CA GLU A 4 -11.13 -17.53 0.40
C GLU A 4 -9.61 -17.33 0.65
N GLU A 5 -9.25 -17.14 1.93
CA GLU A 5 -7.86 -16.87 2.34
C GLU A 5 -6.99 -18.15 2.34
N VAL A 6 -7.64 -19.32 2.30
CA VAL A 6 -6.98 -20.64 2.09
C VAL A 6 -6.30 -20.67 0.70
N ASP A 7 -6.95 -20.00 -0.25
CA ASP A 7 -6.52 -19.89 -1.66
C ASP A 7 -5.50 -18.73 -1.84
N SER A 8 -5.43 -17.84 -0.83
CA SER A 8 -4.55 -16.65 -0.86
C SER A 8 -3.10 -17.02 -0.47
N VAL A 9 -2.13 -16.36 -1.13
CA VAL A 9 -0.69 -16.64 -1.04
C VAL A 9 0.12 -15.32 -0.95
N LEU A 10 1.36 -15.40 -0.48
CA LEU A 10 2.30 -14.28 -0.48
C LEU A 10 3.00 -14.22 -1.85
N PHE A 11 2.69 -13.19 -2.66
CA PHE A 11 3.33 -12.98 -3.97
C PHE A 11 4.77 -12.47 -3.78
N GLY A 12 4.94 -11.60 -2.79
CA GLY A 12 6.21 -10.96 -2.51
C GLY A 12 6.02 -9.65 -1.76
N SER A 13 7.04 -8.79 -1.80
CA SER A 13 7.05 -7.50 -1.09
C SER A 13 7.01 -6.34 -2.10
N LEU A 14 6.99 -5.09 -1.57
CA LEU A 14 7.05 -3.86 -2.38
C LEU A 14 7.62 -2.71 -1.55
N ARG A 15 8.24 -1.75 -2.23
CA ARG A 15 8.74 -0.52 -1.62
C ARG A 15 7.61 0.53 -1.60
N GLY A 16 6.87 0.57 -0.47
CA GLY A 16 5.77 1.52 -0.28
C GLY A 16 6.30 2.93 0.00
N HIS A 17 5.84 3.92 -0.79
CA HIS A 17 6.32 5.32 -0.72
C HIS A 17 5.19 6.24 -0.27
N VAL A 18 5.30 6.76 0.97
CA VAL A 18 4.40 7.81 1.51
C VAL A 18 5.19 9.14 1.50
N VAL A 19 4.51 10.25 1.13
CA VAL A 19 5.13 11.57 1.07
C VAL A 19 5.40 12.11 2.48
N GLY A 20 6.54 12.82 2.63
CA GLY A 20 7.05 13.26 3.93
C GLY A 20 6.20 14.35 4.60
N LEU A 21 5.80 15.36 3.80
CA LEU A 21 5.00 16.52 4.27
C LEU A 21 3.63 16.09 4.87
N ARG A 22 3.22 14.85 4.55
CA ARG A 22 1.98 14.22 5.04
C ARG A 22 2.09 13.80 6.53
N TYR A 23 3.27 14.06 7.17
CA TYR A 23 3.44 13.88 8.64
C TYR A 23 2.40 14.72 9.41
N TYR A 24 1.97 15.84 8.80
CA TYR A 24 0.90 16.72 9.32
C TYR A 24 -0.45 15.95 9.41
N THR A 25 -0.65 14.99 8.48
CA THR A 25 -1.84 14.10 8.47
C THR A 25 -1.72 13.04 9.59
N GLY A 26 -0.47 12.72 9.96
CA GLY A 26 -0.19 11.81 11.07
C GLY A 26 0.52 10.52 10.67
N VAL A 27 1.59 10.65 9.85
CA VAL A 27 2.49 9.51 9.52
C VAL A 27 3.09 8.91 10.80
N VAL A 28 3.46 7.62 10.74
CA VAL A 28 3.85 6.83 11.91
C VAL A 28 5.36 6.55 11.90
N ASN A 29 5.88 6.23 13.10
CA ASN A 29 7.32 6.04 13.31
C ASN A 29 7.68 4.54 13.23
N ASN A 30 8.15 3.94 14.34
CA ASN A 30 8.85 2.64 14.34
C ASN A 30 7.89 1.47 14.61
N ASN A 31 8.09 0.35 13.87
CA ASN A 31 7.39 -0.95 14.07
C ASN A 31 5.92 -0.94 13.56
N GLU A 32 5.31 0.26 13.47
CA GLU A 32 3.90 0.45 13.07
C GLU A 32 3.61 -0.14 11.69
N MET A 33 2.55 -0.94 11.64
CA MET A 33 2.07 -1.54 10.39
C MET A 33 0.98 -0.63 9.82
N VAL A 34 0.96 -0.51 8.50
CA VAL A 34 -0.02 0.32 7.78
C VAL A 34 -0.94 -0.55 6.91
N ALA A 35 -2.19 -0.12 6.77
CA ALA A 35 -3.22 -0.83 5.97
C ALA A 35 -3.76 0.14 4.93
N LEU A 36 -3.83 -0.33 3.68
CA LEU A 36 -4.20 0.50 2.52
C LEU A 36 -5.73 0.50 2.33
N GLN A 37 -6.25 1.61 1.76
CA GLN A 37 -7.69 1.81 1.52
C GLN A 37 -7.87 2.89 0.43
N ARG A 38 -8.99 2.85 -0.30
CA ARG A 38 -9.36 3.91 -1.26
C ARG A 38 -9.80 5.18 -0.49
N ASP A 39 -9.33 6.35 -0.97
CA ASP A 39 -9.60 7.66 -0.35
C ASP A 39 -10.87 8.29 -0.99
N PRO A 40 -11.98 8.52 -0.19
CA PRO A 40 -13.23 9.11 -0.71
C PRO A 40 -13.06 10.56 -1.20
N ASN A 41 -12.12 11.30 -0.58
CA ASN A 41 -11.80 12.70 -0.97
C ASN A 41 -10.68 12.70 -2.03
N ASN A 42 -10.91 11.92 -3.11
CA ASN A 42 -9.94 11.68 -4.20
C ASN A 42 -9.42 13.01 -4.83
N PRO A 43 -8.11 13.39 -4.57
CA PRO A 43 -7.53 14.68 -5.03
C PRO A 43 -7.47 14.82 -6.57
N TYR A 44 -7.22 13.69 -7.26
CA TYR A 44 -7.11 13.65 -8.74
C TYR A 44 -8.06 12.61 -9.36
N ASP A 45 -8.12 11.42 -8.73
CA ASP A 45 -8.91 10.28 -9.24
C ASP A 45 -9.12 9.25 -8.12
N LYS A 46 -10.10 8.34 -8.32
CA LYS A 46 -10.44 7.24 -7.38
C LYS A 46 -9.26 6.26 -7.16
N ASN A 47 -8.24 6.33 -8.03
CA ASN A 47 -6.97 5.56 -7.88
C ASN A 47 -6.05 6.13 -6.76
N ALA A 48 -6.53 7.15 -6.03
CA ALA A 48 -5.84 7.68 -4.84
C ALA A 48 -6.07 6.75 -3.64
N ILE A 49 -4.99 6.16 -3.12
CA ILE A 49 -5.02 5.27 -1.95
C ILE A 49 -4.63 6.05 -0.70
N LYS A 50 -5.59 6.08 0.24
CA LYS A 50 -5.37 6.49 1.62
C LYS A 50 -4.57 5.40 2.35
N VAL A 51 -3.64 5.83 3.20
CA VAL A 51 -2.87 4.92 4.06
C VAL A 51 -3.33 5.15 5.52
N ASN A 52 -3.75 4.07 6.16
CA ASN A 52 -4.08 4.04 7.60
C ASN A 52 -2.98 3.24 8.32
N ASN A 53 -2.95 3.28 9.65
CA ASN A 53 -2.03 2.43 10.47
C ASN A 53 -2.82 1.32 11.19
N VAL A 54 -2.19 0.67 12.19
CA VAL A 54 -2.83 -0.36 13.04
C VAL A 54 -4.05 0.22 13.80
N ASN A 55 -3.94 1.50 14.17
CA ASN A 55 -4.98 2.24 14.92
C ASN A 55 -6.18 2.61 14.00
N GLY A 56 -5.92 2.63 12.68
CA GLY A 56 -6.92 3.06 11.69
C GLY A 56 -6.87 4.57 11.46
N ASN A 57 -5.86 5.22 12.06
CA ASN A 57 -5.59 6.65 11.89
C ASN A 57 -5.07 6.91 10.46
N GLN A 58 -5.59 7.95 9.83
CA GLN A 58 -5.22 8.35 8.47
C GLN A 58 -3.84 8.99 8.50
N VAL A 59 -2.82 8.20 8.16
CA VAL A 59 -1.42 8.64 8.22
C VAL A 59 -1.04 9.51 7.00
N GLY A 60 -1.75 9.31 5.87
CA GLY A 60 -1.47 10.07 4.65
C GLY A 60 -1.96 9.36 3.38
N HIS A 61 -1.16 9.47 2.30
CA HIS A 61 -1.46 8.88 0.98
C HIS A 61 -0.16 8.32 0.37
N LEU A 62 -0.31 7.36 -0.56
CA LEU A 62 0.82 6.76 -1.30
C LEU A 62 1.26 7.63 -2.49
N LYS A 63 0.51 8.74 -2.76
CA LYS A 63 0.77 9.67 -3.88
C LYS A 63 0.39 8.98 -5.23
N LYS A 64 0.00 9.80 -6.23
CA LYS A 64 -0.52 9.35 -7.57
C LYS A 64 0.19 8.10 -8.14
N GLU A 65 1.53 8.05 -8.01
CA GLU A 65 2.35 7.02 -8.68
C GLU A 65 2.17 5.65 -8.01
N LEU A 66 2.44 5.58 -6.68
CA LEU A 66 2.42 4.30 -5.93
C LEU A 66 0.96 3.84 -5.75
N ALA A 67 0.10 4.81 -5.40
CA ALA A 67 -1.34 4.61 -5.25
C ALA A 67 -1.98 4.11 -6.56
N GLY A 68 -1.70 4.82 -7.67
CA GLY A 68 -2.31 4.53 -8.98
C GLY A 68 -2.01 3.14 -9.51
N ALA A 69 -0.86 2.58 -9.10
CA ALA A 69 -0.49 1.19 -9.41
C ALA A 69 -1.36 0.21 -8.60
N LEU A 70 -1.25 0.32 -7.27
CA LEU A 70 -1.87 -0.63 -6.31
C LEU A 70 -3.41 -0.51 -6.26
N ALA A 71 -3.94 0.61 -6.79
CA ALA A 71 -5.38 0.94 -6.72
C ALA A 71 -6.26 0.00 -7.56
N TYR A 72 -5.68 -0.63 -8.59
CA TYR A 72 -6.38 -1.67 -9.38
C TYR A 72 -6.42 -2.98 -8.58
N ILE A 73 -5.33 -3.24 -7.83
CA ILE A 73 -5.23 -4.39 -6.90
C ILE A 73 -6.22 -4.19 -5.71
N MET A 74 -6.46 -2.91 -5.38
CA MET A 74 -7.39 -2.49 -4.31
C MET A 74 -8.85 -2.57 -4.81
N ASP A 75 -9.06 -2.12 -6.05
CA ASP A 75 -10.38 -2.02 -6.69
C ASP A 75 -10.98 -3.41 -6.92
N ASN A 76 -10.17 -4.26 -7.56
CA ASN A 76 -10.56 -5.61 -8.00
C ASN A 76 -10.22 -6.66 -6.93
N LYS A 77 -9.64 -6.20 -5.78
CA LYS A 77 -9.32 -7.06 -4.61
C LYS A 77 -8.46 -8.26 -5.00
N LEU A 78 -7.43 -7.97 -5.82
CA LEU A 78 -6.53 -8.99 -6.37
C LEU A 78 -5.64 -9.59 -5.26
N ALA A 79 -5.18 -8.71 -4.35
CA ALA A 79 -4.33 -9.08 -3.23
C ALA A 79 -4.48 -8.06 -2.09
N GLN A 80 -4.60 -8.56 -0.84
CA GLN A 80 -4.53 -7.74 0.36
C GLN A 80 -3.11 -7.21 0.53
N ILE A 81 -2.98 -5.90 0.42
CA ILE A 81 -1.69 -5.22 0.55
C ILE A 81 -1.57 -4.62 1.95
N GLU A 82 -0.51 -4.98 2.67
CA GLU A 82 -0.23 -4.48 4.02
C GLU A 82 1.25 -4.12 4.12
N GLY A 83 1.56 -3.00 4.78
CA GLY A 83 2.92 -2.50 4.92
C GLY A 83 3.38 -2.48 6.36
N VAL A 84 4.68 -2.27 6.54
CA VAL A 84 5.34 -2.13 7.86
C VAL A 84 6.37 -1.00 7.73
N VAL A 85 6.40 -0.07 8.69
CA VAL A 85 7.35 1.06 8.73
C VAL A 85 8.45 0.73 9.77
N PRO A 86 9.61 0.13 9.35
CA PRO A 86 10.64 -0.36 10.28
C PRO A 86 11.47 0.79 10.92
N PHE A 87 12.11 1.61 10.08
CA PHE A 87 13.04 2.68 10.54
C PHE A 87 12.26 3.86 11.12
N GLY A 88 11.04 4.10 10.57
CA GLY A 88 10.20 5.23 10.95
C GLY A 88 10.91 6.58 10.96
N ALA A 89 11.85 6.74 10.02
CA ALA A 89 12.80 7.86 10.01
C ALA A 89 12.27 9.08 9.23
N ASN A 90 10.92 9.14 8.99
CA ASN A 90 10.26 10.19 8.17
C ASN A 90 10.64 11.61 8.62
N ASN A 91 10.80 11.80 9.96
CA ASN A 91 11.23 13.07 10.57
C ASN A 91 12.55 13.58 9.95
N ALA A 92 13.55 12.69 9.86
CA ALA A 92 14.89 13.02 9.33
C ALA A 92 14.85 13.11 7.79
N PHE A 93 14.32 12.04 7.15
CA PHE A 93 14.23 11.91 5.68
C PHE A 93 13.11 10.91 5.32
N THR A 94 12.70 10.89 4.04
CA THR A 94 11.56 10.07 3.59
C THR A 94 12.08 8.72 3.07
N MET A 95 11.78 7.65 3.83
CA MET A 95 12.27 6.29 3.57
C MET A 95 11.09 5.35 3.17
N PRO A 96 11.31 4.41 2.20
CA PRO A 96 10.28 3.44 1.78
C PRO A 96 9.99 2.38 2.86
N LEU A 97 8.70 2.18 3.16
CA LEU A 97 8.23 1.13 4.09
C LEU A 97 8.02 -0.18 3.30
N HIS A 98 8.14 -1.34 3.96
CA HIS A 98 8.06 -2.66 3.29
C HIS A 98 6.61 -3.17 3.30
N MET A 99 6.00 -3.20 2.10
CA MET A 99 4.65 -3.79 1.86
C MET A 99 4.76 -5.25 1.43
N THR A 100 3.61 -5.94 1.41
CA THR A 100 3.49 -7.36 1.04
C THR A 100 2.12 -7.60 0.41
N PHE A 101 2.06 -8.55 -0.54
CA PHE A 101 0.83 -8.90 -1.28
C PHE A 101 0.35 -10.29 -0.82
N TRP A 102 -0.88 -10.35 -0.29
CA TRP A 102 -1.51 -11.61 0.19
C TRP A 102 -2.84 -11.77 -0.53
N GLY A 103 -2.84 -12.60 -1.59
CA GLY A 103 -4.00 -12.77 -2.45
C GLY A 103 -3.90 -14.03 -3.27
N LYS A 104 -5.03 -14.42 -3.88
CA LYS A 104 -5.15 -15.69 -4.61
C LYS A 104 -4.24 -15.73 -5.85
N GLU A 105 -3.62 -16.91 -6.08
CA GLU A 105 -2.59 -17.14 -7.12
C GLU A 105 -3.02 -16.65 -8.52
N GLU A 106 -4.31 -16.83 -8.83
CA GLU A 106 -4.87 -16.55 -10.17
C GLU A 106 -4.87 -15.05 -10.53
N ASN A 107 -4.61 -14.17 -9.55
CA ASN A 107 -4.61 -12.70 -9.77
C ASN A 107 -3.21 -12.14 -9.99
N ARG A 108 -2.16 -12.99 -9.95
CA ARG A 108 -0.74 -12.53 -10.00
C ARG A 108 -0.42 -11.77 -11.30
N LYS A 109 -1.10 -12.11 -12.42
CA LYS A 109 -0.87 -11.46 -13.74
C LYS A 109 -1.39 -10.02 -13.73
N ALA A 110 -2.48 -9.79 -12.99
CA ALA A 110 -3.10 -8.46 -12.88
C ALA A 110 -2.36 -7.60 -11.85
N VAL A 111 -1.84 -8.24 -10.78
CA VAL A 111 -1.00 -7.60 -9.74
C VAL A 111 0.33 -7.10 -10.34
N SER A 112 1.01 -8.00 -11.09
CA SER A 112 2.32 -7.73 -11.68
C SER A 112 2.26 -6.60 -12.72
N ASP A 113 1.13 -6.52 -13.46
CA ASP A 113 0.89 -5.46 -14.47
C ASP A 113 1.04 -4.06 -13.87
N GLN A 114 0.47 -3.90 -12.66
CA GLN A 114 0.41 -2.62 -11.95
C GLN A 114 1.81 -2.13 -11.54
N LEU A 115 2.64 -3.10 -11.12
CA LEU A 115 4.02 -2.84 -10.69
C LEU A 115 4.87 -2.47 -11.93
N LYS A 116 4.83 -3.33 -12.95
CA LYS A 116 5.63 -3.16 -14.20
C LYS A 116 5.22 -1.88 -14.97
N LYS A 117 3.97 -1.43 -14.76
CA LYS A 117 3.39 -0.24 -15.41
C LYS A 117 4.18 1.03 -15.06
N HIS A 118 4.45 1.21 -13.76
CA HIS A 118 5.17 2.37 -13.22
C HIS A 118 6.64 2.00 -12.87
N GLY A 119 6.99 0.71 -13.08
CA GLY A 119 8.36 0.22 -12.86
C GLY A 119 8.67 -0.12 -11.40
N PHE A 120 7.63 -0.34 -10.59
CA PHE A 120 7.77 -0.73 -9.17
C PHE A 120 8.19 -2.20 -9.04
N LYS A 121 8.97 -2.49 -7.99
CA LYS A 121 9.51 -3.83 -7.73
C LYS A 121 10.02 -3.91 -6.26
N LEU A 122 10.01 -5.13 -5.69
CA LEU A 122 10.56 -5.42 -4.35
C LEU A 122 12.08 -5.09 -4.24
N GLY A 1 -15.38 -17.60 6.71
CA GLY A 1 -14.77 -17.30 5.39
C GLY A 1 -13.25 -17.22 5.46
N SER A 2 -12.63 -18.14 6.21
CA SER A 2 -11.17 -18.17 6.39
C SER A 2 -10.46 -18.83 5.19
N ASP A 3 -11.24 -19.58 4.39
CA ASP A 3 -10.74 -20.41 3.26
C ASP A 3 -9.89 -19.58 2.28
N GLU A 4 -10.36 -18.35 1.99
CA GLU A 4 -9.71 -17.41 1.08
C GLU A 4 -8.39 -16.89 1.66
N GLU A 5 -8.40 -16.47 2.94
CA GLU A 5 -7.23 -15.83 3.58
C GLU A 5 -6.12 -16.87 3.89
N VAL A 6 -6.51 -18.16 3.98
CA VAL A 6 -5.58 -19.30 4.09
C VAL A 6 -4.91 -19.56 2.72
N ASP A 7 -5.66 -19.28 1.64
CA ASP A 7 -5.19 -19.42 0.25
C ASP A 7 -4.47 -18.11 -0.22
N SER A 8 -4.65 -17.01 0.55
CA SER A 8 -4.00 -15.73 0.26
C SER A 8 -2.51 -15.79 0.63
N VAL A 9 -1.66 -15.70 -0.40
CA VAL A 9 -0.21 -15.83 -0.29
C VAL A 9 0.49 -14.47 -0.53
N LEU A 10 1.72 -14.35 -0.02
CA LEU A 10 2.59 -13.18 -0.24
C LEU A 10 3.26 -13.32 -1.63
N PHE A 11 2.93 -12.42 -2.55
CA PHE A 11 3.53 -12.38 -3.91
C PHE A 11 4.95 -11.80 -3.84
N GLY A 12 5.13 -10.83 -2.94
CA GLY A 12 6.40 -10.12 -2.78
C GLY A 12 6.25 -8.90 -1.89
N SER A 13 7.38 -8.23 -1.62
CA SER A 13 7.45 -6.97 -0.89
C SER A 13 7.85 -5.85 -1.86
N LEU A 14 7.48 -4.60 -1.56
CA LEU A 14 7.74 -3.45 -2.44
C LEU A 14 8.37 -2.29 -1.65
N ARG A 15 9.24 -1.52 -2.31
CA ARG A 15 9.79 -0.28 -1.74
C ARG A 15 8.74 0.84 -1.87
N GLY A 16 7.76 0.82 -0.96
CA GLY A 16 6.69 1.80 -0.94
C GLY A 16 7.20 3.16 -0.50
N HIS A 17 6.68 4.23 -1.10
CA HIS A 17 7.09 5.60 -0.80
C HIS A 17 5.86 6.47 -0.60
N VAL A 18 5.61 6.78 0.68
CA VAL A 18 4.65 7.79 1.07
C VAL A 18 5.31 9.18 0.88
N VAL A 19 4.52 10.24 0.78
CA VAL A 19 5.06 11.61 0.66
C VAL A 19 5.86 12.01 1.93
N GLY A 20 6.84 12.91 1.75
CA GLY A 20 7.59 13.49 2.87
C GLY A 20 6.69 14.34 3.77
N LEU A 21 5.73 15.03 3.13
CA LEU A 21 4.71 15.88 3.78
C LEU A 21 3.87 15.13 4.84
N ARG A 22 3.95 13.78 4.81
CA ARG A 22 3.21 12.89 5.73
C ARG A 22 3.52 13.19 7.22
N TYR A 23 4.64 13.92 7.50
CA TYR A 23 5.00 14.35 8.86
C TYR A 23 3.90 15.23 9.48
N TYR A 24 3.35 16.13 8.63
CA TYR A 24 2.28 17.05 9.02
C TYR A 24 0.94 16.32 9.20
N THR A 25 0.74 15.23 8.44
CA THR A 25 -0.53 14.51 8.41
C THR A 25 -0.51 13.28 9.37
N GLY A 26 0.59 13.10 10.14
CA GLY A 26 0.59 12.10 11.23
C GLY A 26 1.50 10.90 11.04
N VAL A 27 2.80 11.11 10.73
CA VAL A 27 3.80 10.00 10.69
C VAL A 27 3.76 9.09 11.94
N VAL A 28 4.17 7.83 11.72
CA VAL A 28 4.18 6.79 12.75
C VAL A 28 5.62 6.38 13.07
N ASN A 29 5.78 5.68 14.20
CA ASN A 29 7.11 5.28 14.73
C ASN A 29 7.61 3.97 14.07
N ASN A 30 8.70 3.40 14.62
CA ASN A 30 9.30 2.13 14.14
C ASN A 30 8.40 0.92 14.48
N ASN A 31 8.57 -0.18 13.72
CA ASN A 31 7.88 -1.47 13.94
C ASN A 31 6.35 -1.37 13.65
N GLU A 32 5.92 -0.22 13.09
CA GLU A 32 4.51 0.02 12.75
C GLU A 32 4.12 -0.72 11.47
N MET A 33 2.91 -1.27 11.48
CA MET A 33 2.25 -1.82 10.30
C MET A 33 1.15 -0.86 9.88
N VAL A 34 0.88 -0.82 8.59
CA VAL A 34 -0.22 -0.05 8.01
C VAL A 34 -1.01 -0.93 7.04
N ALA A 35 -2.21 -0.47 6.72
CA ALA A 35 -3.15 -1.14 5.83
C ALA A 35 -3.75 -0.06 4.93
N LEU A 36 -3.66 -0.26 3.62
CA LEU A 36 -4.03 0.75 2.64
C LEU A 36 -5.55 0.80 2.45
N GLN A 37 -6.01 1.92 1.91
CA GLN A 37 -7.41 2.10 1.48
C GLN A 37 -7.46 3.21 0.44
N ARG A 38 -8.07 2.91 -0.71
CA ARG A 38 -8.33 3.89 -1.77
C ARG A 38 -9.37 4.91 -1.26
N ASP A 39 -9.08 6.20 -1.43
CA ASP A 39 -9.99 7.29 -1.05
C ASP A 39 -11.35 7.14 -1.79
N PRO A 40 -12.49 6.95 -1.03
CA PRO A 40 -13.83 6.85 -1.64
C PRO A 40 -14.20 8.17 -2.32
N ASN A 41 -13.84 9.27 -1.67
CA ASN A 41 -13.91 10.61 -2.22
C ASN A 41 -12.53 10.94 -2.80
N ASN A 42 -12.23 10.36 -3.98
CA ASN A 42 -10.99 10.62 -4.72
C ASN A 42 -11.00 12.09 -5.25
N PRO A 43 -9.91 12.90 -4.99
CA PRO A 43 -9.88 14.34 -5.34
C PRO A 43 -9.94 14.60 -6.86
N TYR A 44 -9.24 13.76 -7.64
CA TYR A 44 -9.20 13.88 -9.12
C TYR A 44 -9.56 12.54 -9.77
N ASP A 45 -8.88 11.47 -9.32
CA ASP A 45 -9.06 10.10 -9.85
C ASP A 45 -8.76 9.07 -8.76
N LYS A 46 -9.09 7.80 -9.06
CA LYS A 46 -9.01 6.67 -8.11
C LYS A 46 -7.55 6.36 -7.65
N ASN A 47 -6.56 7.01 -8.29
CA ASN A 47 -5.12 6.83 -7.97
C ASN A 47 -4.77 7.29 -6.53
N ALA A 48 -5.70 8.01 -5.88
CA ALA A 48 -5.58 8.39 -4.47
C ALA A 48 -5.82 7.16 -3.57
N ILE A 49 -4.75 6.68 -2.92
CA ILE A 49 -4.81 5.66 -1.85
C ILE A 49 -4.23 6.28 -0.59
N LYS A 50 -5.08 6.42 0.45
CA LYS A 50 -4.65 6.84 1.77
C LYS A 50 -4.16 5.64 2.59
N VAL A 51 -3.42 5.93 3.66
CA VAL A 51 -2.72 4.94 4.47
C VAL A 51 -3.21 5.02 5.92
N ASN A 52 -3.74 3.90 6.45
CA ASN A 52 -4.24 3.81 7.83
C ASN A 52 -3.29 2.91 8.64
N ASN A 53 -2.83 3.36 9.84
CA ASN A 53 -1.88 2.55 10.66
C ASN A 53 -2.59 1.37 11.36
N VAL A 54 -1.88 0.69 12.29
CA VAL A 54 -2.44 -0.43 13.10
C VAL A 54 -3.77 -0.05 13.82
N ASN A 55 -3.89 1.22 14.23
CA ASN A 55 -5.09 1.73 14.92
C ASN A 55 -6.20 2.06 13.92
N GLY A 56 -5.80 2.50 12.71
CA GLY A 56 -6.74 2.90 11.65
C GLY A 56 -6.70 4.40 11.35
N ASN A 57 -5.75 5.11 11.98
CA ASN A 57 -5.52 6.55 11.74
C ASN A 57 -4.98 6.77 10.31
N GLN A 58 -5.72 7.54 9.49
CA GLN A 58 -5.31 7.89 8.11
C GLN A 58 -4.16 8.91 8.15
N VAL A 59 -2.94 8.38 8.16
CA VAL A 59 -1.69 9.13 8.35
C VAL A 59 -1.28 9.96 7.13
N GLY A 60 -1.89 9.70 5.96
CA GLY A 60 -1.51 10.38 4.71
C GLY A 60 -1.86 9.57 3.48
N HIS A 61 -1.17 9.85 2.35
CA HIS A 61 -1.42 9.19 1.05
C HIS A 61 -0.09 8.71 0.43
N LEU A 62 -0.15 7.61 -0.36
CA LEU A 62 1.02 7.01 -1.04
C LEU A 62 1.46 7.80 -2.30
N LYS A 63 0.72 8.91 -2.62
CA LYS A 63 0.95 9.75 -3.83
C LYS A 63 0.52 8.99 -5.11
N LYS A 64 -0.27 9.65 -5.97
CA LYS A 64 -0.94 9.03 -7.14
C LYS A 64 0.03 8.30 -8.10
N GLU A 65 1.31 8.63 -8.01
CA GLU A 65 2.37 8.02 -8.83
C GLU A 65 2.56 6.52 -8.45
N LEU A 66 2.81 6.24 -7.16
CA LEU A 66 3.00 4.88 -6.65
C LEU A 66 1.64 4.23 -6.32
N ALA A 67 0.77 5.00 -5.67
CA ALA A 67 -0.61 4.62 -5.34
C ALA A 67 -1.44 4.35 -6.61
N GLY A 68 -1.05 4.96 -7.74
CA GLY A 68 -1.73 4.74 -9.03
C GLY A 68 -1.48 3.36 -9.61
N ALA A 69 -0.29 2.82 -9.36
CA ALA A 69 0.05 1.43 -9.70
C ALA A 69 -0.81 0.47 -8.86
N LEU A 70 -0.91 0.79 -7.56
CA LEU A 70 -1.65 -0.01 -6.57
C LEU A 70 -3.18 0.25 -6.65
N ALA A 71 -3.57 1.37 -7.31
CA ALA A 71 -4.97 1.85 -7.39
C ALA A 71 -5.91 0.79 -7.96
N TYR A 72 -5.46 0.15 -9.05
CA TYR A 72 -6.25 -0.87 -9.77
C TYR A 72 -6.37 -2.16 -8.92
N ILE A 73 -5.31 -2.45 -8.12
CA ILE A 73 -5.29 -3.60 -7.19
C ILE A 73 -6.34 -3.39 -6.08
N MET A 74 -6.42 -2.14 -5.59
CA MET A 74 -7.32 -1.75 -4.48
C MET A 74 -8.77 -1.60 -4.99
N ASP A 75 -8.90 -1.06 -6.20
CA ASP A 75 -10.19 -0.68 -6.80
C ASP A 75 -10.96 -1.92 -7.25
N ASN A 76 -10.22 -2.86 -7.87
CA ASN A 76 -10.81 -4.11 -8.42
C ASN A 76 -10.62 -5.30 -7.45
N LYS A 77 -10.12 -4.99 -6.23
CA LYS A 77 -10.01 -5.95 -5.10
C LYS A 77 -9.12 -7.17 -5.46
N LEU A 78 -8.08 -6.92 -6.28
CA LEU A 78 -7.17 -7.97 -6.78
C LEU A 78 -6.39 -8.64 -5.62
N ALA A 79 -5.90 -7.82 -4.67
CA ALA A 79 -5.20 -8.31 -3.46
C ALA A 79 -5.15 -7.22 -2.38
N GLN A 80 -4.94 -7.66 -1.14
CA GLN A 80 -4.70 -6.79 0.02
C GLN A 80 -3.21 -6.44 0.05
N ILE A 81 -2.87 -5.23 0.53
CA ILE A 81 -1.46 -4.76 0.58
C ILE A 81 -1.16 -4.22 1.98
N GLU A 82 -0.19 -4.87 2.66
CA GLU A 82 0.35 -4.40 3.95
C GLU A 82 1.43 -3.35 3.68
N GLY A 83 1.81 -2.62 4.73
CA GLY A 83 2.94 -1.70 4.66
C GLY A 83 3.63 -1.63 6.01
N VAL A 84 4.76 -2.30 6.15
CA VAL A 84 5.47 -2.38 7.43
C VAL A 84 6.68 -1.44 7.36
N VAL A 85 6.65 -0.39 8.20
CA VAL A 85 7.74 0.58 8.34
C VAL A 85 8.55 0.25 9.62
N PRO A 86 9.64 -0.59 9.49
CA PRO A 86 10.40 -1.11 10.65
C PRO A 86 11.39 -0.08 11.23
N PHE A 87 11.79 0.89 10.40
CA PHE A 87 12.78 1.91 10.78
C PHE A 87 12.10 3.14 11.41
N GLY A 88 10.83 3.39 10.99
CA GLY A 88 10.08 4.59 11.43
C GLY A 88 10.72 5.91 11.00
N ALA A 89 11.55 5.85 9.94
CA ALA A 89 12.38 6.98 9.47
C ALA A 89 11.55 8.02 8.68
N ASN A 90 10.25 7.73 8.49
CA ASN A 90 9.29 8.68 7.86
C ASN A 90 9.08 9.87 8.83
N ASN A 91 9.30 9.62 10.13
CA ASN A 91 9.26 10.66 11.19
C ASN A 91 10.24 11.82 10.88
N ALA A 92 11.39 11.48 10.27
CA ALA A 92 12.39 12.47 9.83
C ALA A 92 11.88 13.28 8.61
N PHE A 93 11.34 12.55 7.60
CA PHE A 93 10.70 13.17 6.41
C PHE A 93 9.95 12.07 5.64
N THR A 94 10.71 11.11 5.08
CA THR A 94 10.16 9.93 4.37
C THR A 94 11.22 8.81 4.29
N MET A 95 10.78 7.61 3.87
CA MET A 95 11.61 6.40 3.80
C MET A 95 10.86 5.30 2.99
N PRO A 96 11.59 4.31 2.38
CA PRO A 96 10.91 3.14 1.77
C PRO A 96 10.45 2.11 2.83
N LEU A 97 9.13 1.84 2.87
CA LEU A 97 8.54 0.83 3.76
C LEU A 97 8.22 -0.43 2.97
N HIS A 98 8.30 -1.59 3.63
CA HIS A 98 8.21 -2.90 2.98
C HIS A 98 6.72 -3.28 2.83
N MET A 99 6.20 -3.24 1.59
CA MET A 99 4.77 -3.38 1.31
C MET A 99 4.50 -4.75 0.68
N THR A 100 3.72 -5.60 1.36
CA THR A 100 3.62 -7.02 1.02
C THR A 100 2.21 -7.33 0.53
N PHE A 101 2.13 -7.95 -0.66
CA PHE A 101 0.87 -8.19 -1.37
C PHE A 101 0.34 -9.59 -0.99
N TRP A 102 -0.83 -9.63 -0.32
CA TRP A 102 -1.48 -10.87 0.14
C TRP A 102 -2.80 -11.05 -0.60
N GLY A 103 -2.83 -12.08 -1.45
CA GLY A 103 -4.01 -12.46 -2.22
C GLY A 103 -3.80 -13.86 -2.76
N LYS A 104 -4.84 -14.49 -3.29
CA LYS A 104 -4.75 -15.86 -3.82
C LYS A 104 -3.77 -15.94 -5.01
N GLU A 105 -3.17 -17.12 -5.19
CA GLU A 105 -2.08 -17.36 -6.16
C GLU A 105 -2.47 -16.99 -7.62
N GLU A 106 -3.77 -17.07 -7.97
CA GLU A 106 -4.24 -16.75 -9.33
C GLU A 106 -4.33 -15.23 -9.56
N ASN A 107 -4.56 -14.46 -8.47
CA ASN A 107 -4.61 -12.97 -8.55
C ASN A 107 -3.20 -12.36 -8.64
N ARG A 108 -2.14 -13.20 -8.53
CA ARG A 108 -0.73 -12.73 -8.57
C ARG A 108 -0.45 -11.98 -9.89
N LYS A 109 -0.97 -12.54 -11.00
CA LYS A 109 -0.72 -12.02 -12.37
C LYS A 109 -1.44 -10.68 -12.60
N ALA A 110 -2.55 -10.48 -11.89
CA ALA A 110 -3.33 -9.24 -11.96
C ALA A 110 -2.58 -8.10 -11.25
N VAL A 111 -2.05 -8.43 -10.06
CA VAL A 111 -1.22 -7.53 -9.24
C VAL A 111 0.11 -7.19 -9.96
N SER A 112 0.70 -8.22 -10.60
CA SER A 112 1.97 -8.12 -11.35
C SER A 112 1.84 -7.08 -12.48
N ASP A 113 0.71 -7.14 -13.22
CA ASP A 113 0.41 -6.19 -14.32
C ASP A 113 0.47 -4.73 -13.86
N GLN A 114 -0.08 -4.49 -12.66
CA GLN A 114 -0.24 -3.14 -12.10
C GLN A 114 1.11 -2.60 -11.60
N LEU A 115 2.01 -3.51 -11.22
CA LEU A 115 3.38 -3.17 -10.84
C LEU A 115 4.19 -2.80 -12.11
N LYS A 116 4.02 -3.62 -13.16
CA LYS A 116 4.65 -3.40 -14.49
C LYS A 116 4.23 -2.05 -15.10
N LYS A 117 3.01 -1.58 -14.73
CA LYS A 117 2.46 -0.28 -15.15
C LYS A 117 3.41 0.88 -14.80
N HIS A 118 3.86 0.91 -13.53
CA HIS A 118 4.81 1.93 -13.04
C HIS A 118 6.26 1.54 -13.43
N GLY A 119 6.51 0.23 -13.56
CA GLY A 119 7.84 -0.29 -13.92
C GLY A 119 8.48 -1.13 -12.82
N PHE A 120 7.69 -1.50 -11.79
CA PHE A 120 8.14 -2.39 -10.70
C PHE A 120 8.35 -3.85 -11.19
N LYS A 121 8.99 -4.67 -10.35
CA LYS A 121 9.26 -6.10 -10.60
C LYS A 121 7.95 -6.94 -10.66
N LEU A 122 8.07 -8.15 -11.28
CA LEU A 122 7.00 -9.18 -11.45
C LEU A 122 6.38 -9.03 -12.85
N GLY A 1 -15.29 -16.20 -1.45
CA GLY A 1 -16.00 -16.89 -0.33
C GLY A 1 -15.17 -16.94 0.95
N SER A 2 -15.61 -17.72 1.94
CA SER A 2 -14.88 -17.91 3.21
C SER A 2 -13.60 -18.74 2.99
N ASP A 3 -13.69 -19.70 2.05
CA ASP A 3 -12.57 -20.58 1.64
C ASP A 3 -11.43 -19.78 0.96
N GLU A 4 -11.78 -18.60 0.40
CA GLU A 4 -10.87 -17.71 -0.34
C GLU A 4 -9.69 -17.21 0.53
N GLU A 5 -9.94 -17.03 1.84
CA GLU A 5 -8.92 -16.47 2.78
C GLU A 5 -7.67 -17.37 2.85
N VAL A 6 -7.90 -18.70 2.72
CA VAL A 6 -6.83 -19.72 2.72
C VAL A 6 -6.14 -19.75 1.34
N ASP A 7 -6.96 -19.53 0.30
CA ASP A 7 -6.52 -19.47 -1.12
C ASP A 7 -5.68 -18.20 -1.39
N SER A 8 -5.80 -17.21 -0.48
CA SER A 8 -5.00 -15.97 -0.53
C SER A 8 -3.55 -16.27 -0.09
N VAL A 9 -2.60 -16.08 -1.02
CA VAL A 9 -1.19 -16.45 -0.86
C VAL A 9 -0.29 -15.20 -0.92
N LEU A 10 0.98 -15.36 -0.51
CA LEU A 10 1.98 -14.29 -0.56
C LEU A 10 2.59 -14.20 -1.98
N PHE A 11 2.46 -13.02 -2.60
CA PHE A 11 3.09 -12.73 -3.90
C PHE A 11 4.52 -12.20 -3.69
N GLY A 12 4.68 -11.38 -2.63
CA GLY A 12 5.97 -10.74 -2.31
C GLY A 12 5.77 -9.39 -1.65
N SER A 13 6.87 -8.65 -1.47
CA SER A 13 6.86 -7.31 -0.85
C SER A 13 7.25 -6.22 -1.87
N LEU A 14 7.00 -4.95 -1.49
CA LEU A 14 7.24 -3.78 -2.36
C LEU A 14 7.69 -2.60 -1.49
N ARG A 15 8.51 -1.72 -2.09
CA ARG A 15 8.87 -0.44 -1.48
C ARG A 15 7.70 0.55 -1.59
N GLY A 16 6.93 0.66 -0.49
CA GLY A 16 5.85 1.63 -0.40
C GLY A 16 6.39 2.99 -0.03
N HIS A 17 7.03 3.64 -1.03
CA HIS A 17 7.63 4.97 -0.88
C HIS A 17 6.54 6.02 -0.64
N VAL A 18 6.19 6.15 0.64
CA VAL A 18 5.28 7.18 1.13
C VAL A 18 6.05 8.49 1.30
N VAL A 19 5.39 9.60 1.03
CA VAL A 19 5.95 10.94 1.24
C VAL A 19 6.17 11.20 2.75
N GLY A 20 7.19 11.98 3.07
CA GLY A 20 7.43 12.42 4.46
C GLY A 20 6.55 13.60 4.84
N LEU A 21 6.08 14.34 3.81
CA LEU A 21 5.26 15.57 3.95
C LEU A 21 3.92 15.29 4.68
N ARG A 22 3.52 14.01 4.70
CA ARG A 22 2.31 13.52 5.40
C ARG A 22 2.49 13.51 6.95
N TYR A 23 3.67 13.93 7.47
CA TYR A 23 4.00 13.92 8.92
C TYR A 23 2.93 14.67 9.78
N TYR A 24 2.39 15.76 9.21
CA TYR A 24 1.34 16.60 9.86
C TYR A 24 0.00 15.83 10.00
N THR A 25 -0.21 14.80 9.16
CA THR A 25 -1.45 14.01 9.16
C THR A 25 -1.51 13.07 10.39
N GLY A 26 -0.34 12.72 10.98
CA GLY A 26 -0.27 11.89 12.19
C GLY A 26 0.37 10.53 11.96
N VAL A 27 1.56 10.54 11.32
CA VAL A 27 2.33 9.30 11.00
C VAL A 27 2.78 8.56 12.30
N VAL A 28 3.11 7.27 12.13
CA VAL A 28 3.54 6.38 13.22
C VAL A 28 5.03 6.05 13.04
N ASN A 29 5.67 5.67 14.17
CA ASN A 29 7.14 5.59 14.29
C ASN A 29 7.74 4.32 13.65
N ASN A 30 9.01 4.02 14.00
CA ASN A 30 9.75 2.84 13.51
C ASN A 30 9.12 1.54 14.06
N ASN A 31 9.15 0.48 13.23
CA ASN A 31 8.59 -0.87 13.54
C ASN A 31 7.03 -0.90 13.48
N GLU A 32 6.38 0.29 13.50
CA GLU A 32 4.92 0.41 13.57
C GLU A 32 4.26 0.03 12.24
N MET A 33 3.26 -0.84 12.33
CA MET A 33 2.58 -1.41 11.16
C MET A 33 1.46 -0.48 10.66
N VAL A 34 1.23 -0.52 9.35
CA VAL A 34 0.18 0.23 8.66
C VAL A 34 -0.57 -0.69 7.66
N ALA A 35 -1.42 -0.09 6.81
CA ALA A 35 -2.23 -0.79 5.80
C ALA A 35 -2.68 0.22 4.75
N LEU A 36 -2.96 -0.25 3.53
CA LEU A 36 -3.33 0.63 2.40
C LEU A 36 -4.85 0.65 2.20
N GLN A 37 -5.35 1.82 1.78
CA GLN A 37 -6.76 2.03 1.43
C GLN A 37 -6.86 3.20 0.45
N ARG A 38 -7.55 3.01 -0.68
CA ARG A 38 -7.81 4.09 -1.65
C ARG A 38 -8.69 5.18 -1.01
N ASP A 39 -8.40 6.46 -1.34
CA ASP A 39 -9.14 7.62 -0.82
C ASP A 39 -10.64 7.52 -1.19
N PRO A 40 -11.56 7.29 -0.19
CA PRO A 40 -13.03 7.22 -0.44
C PRO A 40 -13.57 8.59 -0.90
N ASN A 41 -12.94 9.66 -0.40
CA ASN A 41 -13.19 11.04 -0.87
C ASN A 41 -11.94 11.47 -1.68
N ASN A 42 -11.76 10.83 -2.86
CA ASN A 42 -10.62 11.12 -3.75
C ASN A 42 -10.83 12.47 -4.49
N PRO A 43 -9.92 13.48 -4.29
CA PRO A 43 -10.09 14.85 -4.85
C PRO A 43 -9.96 14.91 -6.39
N TYR A 44 -9.00 14.14 -6.93
CA TYR A 44 -8.55 14.27 -8.34
C TYR A 44 -8.78 12.96 -9.13
N ASP A 45 -8.31 11.83 -8.58
CA ASP A 45 -8.39 10.50 -9.23
C ASP A 45 -8.68 9.43 -8.19
N LYS A 46 -9.42 8.40 -8.61
CA LYS A 46 -9.71 7.20 -7.79
C LYS A 46 -8.47 6.27 -7.68
N ASN A 47 -7.40 6.64 -8.43
CA ASN A 47 -6.06 6.00 -8.32
C ASN A 47 -5.30 6.47 -7.06
N ALA A 48 -5.87 7.44 -6.33
CA ALA A 48 -5.33 7.95 -5.07
C ALA A 48 -5.49 6.90 -3.95
N ILE A 49 -4.37 6.55 -3.27
CA ILE A 49 -4.37 5.60 -2.12
C ILE A 49 -3.74 6.27 -0.87
N LYS A 50 -4.55 6.36 0.20
CA LYS A 50 -4.09 6.69 1.56
C LYS A 50 -3.41 5.49 2.24
N VAL A 51 -2.66 5.80 3.31
CA VAL A 51 -2.02 4.82 4.18
C VAL A 51 -2.51 5.09 5.62
N ASN A 52 -3.03 4.04 6.27
CA ASN A 52 -3.66 4.11 7.62
C ASN A 52 -2.92 3.14 8.56
N ASN A 53 -2.75 3.49 9.85
CA ASN A 53 -2.09 2.57 10.83
C ASN A 53 -3.01 1.39 11.24
N VAL A 54 -2.48 0.52 12.11
CA VAL A 54 -3.21 -0.64 12.70
C VAL A 54 -4.46 -0.21 13.51
N ASN A 55 -4.46 1.03 14.04
CA ASN A 55 -5.60 1.59 14.79
C ASN A 55 -6.76 1.95 13.84
N GLY A 56 -6.46 2.05 12.54
CA GLY A 56 -7.45 2.39 11.52
C GLY A 56 -7.64 3.89 11.36
N ASN A 57 -6.54 4.64 11.47
CA ASN A 57 -6.53 6.10 11.32
C ASN A 57 -5.55 6.48 10.21
N GLN A 58 -6.02 7.33 9.28
CA GLN A 58 -5.20 7.84 8.15
C GLN A 58 -3.94 8.57 8.66
N VAL A 59 -2.79 7.88 8.54
CA VAL A 59 -1.47 8.43 8.89
C VAL A 59 -0.84 9.18 7.70
N GLY A 60 -1.57 9.21 6.57
CA GLY A 60 -1.21 10.04 5.43
C GLY A 60 -1.68 9.49 4.11
N HIS A 61 -1.04 9.94 3.03
CA HIS A 61 -1.27 9.48 1.65
C HIS A 61 0.05 8.96 1.09
N LEU A 62 -0.01 7.97 0.18
CA LEU A 62 1.19 7.24 -0.28
C LEU A 62 2.04 8.11 -1.24
N LYS A 63 1.36 8.55 -2.33
CA LYS A 63 2.00 9.08 -3.58
C LYS A 63 1.11 8.56 -4.72
N LYS A 64 0.46 9.43 -5.51
CA LYS A 64 -0.49 8.97 -6.57
C LYS A 64 0.24 8.31 -7.76
N GLU A 65 1.53 8.65 -7.91
CA GLU A 65 2.42 8.09 -8.94
C GLU A 65 2.68 6.59 -8.68
N LEU A 66 3.02 6.28 -7.42
CA LEU A 66 3.27 4.89 -6.96
C LEU A 66 1.93 4.14 -6.89
N ALA A 67 0.96 4.81 -6.24
CA ALA A 67 -0.40 4.31 -6.02
C ALA A 67 -1.14 4.08 -7.35
N GLY A 68 -0.70 4.76 -8.43
CA GLY A 68 -1.29 4.58 -9.77
C GLY A 68 -1.24 3.15 -10.28
N ALA A 69 -0.23 2.39 -9.82
CA ALA A 69 -0.12 0.94 -10.07
C ALA A 69 -1.03 0.17 -9.10
N LEU A 70 -0.82 0.41 -7.79
CA LEU A 70 -1.53 -0.30 -6.70
C LEU A 70 -3.05 -0.02 -6.69
N ALA A 71 -3.44 1.04 -7.43
CA ALA A 71 -4.83 1.53 -7.55
C ALA A 71 -5.78 0.43 -8.01
N TYR A 72 -5.39 -0.23 -9.11
CA TYR A 72 -6.20 -1.29 -9.74
C TYR A 72 -6.24 -2.54 -8.86
N ILE A 73 -5.15 -2.77 -8.09
CA ILE A 73 -5.06 -3.87 -7.11
C ILE A 73 -6.04 -3.63 -5.94
N MET A 74 -6.21 -2.36 -5.60
CA MET A 74 -7.13 -1.89 -4.53
C MET A 74 -8.59 -1.83 -5.06
N ASP A 75 -8.71 -1.49 -6.36
CA ASP A 75 -10.00 -1.24 -7.04
C ASP A 75 -10.74 -2.55 -7.34
N ASN A 76 -9.98 -3.58 -7.76
CA ASN A 76 -10.54 -4.92 -8.07
C ASN A 76 -10.34 -5.89 -6.89
N LYS A 77 -9.66 -5.40 -5.81
CA LYS A 77 -9.35 -6.19 -4.59
C LYS A 77 -8.52 -7.45 -4.94
N LEU A 78 -7.55 -7.26 -5.86
CA LEU A 78 -6.68 -8.33 -6.36
C LEU A 78 -5.83 -8.95 -5.24
N ALA A 79 -5.29 -8.08 -4.37
CA ALA A 79 -4.49 -8.48 -3.21
C ALA A 79 -4.64 -7.46 -2.09
N GLN A 80 -4.76 -7.97 -0.85
CA GLN A 80 -4.75 -7.15 0.36
C GLN A 80 -3.31 -6.71 0.64
N ILE A 81 -3.02 -5.43 0.36
CA ILE A 81 -1.69 -4.87 0.53
C ILE A 81 -1.58 -4.32 1.96
N GLU A 82 -0.85 -5.05 2.82
CA GLU A 82 -0.53 -4.61 4.19
C GLU A 82 0.70 -3.70 4.17
N GLY A 83 1.08 -3.16 5.34
CA GLY A 83 2.26 -2.30 5.46
C GLY A 83 2.91 -2.41 6.83
N VAL A 84 4.19 -2.03 6.87
CA VAL A 84 5.02 -1.91 8.09
C VAL A 84 6.00 -0.78 7.83
N VAL A 85 6.11 0.18 8.76
CA VAL A 85 7.08 1.30 8.66
C VAL A 85 8.33 0.93 9.49
N PRO A 86 9.40 0.33 8.87
CA PRO A 86 10.55 -0.22 9.62
C PRO A 86 11.48 0.90 10.16
N PHE A 87 11.84 1.83 9.26
CA PHE A 87 12.85 2.88 9.54
C PHE A 87 12.22 4.06 10.31
N GLY A 88 10.90 4.27 10.12
CA GLY A 88 10.17 5.38 10.76
C GLY A 88 10.69 6.78 10.38
N ALA A 89 11.36 6.87 9.21
CA ALA A 89 12.10 8.06 8.78
C ALA A 89 11.19 9.13 8.13
N ASN A 90 9.85 8.93 8.21
CA ASN A 90 8.85 9.91 7.71
C ASN A 90 8.89 11.23 8.50
N ASN A 91 9.46 11.15 9.71
CA ASN A 91 9.68 12.32 10.57
C ASN A 91 10.64 13.31 9.89
N ALA A 92 11.75 12.78 9.36
CA ALA A 92 12.84 13.58 8.75
C ALA A 92 12.56 13.86 7.25
N PHE A 93 12.32 12.79 6.48
CA PHE A 93 12.23 12.84 5.00
C PHE A 93 11.21 11.80 4.46
N THR A 94 11.26 11.57 3.13
CA THR A 94 10.37 10.62 2.44
C THR A 94 11.07 9.25 2.30
N MET A 95 10.43 8.18 2.83
CA MET A 95 11.05 6.85 2.95
C MET A 95 10.11 5.74 2.43
N PRO A 96 10.68 4.64 1.83
CA PRO A 96 9.90 3.44 1.50
C PRO A 96 9.65 2.54 2.74
N LEU A 97 8.38 2.23 3.00
CA LEU A 97 7.98 1.31 4.08
C LEU A 97 7.67 -0.06 3.47
N HIS A 98 7.80 -1.12 4.27
CA HIS A 98 7.58 -2.51 3.84
C HIS A 98 6.09 -2.78 3.59
N MET A 99 5.68 -2.90 2.31
CA MET A 99 4.32 -3.29 1.92
C MET A 99 4.36 -4.72 1.39
N THR A 100 3.27 -5.49 1.55
CA THR A 100 3.27 -6.94 1.24
C THR A 100 1.90 -7.34 0.66
N PHE A 101 1.91 -8.15 -0.42
CA PHE A 101 0.70 -8.55 -1.18
C PHE A 101 0.23 -9.95 -0.76
N TRP A 102 -1.04 -10.04 -0.33
CA TRP A 102 -1.68 -11.31 0.08
C TRP A 102 -3.04 -11.41 -0.63
N GLY A 103 -3.11 -12.27 -1.65
CA GLY A 103 -4.32 -12.41 -2.47
C GLY A 103 -4.32 -13.73 -3.20
N LYS A 104 -5.48 -14.10 -3.76
CA LYS A 104 -5.67 -15.37 -4.49
C LYS A 104 -4.70 -15.50 -5.69
N GLU A 105 -4.21 -16.73 -5.93
CA GLU A 105 -3.19 -17.04 -6.96
C GLU A 105 -3.56 -16.49 -8.35
N GLU A 106 -4.84 -16.61 -8.74
CA GLU A 106 -5.32 -16.21 -10.08
C GLU A 106 -5.18 -14.70 -10.35
N ASN A 107 -5.09 -13.90 -9.28
CA ASN A 107 -4.92 -12.43 -9.40
C ASN A 107 -3.44 -11.99 -9.41
N ARG A 108 -2.47 -12.94 -9.27
CA ARG A 108 -1.02 -12.58 -9.25
C ARG A 108 -0.59 -11.95 -10.57
N LYS A 109 -1.24 -12.39 -11.67
CA LYS A 109 -1.01 -11.85 -13.02
C LYS A 109 -1.41 -10.37 -13.07
N ALA A 110 -2.59 -10.07 -12.51
CA ALA A 110 -3.19 -8.73 -12.58
C ALA A 110 -2.49 -7.75 -11.59
N VAL A 111 -1.99 -8.30 -10.48
CA VAL A 111 -1.15 -7.54 -9.50
C VAL A 111 0.19 -7.18 -10.17
N SER A 112 0.81 -8.21 -10.77
CA SER A 112 2.08 -8.12 -11.49
C SER A 112 1.99 -7.16 -12.69
N ASP A 113 0.80 -7.11 -13.34
CA ASP A 113 0.55 -6.22 -14.49
C ASP A 113 0.83 -4.77 -14.11
N GLN A 114 0.29 -4.39 -12.94
CA GLN A 114 0.35 -3.04 -12.40
C GLN A 114 1.80 -2.66 -12.01
N LEU A 115 2.50 -3.63 -11.40
CA LEU A 115 3.87 -3.45 -10.93
C LEU A 115 4.84 -3.22 -12.12
N LYS A 116 4.94 -4.23 -13.00
CA LYS A 116 5.84 -4.21 -14.19
C LYS A 116 5.54 -3.01 -15.12
N LYS A 117 4.26 -2.61 -15.18
CA LYS A 117 3.76 -1.48 -16.00
C LYS A 117 4.51 -0.19 -15.68
N HIS A 118 4.54 0.17 -14.40
CA HIS A 118 5.14 1.43 -13.92
C HIS A 118 6.66 1.24 -13.68
N GLY A 119 7.11 -0.03 -13.60
CA GLY A 119 8.53 -0.37 -13.45
C GLY A 119 8.91 -0.73 -12.01
N PHE A 120 7.93 -1.23 -11.25
CA PHE A 120 8.16 -1.85 -9.94
C PHE A 120 8.68 -3.29 -10.11
N LYS A 121 8.97 -3.97 -8.97
CA LYS A 121 9.32 -5.40 -8.92
C LYS A 121 8.30 -6.24 -9.74
N LEU A 122 8.80 -7.32 -10.37
CA LEU A 122 8.01 -8.23 -11.23
C LEU A 122 6.66 -8.68 -10.58
N GLY A 1 -15.76 -18.55 2.76
CA GLY A 1 -15.50 -19.15 4.08
C GLY A 1 -14.03 -19.07 4.48
N SER A 2 -13.57 -20.05 5.28
CA SER A 2 -12.17 -20.16 5.75
C SER A 2 -11.22 -20.67 4.63
N ASP A 3 -11.79 -20.95 3.45
CA ASP A 3 -11.04 -21.34 2.24
C ASP A 3 -10.32 -20.13 1.60
N GLU A 4 -10.84 -18.91 1.85
CA GLU A 4 -10.29 -17.65 1.30
C GLU A 4 -8.83 -17.41 1.77
N GLU A 5 -8.57 -17.62 3.06
CA GLU A 5 -7.22 -17.44 3.65
C GLU A 5 -6.24 -18.51 3.13
N VAL A 6 -6.79 -19.73 2.87
CA VAL A 6 -6.06 -20.87 2.30
C VAL A 6 -5.76 -20.62 0.80
N ASP A 7 -6.62 -19.82 0.19
CA ASP A 7 -6.54 -19.44 -1.24
C ASP A 7 -5.61 -18.21 -1.43
N SER A 8 -5.50 -17.39 -0.37
CA SER A 8 -4.64 -16.19 -0.37
C SER A 8 -3.17 -16.57 -0.06
N VAL A 9 -2.25 -15.98 -0.85
CA VAL A 9 -0.81 -16.31 -0.85
C VAL A 9 0.03 -15.02 -0.88
N LEU A 10 1.33 -15.16 -0.56
CA LEU A 10 2.28 -14.04 -0.59
C LEU A 10 2.90 -13.91 -2.00
N PHE A 11 2.57 -12.80 -2.70
CA PHE A 11 3.11 -12.50 -4.05
C PHE A 11 4.54 -11.95 -3.96
N GLY A 12 4.80 -11.12 -2.94
CA GLY A 12 6.09 -10.44 -2.80
C GLY A 12 5.95 -9.16 -2.00
N SER A 13 6.86 -8.20 -2.23
CA SER A 13 6.90 -6.92 -1.50
C SER A 13 7.08 -5.74 -2.46
N LEU A 14 7.14 -4.52 -1.88
CA LEU A 14 7.35 -3.24 -2.61
C LEU A 14 7.87 -2.18 -1.64
N ARG A 15 8.68 -1.22 -2.12
CA ARG A 15 9.05 -0.04 -1.32
C ARG A 15 7.98 1.05 -1.51
N GLY A 16 7.11 1.18 -0.51
CA GLY A 16 6.09 2.22 -0.49
C GLY A 16 6.69 3.61 -0.21
N HIS A 17 7.15 4.27 -1.29
CA HIS A 17 7.66 5.65 -1.23
C HIS A 17 6.49 6.61 -0.97
N VAL A 18 6.35 7.02 0.29
CA VAL A 18 5.26 7.87 0.76
C VAL A 18 5.83 9.19 1.33
N VAL A 19 5.26 10.33 0.89
CA VAL A 19 5.75 11.70 1.19
C VAL A 19 5.85 11.97 2.71
N GLY A 20 6.88 12.72 3.13
CA GLY A 20 7.12 13.00 4.56
C GLY A 20 6.25 14.11 5.14
N LEU A 21 5.71 14.97 4.26
CA LEU A 21 4.82 16.09 4.63
C LEU A 21 3.50 15.59 5.30
N ARG A 22 3.22 14.29 5.10
CA ARG A 22 2.05 13.59 5.67
C ARG A 22 2.05 13.52 7.22
N TYR A 23 3.15 14.00 7.88
CA TYR A 23 3.34 13.88 9.36
C TYR A 23 2.15 14.46 10.16
N TYR A 24 1.56 15.53 9.61
CA TYR A 24 0.42 16.26 10.22
C TYR A 24 -0.86 15.38 10.22
N THR A 25 -0.94 14.42 9.28
CA THR A 25 -2.11 13.53 9.09
C THR A 25 -2.14 12.40 10.17
N GLY A 26 -1.09 12.29 11.01
CA GLY A 26 -1.11 11.32 12.13
C GLY A 26 -0.26 10.08 11.87
N VAL A 27 1.03 10.29 11.51
CA VAL A 27 1.97 9.19 11.17
C VAL A 27 2.37 8.30 12.36
N VAL A 28 3.08 7.22 12.01
CA VAL A 28 3.62 6.23 12.95
C VAL A 28 5.16 6.27 12.90
N ASN A 29 5.82 5.71 13.93
CA ASN A 29 7.29 5.80 14.10
C ASN A 29 8.01 4.63 13.40
N ASN A 30 8.18 3.50 14.12
CA ASN A 30 9.01 2.36 13.66
C ASN A 30 8.40 1.01 14.09
N ASN A 31 8.64 -0.01 13.23
CA ASN A 31 8.12 -1.40 13.39
C ASN A 31 6.57 -1.47 13.35
N GLU A 32 5.92 -0.35 12.99
CA GLU A 32 4.46 -0.26 13.02
C GLU A 32 3.84 -0.85 11.76
N MET A 33 2.82 -1.69 11.99
CA MET A 33 2.07 -2.35 10.94
C MET A 33 1.04 -1.36 10.38
N VAL A 34 0.99 -1.29 9.06
CA VAL A 34 0.06 -0.43 8.33
C VAL A 34 -0.61 -1.26 7.22
N ALA A 35 -1.72 -0.74 6.69
CA ALA A 35 -2.50 -1.39 5.63
C ALA A 35 -3.03 -0.33 4.68
N LEU A 36 -2.90 -0.59 3.39
CA LEU A 36 -3.24 0.37 2.34
C LEU A 36 -4.74 0.28 2.01
N GLN A 37 -5.31 1.43 1.61
CA GLN A 37 -6.70 1.52 1.16
C GLN A 37 -6.86 2.81 0.33
N ARG A 38 -7.60 2.72 -0.81
CA ARG A 38 -7.82 3.88 -1.69
C ARG A 38 -8.69 4.93 -0.96
N ASP A 39 -8.51 6.18 -1.36
CA ASP A 39 -9.05 7.34 -0.65
C ASP A 39 -10.29 7.86 -1.36
N PRO A 40 -11.51 7.82 -0.72
CA PRO A 40 -12.77 8.35 -1.32
C PRO A 40 -12.77 9.90 -1.45
N ASN A 41 -11.87 10.57 -0.70
CA ASN A 41 -11.70 12.05 -0.76
C ASN A 41 -10.71 12.44 -1.89
N ASN A 42 -10.44 11.48 -2.81
CA ASN A 42 -9.60 11.71 -4.01
C ASN A 42 -10.12 12.94 -4.84
N PRO A 43 -9.25 13.93 -5.18
CA PRO A 43 -9.66 15.12 -5.97
C PRO A 43 -9.64 14.89 -7.50
N TYR A 44 -8.79 13.96 -7.98
CA TYR A 44 -8.57 13.73 -9.43
C TYR A 44 -9.19 12.40 -9.86
N ASP A 45 -8.83 11.32 -9.15
CA ASP A 45 -9.26 9.95 -9.47
C ASP A 45 -8.97 9.01 -8.29
N LYS A 46 -9.70 7.88 -8.23
CA LYS A 46 -9.65 6.87 -7.15
C LYS A 46 -8.26 6.21 -7.01
N ASN A 47 -7.37 6.51 -7.98
CA ASN A 47 -5.96 6.10 -7.96
C ASN A 47 -5.24 6.53 -6.67
N ALA A 48 -5.66 7.68 -6.10
CA ALA A 48 -5.11 8.18 -4.84
C ALA A 48 -5.42 7.19 -3.69
N ILE A 49 -4.37 6.51 -3.21
CA ILE A 49 -4.43 5.57 -2.07
C ILE A 49 -3.73 6.22 -0.89
N LYS A 50 -4.18 5.88 0.33
CA LYS A 50 -3.50 6.30 1.56
C LYS A 50 -3.11 5.07 2.41
N VAL A 51 -1.96 5.19 3.06
CA VAL A 51 -1.47 4.25 4.06
C VAL A 51 -2.22 4.50 5.37
N ASN A 52 -2.77 3.45 5.98
CA ASN A 52 -3.53 3.53 7.25
C ASN A 52 -2.76 2.77 8.34
N ASN A 53 -2.79 3.26 9.59
CA ASN A 53 -2.14 2.57 10.74
C ASN A 53 -2.99 1.37 11.22
N VAL A 54 -2.62 0.78 12.39
CA VAL A 54 -3.32 -0.40 12.96
C VAL A 54 -4.79 -0.07 13.36
N ASN A 55 -5.08 1.20 13.67
CA ASN A 55 -6.46 1.69 13.96
C ASN A 55 -7.29 1.80 12.65
N GLY A 56 -6.59 1.89 11.51
CA GLY A 56 -7.23 2.14 10.21
C GLY A 56 -7.27 3.62 9.85
N ASN A 57 -6.64 4.45 10.69
CA ASN A 57 -6.57 5.91 10.51
C ASN A 57 -5.41 6.22 9.54
N GLN A 58 -5.71 6.96 8.46
CA GLN A 58 -4.72 7.26 7.41
C GLN A 58 -3.60 8.18 7.93
N VAL A 59 -2.35 7.72 7.72
CA VAL A 59 -1.14 8.46 8.10
C VAL A 59 -0.66 9.37 6.95
N GLY A 60 -1.06 9.05 5.70
CA GLY A 60 -0.71 9.85 4.53
C GLY A 60 -0.93 9.16 3.20
N HIS A 61 -0.91 9.97 2.11
CA HIS A 61 -1.22 9.50 0.73
C HIS A 61 0.07 9.05 -0.02
N LEU A 62 -0.10 8.11 -0.95
CA LEU A 62 0.99 7.43 -1.71
C LEU A 62 1.22 8.07 -3.08
N LYS A 63 0.96 9.39 -3.18
CA LYS A 63 1.04 10.16 -4.44
C LYS A 63 -0.01 9.66 -5.46
N LYS A 64 0.06 10.16 -6.70
CA LYS A 64 -0.75 9.67 -7.82
C LYS A 64 -0.14 8.38 -8.40
N GLU A 65 1.17 8.45 -8.68
CA GLU A 65 1.89 7.44 -9.50
C GLU A 65 1.90 6.04 -8.85
N LEU A 66 2.44 5.97 -7.61
CA LEU A 66 2.68 4.69 -6.90
C LEU A 66 1.34 4.04 -6.56
N ALA A 67 0.47 4.89 -6.01
CA ALA A 67 -0.90 4.54 -5.66
C ALA A 67 -1.71 4.15 -6.91
N GLY A 68 -1.36 4.72 -8.07
CA GLY A 68 -2.07 4.48 -9.33
C GLY A 68 -1.95 3.06 -9.86
N ALA A 69 -0.76 2.47 -9.70
CA ALA A 69 -0.53 1.06 -10.02
C ALA A 69 -1.32 0.16 -9.06
N LEU A 70 -1.13 0.42 -7.76
CA LEU A 70 -1.75 -0.36 -6.67
C LEU A 70 -3.28 -0.15 -6.62
N ALA A 71 -3.77 0.91 -7.29
CA ALA A 71 -5.19 1.30 -7.31
C ALA A 71 -6.10 0.23 -7.92
N TYR A 72 -5.62 -0.44 -8.97
CA TYR A 72 -6.39 -1.51 -9.63
C TYR A 72 -6.45 -2.74 -8.70
N ILE A 73 -5.37 -2.96 -7.94
CA ILE A 73 -5.28 -4.05 -6.95
C ILE A 73 -6.23 -3.77 -5.76
N MET A 74 -6.36 -2.48 -5.43
CA MET A 74 -7.12 -2.00 -4.26
C MET A 74 -8.62 -1.98 -4.55
N ASP A 75 -8.98 -1.32 -5.67
CA ASP A 75 -10.37 -1.09 -6.10
C ASP A 75 -11.06 -2.43 -6.40
N ASN A 76 -10.35 -3.31 -7.13
CA ASN A 76 -10.87 -4.62 -7.55
C ASN A 76 -10.57 -5.71 -6.49
N LYS A 77 -9.95 -5.32 -5.36
CA LYS A 77 -9.70 -6.19 -4.18
C LYS A 77 -8.90 -7.45 -4.57
N LEU A 78 -7.95 -7.27 -5.51
CA LEU A 78 -7.10 -8.36 -6.05
C LEU A 78 -6.16 -8.93 -4.96
N ALA A 79 -5.56 -8.03 -4.17
CA ALA A 79 -4.66 -8.40 -3.07
C ALA A 79 -4.75 -7.35 -1.95
N GLN A 80 -4.73 -7.85 -0.71
CA GLN A 80 -4.61 -7.04 0.49
C GLN A 80 -3.14 -6.61 0.63
N ILE A 81 -2.87 -5.36 0.29
CA ILE A 81 -1.52 -4.80 0.36
C ILE A 81 -1.32 -4.21 1.76
N GLU A 82 -0.53 -4.91 2.57
CA GLU A 82 -0.11 -4.45 3.90
C GLU A 82 1.23 -3.70 3.78
N GLY A 83 1.75 -3.23 4.91
CA GLY A 83 3.04 -2.59 4.99
C GLY A 83 3.54 -2.53 6.42
N VAL A 84 4.80 -2.08 6.58
CA VAL A 84 5.46 -1.83 7.87
C VAL A 84 6.47 -0.70 7.65
N VAL A 85 6.56 0.25 8.61
CA VAL A 85 7.59 1.31 8.60
C VAL A 85 8.71 0.90 9.59
N PRO A 86 9.80 0.17 9.16
CA PRO A 86 10.84 -0.32 10.09
C PRO A 86 11.95 0.72 10.40
N PHE A 87 12.14 1.69 9.48
CA PHE A 87 13.30 2.61 9.48
C PHE A 87 13.17 3.72 10.53
N GLY A 88 11.91 4.11 10.84
CA GLY A 88 11.64 5.22 11.79
C GLY A 88 12.23 6.57 11.34
N ALA A 89 12.28 6.78 10.01
CA ALA A 89 12.84 8.00 9.39
C ALA A 89 11.78 9.13 9.28
N ASN A 90 10.69 8.99 10.06
CA ASN A 90 9.60 10.00 10.18
C ASN A 90 10.12 11.33 10.76
N ASN A 91 11.21 11.24 11.56
CA ASN A 91 11.92 12.40 12.11
C ASN A 91 12.70 13.15 11.01
N ALA A 92 13.28 12.40 10.05
CA ALA A 92 14.05 12.98 8.93
C ALA A 92 13.10 13.77 7.98
N PHE A 93 12.18 13.02 7.33
CA PHE A 93 11.10 13.55 6.47
C PHE A 93 10.40 12.36 5.77
N THR A 94 10.90 11.98 4.56
CA THR A 94 10.30 10.95 3.71
C THR A 94 11.11 9.64 3.82
N MET A 95 10.42 8.49 3.76
CA MET A 95 11.05 7.16 3.78
C MET A 95 10.21 6.17 2.94
N PRO A 96 10.87 5.16 2.29
CA PRO A 96 10.15 4.01 1.73
C PRO A 96 9.87 2.97 2.84
N LEU A 97 8.59 2.60 3.03
CA LEU A 97 8.21 1.60 4.04
C LEU A 97 7.99 0.25 3.32
N HIS A 98 8.32 -0.86 3.98
CA HIS A 98 8.24 -2.20 3.39
C HIS A 98 6.77 -2.65 3.30
N MET A 99 6.23 -2.63 2.07
CA MET A 99 4.88 -3.13 1.77
C MET A 99 4.96 -4.56 1.27
N THR A 100 3.82 -5.27 1.33
CA THR A 100 3.77 -6.71 1.06
C THR A 100 2.38 -7.07 0.49
N PHE A 101 2.37 -7.84 -0.61
CA PHE A 101 1.14 -8.23 -1.34
C PHE A 101 0.68 -9.63 -0.89
N TRP A 102 -0.51 -9.70 -0.29
CA TRP A 102 -1.14 -10.97 0.15
C TRP A 102 -2.53 -11.03 -0.51
N GLY A 103 -2.74 -12.01 -1.38
CA GLY A 103 -3.99 -12.13 -2.11
C GLY A 103 -4.10 -13.47 -2.80
N LYS A 104 -5.30 -13.79 -3.30
CA LYS A 104 -5.59 -15.10 -3.87
C LYS A 104 -4.80 -15.39 -5.17
N GLU A 105 -4.48 -16.67 -5.35
CA GLU A 105 -3.59 -17.20 -6.41
C GLU A 105 -4.02 -16.77 -7.84
N GLU A 106 -5.34 -16.62 -8.07
CA GLU A 106 -5.89 -16.34 -9.41
C GLU A 106 -5.62 -14.89 -9.84
N ASN A 107 -5.41 -14.00 -8.86
CA ASN A 107 -5.19 -12.56 -9.11
C ASN A 107 -3.70 -12.23 -9.24
N ARG A 108 -2.82 -13.26 -9.18
CA ARG A 108 -1.35 -13.07 -9.13
C ARG A 108 -0.84 -12.30 -10.37
N LYS A 109 -1.44 -12.59 -11.54
CA LYS A 109 -1.06 -11.97 -12.82
C LYS A 109 -1.47 -10.50 -12.87
N ALA A 110 -2.63 -10.18 -12.26
CA ALA A 110 -3.25 -8.85 -12.33
C ALA A 110 -2.55 -7.88 -11.36
N VAL A 111 -2.22 -8.39 -10.16
CA VAL A 111 -1.45 -7.65 -9.14
C VAL A 111 -0.05 -7.29 -9.67
N SER A 112 0.61 -8.29 -10.26
CA SER A 112 1.95 -8.14 -10.84
C SER A 112 1.91 -7.34 -12.16
N ASP A 113 0.75 -7.33 -12.86
CA ASP A 113 0.58 -6.56 -14.12
C ASP A 113 0.72 -5.06 -13.85
N GLN A 114 0.16 -4.63 -12.71
CA GLN A 114 0.21 -3.23 -12.27
C GLN A 114 1.66 -2.80 -11.98
N LEU A 115 2.44 -3.75 -11.46
CA LEU A 115 3.85 -3.55 -11.15
C LEU A 115 4.71 -3.54 -12.43
N LYS A 116 4.38 -4.44 -13.39
CA LYS A 116 5.12 -4.52 -14.68
C LYS A 116 4.88 -3.27 -15.54
N LYS A 117 3.63 -2.77 -15.48
CA LYS A 117 3.13 -1.70 -16.37
C LYS A 117 3.95 -0.41 -16.22
N HIS A 118 4.28 -0.06 -14.98
CA HIS A 118 5.12 1.12 -14.68
C HIS A 118 6.59 0.69 -14.47
N GLY A 119 6.80 -0.55 -14.03
CA GLY A 119 8.14 -1.07 -13.74
C GLY A 119 8.46 -1.11 -12.25
N PHE A 120 7.42 -1.12 -11.40
CA PHE A 120 7.56 -1.32 -9.94
C PHE A 120 8.04 -2.76 -9.65
N LYS A 121 8.87 -2.88 -8.61
CA LYS A 121 9.44 -4.15 -8.14
C LYS A 121 9.80 -3.98 -6.65
N LEU A 122 9.81 -5.08 -5.89
CA LEU A 122 10.26 -5.11 -4.47
C LEU A 122 11.62 -4.37 -4.28
N GLY A 1 -15.62 -21.28 -2.10
CA GLY A 1 -16.18 -21.16 -0.73
C GLY A 1 -15.31 -20.30 0.16
N SER A 2 -14.80 -20.88 1.26
CA SER A 2 -13.82 -20.22 2.15
C SER A 2 -12.37 -20.43 1.68
N ASP A 3 -12.18 -21.38 0.73
CA ASP A 3 -10.83 -21.79 0.25
C ASP A 3 -10.09 -20.65 -0.49
N GLU A 4 -10.81 -19.58 -0.85
CA GLU A 4 -10.25 -18.32 -1.41
C GLU A 4 -9.18 -17.71 -0.46
N GLU A 5 -9.50 -17.63 0.85
CA GLU A 5 -8.58 -17.03 1.84
C GLU A 5 -7.39 -17.98 2.14
N VAL A 6 -7.63 -19.30 1.97
CA VAL A 6 -6.59 -20.33 2.12
C VAL A 6 -5.57 -20.23 0.97
N ASP A 7 -6.08 -19.87 -0.22
CA ASP A 7 -5.30 -19.76 -1.46
C ASP A 7 -4.44 -18.47 -1.49
N SER A 8 -4.70 -17.54 -0.56
CA SER A 8 -3.98 -16.26 -0.46
C SER A 8 -2.51 -16.47 -0.04
N VAL A 9 -1.59 -16.13 -0.96
CA VAL A 9 -0.14 -16.35 -0.84
C VAL A 9 0.62 -15.01 -0.89
N LEU A 10 1.87 -15.02 -0.39
CA LEU A 10 2.78 -13.89 -0.48
C LEU A 10 3.44 -13.86 -1.88
N PHE A 11 3.10 -12.84 -2.68
CA PHE A 11 3.70 -12.64 -4.01
C PHE A 11 5.13 -12.10 -3.89
N GLY A 12 5.37 -11.37 -2.79
CA GLY A 12 6.67 -10.75 -2.50
C GLY A 12 6.52 -9.50 -1.68
N SER A 13 7.65 -8.83 -1.43
CA SER A 13 7.70 -7.58 -0.66
C SER A 13 8.07 -6.42 -1.62
N LEU A 14 7.17 -5.43 -1.73
CA LEU A 14 7.39 -4.26 -2.60
C LEU A 14 7.83 -3.06 -1.74
N ARG A 15 8.87 -2.38 -2.21
CA ARG A 15 9.29 -1.09 -1.67
C ARG A 15 8.30 0.03 -2.09
N GLY A 16 7.34 0.32 -1.18
CA GLY A 16 6.41 1.45 -1.36
C GLY A 16 7.10 2.78 -1.06
N HIS A 17 6.37 3.91 -1.17
CA HIS A 17 6.94 5.27 -0.96
C HIS A 17 5.94 6.14 -0.18
N VAL A 18 6.27 6.45 1.09
CA VAL A 18 5.51 7.41 1.94
C VAL A 18 6.29 8.73 1.99
N VAL A 19 5.58 9.85 1.78
CA VAL A 19 6.15 11.20 1.85
C VAL A 19 6.19 11.68 3.32
N GLY A 20 7.27 12.38 3.70
CA GLY A 20 7.48 12.85 5.08
C GLY A 20 6.60 14.03 5.46
N LEU A 21 6.19 14.82 4.45
CA LEU A 21 5.29 15.98 4.63
C LEU A 21 3.89 15.55 5.14
N ARG A 22 3.58 14.25 4.97
CA ARG A 22 2.31 13.61 5.44
C ARG A 22 2.32 13.36 6.96
N TYR A 23 3.42 13.74 7.66
CA TYR A 23 3.53 13.65 9.14
C TYR A 23 2.38 14.40 9.85
N TYR A 24 1.91 15.48 9.19
CA TYR A 24 0.83 16.35 9.68
C TYR A 24 -0.55 15.63 9.68
N THR A 25 -0.66 14.55 8.87
CA THR A 25 -1.87 13.71 8.83
C THR A 25 -1.93 12.81 10.09
N GLY A 26 -0.75 12.53 10.69
CA GLY A 26 -0.67 11.73 11.92
C GLY A 26 0.05 10.40 11.75
N VAL A 27 1.27 10.44 11.15
CA VAL A 27 2.11 9.22 10.97
C VAL A 27 2.43 8.51 12.30
N VAL A 28 2.97 7.28 12.19
CA VAL A 28 3.18 6.38 13.33
C VAL A 28 4.67 6.14 13.60
N ASN A 29 4.93 5.56 14.78
CA ASN A 29 6.29 5.30 15.31
C ASN A 29 7.14 4.40 14.39
N ASN A 30 8.48 4.51 14.54
CA ASN A 30 9.48 3.70 13.84
C ASN A 30 9.45 2.22 14.31
N ASN A 31 8.36 1.53 13.95
CA ASN A 31 8.07 0.15 14.38
C ASN A 31 6.76 -0.30 13.74
N GLU A 32 5.74 0.57 13.84
CA GLU A 32 4.33 0.22 13.59
C GLU A 32 4.06 -0.20 12.13
N MET A 33 3.06 -1.09 11.97
CA MET A 33 2.59 -1.54 10.66
C MET A 33 1.48 -0.62 10.16
N VAL A 34 1.39 -0.48 8.82
CA VAL A 34 0.42 0.39 8.16
C VAL A 34 -0.49 -0.42 7.21
N ALA A 35 -1.72 0.08 7.01
CA ALA A 35 -2.71 -0.50 6.09
C ALA A 35 -2.88 0.40 4.86
N LEU A 36 -3.54 -0.13 3.81
CA LEU A 36 -3.78 0.59 2.55
C LEU A 36 -5.30 0.64 2.27
N GLN A 37 -5.84 1.86 2.20
CA GLN A 37 -7.26 2.12 1.84
C GLN A 37 -7.31 3.15 0.70
N ARG A 38 -8.15 2.90 -0.31
CA ARG A 38 -8.32 3.80 -1.46
C ARG A 38 -9.19 5.01 -1.07
N ASP A 39 -8.68 6.23 -1.28
CA ASP A 39 -9.39 7.48 -0.90
C ASP A 39 -9.89 8.18 -2.19
N PRO A 40 -11.24 8.31 -2.40
CA PRO A 40 -11.82 8.88 -3.64
C PRO A 40 -11.88 10.43 -3.65
N ASN A 41 -11.47 11.08 -2.55
CA ASN A 41 -11.71 12.52 -2.31
C ASN A 41 -10.40 13.35 -2.45
N ASN A 42 -9.40 12.80 -3.17
CA ASN A 42 -8.13 13.51 -3.42
C ASN A 42 -8.23 14.41 -4.68
N PRO A 43 -7.60 15.63 -4.65
CA PRO A 43 -7.50 16.52 -5.85
C PRO A 43 -6.57 15.94 -6.93
N TYR A 44 -5.79 14.90 -6.56
CA TYR A 44 -4.91 14.17 -7.50
C TYR A 44 -5.76 13.21 -8.34
N ASP A 45 -6.54 12.36 -7.64
CA ASP A 45 -7.51 11.40 -8.24
C ASP A 45 -8.05 10.45 -7.14
N LYS A 46 -9.16 9.77 -7.48
CA LYS A 46 -9.81 8.73 -6.65
C LYS A 46 -8.88 7.53 -6.33
N ASN A 47 -7.85 7.33 -7.17
CA ASN A 47 -6.90 6.21 -7.03
C ASN A 47 -5.83 6.44 -5.94
N ALA A 48 -5.73 7.69 -5.42
CA ALA A 48 -4.73 8.06 -4.41
C ALA A 48 -5.03 7.35 -3.07
N ILE A 49 -4.15 6.39 -2.72
CA ILE A 49 -4.30 5.53 -1.54
C ILE A 49 -3.96 6.30 -0.26
N LYS A 50 -4.96 6.36 0.62
CA LYS A 50 -4.80 6.81 2.00
C LYS A 50 -4.11 5.69 2.81
N VAL A 51 -2.93 5.98 3.33
CA VAL A 51 -2.25 5.05 4.26
C VAL A 51 -2.92 5.16 5.63
N ASN A 52 -3.26 4.03 6.22
CA ASN A 52 -3.79 3.90 7.59
C ASN A 52 -2.75 3.16 8.44
N ASN A 53 -2.96 3.01 9.74
CA ASN A 53 -2.12 2.11 10.59
C ASN A 53 -2.93 0.88 11.03
N VAL A 54 -2.41 0.09 12.00
CA VAL A 54 -3.09 -1.11 12.54
C VAL A 54 -4.41 -0.76 13.27
N ASN A 55 -4.49 0.47 13.82
CA ASN A 55 -5.70 0.99 14.48
C ASN A 55 -6.78 1.35 13.45
N GLY A 56 -6.35 1.57 12.18
CA GLY A 56 -7.23 1.93 11.07
C GLY A 56 -7.26 3.43 10.80
N ASN A 57 -6.56 4.21 11.65
CA ASN A 57 -6.50 5.68 11.52
C ASN A 57 -5.50 6.08 10.44
N GLN A 58 -5.95 6.98 9.56
CA GLN A 58 -5.15 7.56 8.47
C GLN A 58 -3.87 8.26 8.99
N VAL A 59 -2.72 7.88 8.41
CA VAL A 59 -1.40 8.40 8.79
C VAL A 59 -0.78 9.23 7.64
N GLY A 60 -1.28 9.03 6.39
CA GLY A 60 -0.79 9.80 5.24
C GLY A 60 -1.30 9.28 3.89
N HIS A 61 -0.43 9.41 2.86
CA HIS A 61 -0.69 8.92 1.48
C HIS A 61 0.59 8.30 0.91
N LEU A 62 0.41 7.41 -0.09
CA LEU A 62 1.51 6.77 -0.84
C LEU A 62 1.85 7.54 -2.13
N LYS A 63 1.18 8.71 -2.33
CA LYS A 63 1.26 9.53 -3.56
C LYS A 63 0.58 8.81 -4.75
N LYS A 64 -0.04 9.60 -5.66
CA LYS A 64 -0.80 9.09 -6.82
C LYS A 64 0.01 8.13 -7.73
N GLU A 65 1.36 8.23 -7.64
CA GLU A 65 2.30 7.59 -8.57
C GLU A 65 2.17 6.04 -8.53
N LEU A 66 2.38 5.43 -7.34
CA LEU A 66 2.20 3.98 -7.15
C LEU A 66 0.73 3.64 -6.82
N ALA A 67 0.00 4.65 -6.31
CA ALA A 67 -1.40 4.50 -5.90
C ALA A 67 -2.31 4.16 -7.08
N GLY A 68 -2.02 4.77 -8.24
CA GLY A 68 -2.76 4.50 -9.48
C GLY A 68 -2.54 3.08 -10.00
N ALA A 69 -1.35 2.52 -9.71
CA ALA A 69 -1.00 1.13 -10.04
C ALA A 69 -1.80 0.17 -9.14
N LEU A 70 -1.62 0.35 -7.82
CA LEU A 70 -2.26 -0.49 -6.78
C LEU A 70 -3.79 -0.33 -6.73
N ALA A 71 -4.30 0.76 -7.36
CA ALA A 71 -5.74 1.10 -7.42
C ALA A 71 -6.61 -0.06 -7.93
N TYR A 72 -6.15 -0.73 -9.00
CA TYR A 72 -6.89 -1.85 -9.62
C TYR A 72 -6.84 -3.10 -8.70
N ILE A 73 -5.72 -3.24 -7.96
CA ILE A 73 -5.55 -4.31 -6.94
C ILE A 73 -6.47 -4.05 -5.73
N MET A 74 -6.65 -2.77 -5.41
CA MET A 74 -7.41 -2.28 -4.25
C MET A 74 -8.93 -2.31 -4.53
N ASP A 75 -9.28 -2.05 -5.80
CA ASP A 75 -10.68 -1.96 -6.26
C ASP A 75 -11.26 -3.36 -6.45
N ASN A 76 -10.53 -4.20 -7.19
CA ASN A 76 -10.95 -5.56 -7.55
C ASN A 76 -10.54 -6.61 -6.48
N LYS A 77 -9.91 -6.11 -5.39
CA LYS A 77 -9.55 -6.92 -4.18
C LYS A 77 -8.60 -8.08 -4.56
N LEU A 78 -7.72 -7.82 -5.55
CA LEU A 78 -6.81 -8.82 -6.12
C LEU A 78 -5.82 -9.37 -5.07
N ALA A 79 -5.32 -8.47 -4.21
CA ALA A 79 -4.37 -8.81 -3.15
C ALA A 79 -4.47 -7.79 -2.01
N GLN A 80 -4.49 -8.31 -0.78
CA GLN A 80 -4.48 -7.52 0.44
C GLN A 80 -3.04 -7.10 0.75
N ILE A 81 -2.74 -5.83 0.48
CA ILE A 81 -1.40 -5.26 0.64
C ILE A 81 -1.28 -4.66 2.05
N GLU A 82 -0.30 -5.12 2.82
CA GLU A 82 0.01 -4.60 4.17
C GLU A 82 1.46 -4.08 4.19
N GLY A 83 1.71 -3.07 5.01
CA GLY A 83 3.03 -2.42 5.09
C GLY A 83 3.53 -2.30 6.51
N VAL A 84 4.78 -1.82 6.66
CA VAL A 84 5.41 -1.52 7.95
C VAL A 84 6.44 -0.38 7.79
N VAL A 85 6.55 0.50 8.81
CA VAL A 85 7.60 1.55 8.89
C VAL A 85 8.47 1.35 10.16
N PRO A 86 9.52 0.47 10.11
CA PRO A 86 10.51 0.33 11.22
C PRO A 86 11.56 1.47 11.24
N PHE A 87 11.69 2.18 10.10
CA PHE A 87 12.72 3.23 9.92
C PHE A 87 12.26 4.58 10.51
N GLY A 88 10.92 4.80 10.49
CA GLY A 88 10.32 6.05 10.96
C GLY A 88 10.83 7.30 10.27
N ALA A 89 11.14 7.18 8.97
CA ALA A 89 11.53 8.33 8.12
C ALA A 89 10.29 8.95 7.44
N ASN A 90 9.10 8.37 7.74
CA ASN A 90 7.79 8.78 7.17
C ASN A 90 7.30 10.13 7.74
N ASN A 91 7.99 10.65 8.77
CA ASN A 91 7.75 12.01 9.32
C ASN A 91 8.81 13.01 8.82
N ALA A 92 9.97 12.47 8.43
CA ALA A 92 11.20 13.26 8.20
C ALA A 92 11.43 13.59 6.71
N PHE A 93 11.17 12.60 5.85
CA PHE A 93 11.62 12.61 4.44
C PHE A 93 10.76 11.61 3.62
N THR A 94 11.05 11.46 2.32
CA THR A 94 10.35 10.49 1.45
C THR A 94 11.12 9.17 1.51
N MET A 95 10.51 8.18 2.18
CA MET A 95 11.16 6.90 2.50
C MET A 95 10.51 5.75 1.71
N PRO A 96 11.31 4.70 1.37
CA PRO A 96 10.75 3.40 1.01
C PRO A 96 10.34 2.62 2.28
N LEU A 97 9.27 1.82 2.18
CA LEU A 97 8.83 0.98 3.30
C LEU A 97 8.43 -0.41 2.79
N HIS A 98 8.52 -1.39 3.69
CA HIS A 98 8.21 -2.78 3.40
C HIS A 98 6.69 -2.98 3.25
N MET A 99 6.24 -3.18 2.01
CA MET A 99 4.88 -3.65 1.68
C MET A 99 4.96 -5.14 1.34
N THR A 100 3.86 -5.86 1.54
CA THR A 100 3.78 -7.31 1.29
C THR A 100 2.38 -7.63 0.73
N PHE A 101 2.37 -8.27 -0.44
CA PHE A 101 1.14 -8.60 -1.17
C PHE A 101 0.67 -10.01 -0.81
N TRP A 102 -0.53 -10.11 -0.21
CA TRP A 102 -1.13 -11.38 0.22
C TRP A 102 -2.46 -11.55 -0.52
N GLY A 103 -2.44 -12.36 -1.57
CA GLY A 103 -3.60 -12.55 -2.42
C GLY A 103 -3.58 -13.90 -3.07
N LYS A 104 -4.73 -14.40 -3.48
CA LYS A 104 -4.86 -15.72 -4.11
C LYS A 104 -4.05 -15.78 -5.44
N GLU A 105 -3.48 -16.97 -5.71
CA GLU A 105 -2.55 -17.21 -6.84
C GLU A 105 -3.13 -16.77 -8.20
N GLU A 106 -4.45 -16.92 -8.41
CA GLU A 106 -5.07 -16.60 -9.73
C GLU A 106 -4.90 -15.10 -10.10
N ASN A 107 -4.84 -14.24 -9.07
CA ASN A 107 -4.82 -12.77 -9.25
C ASN A 107 -3.42 -12.21 -9.50
N ARG A 108 -2.34 -13.02 -9.32
CA ARG A 108 -0.93 -12.52 -9.44
C ARG A 108 -0.62 -11.96 -10.84
N LYS A 109 -1.32 -12.49 -11.87
CA LYS A 109 -1.17 -12.06 -13.27
C LYS A 109 -1.57 -10.57 -13.42
N ALA A 110 -2.63 -10.18 -12.68
CA ALA A 110 -3.18 -8.82 -12.69
C ALA A 110 -2.37 -7.90 -11.75
N VAL A 111 -2.10 -8.41 -10.53
CA VAL A 111 -1.33 -7.70 -9.49
C VAL A 111 0.04 -7.21 -10.02
N SER A 112 0.77 -8.14 -10.65
CA SER A 112 2.08 -7.85 -11.24
C SER A 112 1.96 -6.87 -12.41
N ASP A 113 0.89 -7.04 -13.21
CA ASP A 113 0.63 -6.22 -14.42
C ASP A 113 0.52 -4.73 -14.07
N GLN A 114 -0.10 -4.44 -12.91
CA GLN A 114 -0.31 -3.06 -12.44
C GLN A 114 1.04 -2.39 -12.09
N LEU A 115 1.93 -3.20 -11.49
CA LEU A 115 3.28 -2.77 -11.08
C LEU A 115 4.14 -2.51 -12.34
N LYS A 116 4.26 -3.55 -13.19
CA LYS A 116 5.05 -3.54 -14.45
C LYS A 116 4.65 -2.38 -15.38
N LYS A 117 3.37 -2.01 -15.33
CA LYS A 117 2.78 -0.93 -16.16
C LYS A 117 3.49 0.42 -15.91
N HIS A 118 3.83 0.64 -14.65
CA HIS A 118 4.45 1.91 -14.18
C HIS A 118 5.95 1.69 -13.85
N GLY A 119 6.36 0.41 -13.80
CA GLY A 119 7.76 0.03 -13.55
C GLY A 119 8.11 -0.08 -12.07
N PHE A 120 7.20 -0.68 -11.28
CA PHE A 120 7.45 -1.02 -9.86
C PHE A 120 7.81 -2.51 -9.73
N LYS A 121 8.82 -2.79 -8.90
CA LYS A 121 9.30 -4.14 -8.61
C LYS A 121 10.26 -4.08 -7.41
N LEU A 122 10.33 -5.18 -6.64
CA LEU A 122 11.22 -5.31 -5.47
C LEU A 122 12.72 -5.11 -5.86
#